data_6MN7
#
_entry.id   6MN7
#
loop_
_entity.id
_entity.type
_entity.pdbx_description
1 polymer 'Envelope Glycoprotein gp120'
2 polymer 'Envelope Glycoprotein gp41'
3 polymer 'BF520.1 Fab variable region'
4 branched beta-D-mannopyranose-(1-4)-2-acetamido-2-deoxy-beta-D-glucopyranose-(1-4)-2-acetamido-2-deoxy-beta-D-glucopyranose
5 branched 2-acetamido-2-deoxy-beta-D-glucopyranose-(1-4)-2-acetamido-2-deoxy-beta-D-glucopyranose
6 branched alpha-D-mannopyranose-(1-2)-alpha-D-mannopyranose-(1-3)-[alpha-D-mannopyranose-(1-3)-alpha-D-mannopyranose-(1-6)]beta-D-mannopyranose-(1-4)-2-acetamido-2-deoxy-beta-D-glucopyranose-(1-4)-2-acetamido-2-deoxy-beta-D-glucopyranose
7 branched alpha-D-mannopyranose-(1-3)-[alpha-D-mannopyranose-(1-6)]beta-D-mannopyranose-(1-4)-2-acetamido-2-deoxy-beta-D-glucopyranose-(1-4)-2-acetamido-2-deoxy-beta-D-glucopyranose
8 branched alpha-D-mannopyranose-(1-3)-[alpha-D-mannopyranose-(1-6)]alpha-D-mannopyranose-(1-6)-[alpha-D-mannopyranose-(1-3)]beta-D-mannopyranose-(1-4)-2-acetamido-2-deoxy-beta-D-glucopyranose-(1-4)-2-acetamido-2-deoxy-beta-D-glucopyranose
9 branched alpha-D-mannopyranose-(1-2)-alpha-D-mannopyranose-(1-2)-alpha-D-mannopyranose-(1-3)-[alpha-D-mannopyranose-(1-2)-alpha-D-mannopyranose-(1-6)-[alpha-D-mannopyranose-(1-3)]alpha-D-mannopyranose-(1-6)]beta-D-mannopyranose-(1-4)-2-acetamido-2-deoxy-beta-D-glucopyranose-(1-4)-2-acetamido-2-deoxy-beta-D-glucopyranose
10 non-polymer 2-acetamido-2-deoxy-beta-D-glucopyranose
#
loop_
_entity_poly.entity_id
_entity_poly.type
_entity_poly.pdbx_seq_one_letter_code
_entity_poly.pdbx_strand_id
1 'polypeptide(L)'
;AENLWVTVYYGVPVWKDAETTLFCASDAKAYETEKHNVWATHACVPTDPNPQEIHLENVTEEFNMWKNNMVEQMHTDIIS
LWDQSLKPCVKLTPLCVTLQCTNVTNNITDDMRGELKNCSFNMTTELRDKKQKVYSLFYRLDVVQINENQGNRSNNSNKE
YRLINCNTSAITQACPKVSFEPIPIHYCAPAGFAILKCKDKKFNGTGPCPSVSTVQCTHGIKPVVSTQLLLNGSLAEEEV
MIRSENITNNAKNILVQFNTPVQINCTRPNNNTRKSIRIGPGQAFYATGDIIGDIRQAHCNVSKATWNETLGKVVKQLRK
HFGNNTIIRFANSSGGDLEVTTHSFNCGGEFFYCNTSGLFNSTWISNTSVQGSNSTGSNDSITLPCRIKQIINMWQRIGQ
AMYAPPIQGVIRCVSNITGLILTRDGGSTNSTTETFRPGGGDMRDNWRSELYKYKVVKIEPLGVAPTRCKRRVVGR
;
A,C,D
2 'polypeptide(L)'
;AVGIGAVFLGFLGAAGSTMGAASMTLTVQARNLLSGIVQQQSNLLRAPEAQQHLLKLTVWGIKQLQARVLAVERYLRDQQ
LLGIWGCSGKLICCTNVPWNSSWSNRNLSEIWDNMTWLQWDKEISNYTQIIYGLLEESQNQQEKNEQDLLALD
;
B,E,F
3 'polypeptide(L)'
;QVQLVQSGAEMKMPGASVKVSCKASGYTFTGNYIHWVRQAPGQGLEWMGWIAPHSGDTSYAQRFQGRVTMTGDTSLSTAY
MELSRLRSDDTAVYYCARGPFPNYYGPGSYWGGLDFWGQGTLVSVSSEIVMTQSPATLSVSLGERATLSCRTSQNVAYNF
AWYQQKPGQAPRLLIYEASSRATGTPARFSGSGFGTEFTLTISSMQSEDFAVYYCQQYNNWPSPFTFGPGTKVHIK
;
G,H,I
#
# COMPACT_ATOMS: atom_id res chain seq x y z
N ASN A 3 -60.59 -26.86 14.13
CA ASN A 3 -59.20 -27.28 13.93
C ASN A 3 -58.32 -26.07 13.63
N LEU A 4 -57.06 -26.17 14.02
CA LEU A 4 -56.10 -25.07 13.87
C LEU A 4 -55.26 -25.19 12.60
N TRP A 5 -54.84 -24.03 12.08
CA TRP A 5 -54.16 -23.95 10.79
C TRP A 5 -52.83 -23.23 10.95
N VAL A 6 -51.96 -23.36 9.97
CA VAL A 6 -50.68 -22.66 10.01
C VAL A 6 -50.84 -21.21 9.59
N THR A 7 -50.57 -20.30 10.52
CA THR A 7 -50.65 -18.87 10.28
C THR A 7 -49.27 -18.25 10.30
N VAL A 8 -49.00 -17.38 9.34
CA VAL A 8 -47.67 -16.80 9.18
C VAL A 8 -47.59 -15.42 9.81
N TYR A 9 -46.54 -15.19 10.58
CA TYR A 9 -46.34 -13.93 11.29
C TYR A 9 -44.99 -13.32 10.94
N TYR A 10 -44.92 -12.00 10.95
CA TYR A 10 -43.67 -11.30 10.64
C TYR A 10 -43.48 -10.08 11.54
N GLY A 11 -42.25 -9.86 11.96
CA GLY A 11 -41.95 -8.84 12.96
C GLY A 11 -41.97 -9.42 14.36
N VAL A 12 -41.71 -10.72 14.47
CA VAL A 12 -41.76 -11.41 15.75
C VAL A 12 -40.56 -11.05 16.61
N PRO A 13 -40.81 -10.62 17.86
CA PRO A 13 -39.75 -10.17 18.76
C PRO A 13 -38.96 -11.34 19.34
N VAL A 14 -38.17 -12.00 18.49
CA VAL A 14 -37.29 -13.07 18.94
C VAL A 14 -35.91 -12.94 18.33
N TRP A 15 -34.93 -13.62 18.92
CA TRP A 15 -33.54 -13.49 18.48
C TRP A 15 -32.68 -14.67 18.91
N LYS A 16 -31.58 -14.86 18.21
CA LYS A 16 -30.58 -15.85 18.59
C LYS A 16 -29.21 -15.20 18.78
N ASP A 17 -28.47 -15.66 19.77
CA ASP A 17 -27.10 -15.19 19.98
C ASP A 17 -26.23 -15.47 18.76
N ALA A 18 -25.66 -14.41 18.21
CA ALA A 18 -24.92 -14.51 16.95
C ALA A 18 -23.91 -13.37 16.84
N GLU A 19 -22.83 -13.63 16.13
CA GLU A 19 -21.79 -12.62 15.92
C GLU A 19 -21.92 -11.98 14.55
N THR A 20 -21.83 -10.66 14.51
CA THR A 20 -21.70 -9.95 13.25
C THR A 20 -20.63 -8.87 13.31
N THR A 21 -20.50 -8.12 12.22
CA THR A 21 -19.50 -7.07 12.12
C THR A 21 -20.03 -5.75 12.69
N LEU A 22 -19.50 -5.37 13.85
CA LEU A 22 -19.89 -4.11 14.48
C LEU A 22 -19.15 -2.93 13.88
N PHE A 23 -19.70 -1.73 14.03
CA PHE A 23 -19.03 -0.53 13.53
C PHE A 23 -19.16 0.59 14.55
N CYS A 24 -18.27 1.58 14.46
CA CYS A 24 -18.14 2.60 15.49
C CYS A 24 -19.10 3.78 15.34
N ALA A 25 -19.10 4.64 16.36
CA ALA A 25 -19.71 5.96 16.29
C ALA A 25 -19.13 6.80 17.42
N SER A 26 -18.89 8.09 17.16
CA SER A 26 -18.32 8.96 18.20
C SER A 26 -18.29 10.44 17.82
N ASP A 27 -19.18 11.22 18.41
CA ASP A 27 -19.09 12.67 18.32
C ASP A 27 -18.86 13.10 16.88
N ALA A 28 -18.16 14.23 16.72
CA ALA A 28 -17.84 14.75 15.39
C ALA A 28 -16.54 15.52 15.40
N VAL A 38 -6.57 13.53 16.57
CA VAL A 38 -6.07 13.00 17.82
C VAL A 38 -5.52 11.58 17.64
N TRP A 39 -6.37 10.57 17.88
CA TRP A 39 -5.93 9.19 18.08
C TRP A 39 -5.96 8.42 16.78
N ALA A 40 -7.16 8.13 16.29
CA ALA A 40 -7.30 7.36 15.06
C ALA A 40 -8.71 7.51 14.50
N THR A 41 -9.54 8.25 15.22
CA THR A 41 -10.96 8.33 14.88
C THR A 41 -11.36 9.63 14.22
N HIS A 42 -11.86 9.51 13.00
CA HIS A 42 -12.37 10.64 12.23
C HIS A 42 -13.35 9.97 11.26
N ALA A 43 -12.88 8.88 10.67
CA ALA A 43 -13.66 8.12 9.70
C ALA A 43 -14.64 7.28 10.50
N CYS A 44 -15.66 7.93 11.05
CA CYS A 44 -16.58 7.25 11.96
C CYS A 44 -17.88 8.04 12.05
N VAL A 45 -19.00 7.33 11.98
CA VAL A 45 -20.31 7.97 11.95
C VAL A 45 -20.60 8.66 13.27
N PRO A 46 -20.99 9.93 13.19
CA PRO A 46 -21.36 10.71 14.38
C PRO A 46 -22.50 10.03 15.12
N THR A 47 -22.54 10.19 16.43
CA THR A 47 -23.58 9.59 17.24
C THR A 47 -24.87 10.39 17.14
N ASP A 48 -25.98 9.78 17.54
CA ASP A 48 -27.26 10.49 17.60
C ASP A 48 -27.24 11.41 18.82
N PRO A 49 -27.91 12.55 18.71
CA PRO A 49 -28.00 13.47 19.85
C PRO A 49 -28.91 12.93 20.95
N ASN A 50 -29.73 11.95 20.62
CA ASN A 50 -30.60 11.30 21.59
C ASN A 50 -30.54 9.78 21.55
N PRO A 51 -29.46 9.21 22.08
CA PRO A 51 -29.34 7.76 22.14
C PRO A 51 -30.57 7.16 22.86
N GLN A 52 -31.26 6.20 22.24
CA GLN A 52 -32.49 5.63 22.80
C GLN A 52 -32.29 4.33 23.55
N GLU A 53 -33.20 3.99 24.46
CA GLU A 53 -33.09 2.71 25.16
C GLU A 53 -34.48 2.26 25.57
N ILE A 54 -34.58 1.06 26.13
CA ILE A 54 -35.86 0.60 26.63
C ILE A 54 -35.71 -0.70 27.43
N HIS A 55 -36.23 -0.11 28.68
CA HIS A 55 -36.19 -1.28 29.53
C HIS A 55 -37.20 -2.32 29.08
N LEU A 56 -36.79 -3.58 29.09
CA LEU A 56 -37.64 -4.67 28.63
C LEU A 56 -38.22 -5.44 29.82
N GLU A 57 -39.37 -5.35 30.47
CA GLU A 57 -40.06 -6.02 31.57
C GLU A 57 -40.45 -7.44 31.18
N ASN A 58 -40.20 -8.38 32.09
CA ASN A 58 -40.46 -9.80 31.86
C ASN A 58 -39.45 -10.49 30.93
N VAL A 59 -38.52 -9.71 30.39
CA VAL A 59 -37.46 -10.30 29.57
C VAL A 59 -36.18 -10.55 30.34
N THR A 60 -35.79 -11.82 30.38
CA THR A 60 -34.62 -12.30 31.10
C THR A 60 -33.85 -13.26 30.16
N GLU A 61 -32.52 -13.32 30.29
CA GLU A 61 -31.72 -14.35 29.60
C GLU A 61 -30.24 -14.32 30.03
N GLU A 62 -29.39 -15.19 29.47
CA GLU A 62 -28.06 -15.30 30.08
C GLU A 62 -27.03 -14.45 29.35
N PHE A 63 -26.31 -13.95 30.16
CA PHE A 63 -25.13 -13.37 29.53
C PHE A 63 -23.90 -14.24 29.73
N ASN A 64 -22.85 -13.96 28.96
CA ASN A 64 -21.59 -14.65 29.11
C ASN A 64 -20.45 -13.78 28.59
N MET A 65 -19.80 -13.07 29.51
CA MET A 65 -18.73 -12.14 29.14
C MET A 65 -17.47 -12.85 28.66
N TRP A 66 -17.38 -14.16 28.94
CA TRP A 66 -16.16 -14.90 28.67
C TRP A 66 -16.16 -15.50 27.28
N LYS A 67 -17.29 -15.39 26.59
CA LYS A 67 -17.39 -15.84 25.20
C LYS A 67 -17.93 -14.73 24.32
N ASN A 68 -17.86 -13.50 24.83
CA ASN A 68 -18.37 -12.34 24.13
C ASN A 68 -17.39 -11.87 23.05
N ASN A 69 -17.69 -12.20 21.81
CA ASN A 69 -16.78 -11.93 20.71
C ASN A 69 -16.68 -10.46 20.32
N MET A 70 -17.50 -9.62 20.95
CA MET A 70 -17.35 -8.17 20.80
C MET A 70 -15.96 -7.73 21.19
N VAL A 71 -15.40 -8.37 22.22
CA VAL A 71 -14.07 -8.07 22.70
C VAL A 71 -13.02 -8.33 21.62
N GLU A 72 -13.13 -9.48 20.97
CA GLU A 72 -12.14 -9.90 19.98
C GLU A 72 -12.09 -8.92 18.82
N GLN A 73 -13.25 -8.52 18.31
CA GLN A 73 -13.31 -7.55 17.22
C GLN A 73 -12.66 -6.23 17.65
N MET A 74 -13.14 -5.68 18.76
CA MET A 74 -12.62 -4.42 19.26
C MET A 74 -11.10 -4.45 19.34
N HIS A 75 -10.57 -5.54 19.89
CA HIS A 75 -9.14 -5.69 20.08
C HIS A 75 -8.39 -5.53 18.76
N THR A 76 -8.78 -6.32 17.76
CA THR A 76 -8.06 -6.36 16.49
C THR A 76 -8.30 -5.08 15.70
N ASP A 77 -9.45 -4.46 15.89
CA ASP A 77 -9.76 -3.19 15.25
C ASP A 77 -8.85 -2.08 15.76
N ILE A 78 -8.65 -2.02 17.06
CA ILE A 78 -7.74 -1.06 17.67
C ILE A 78 -6.31 -1.25 17.14
N ILE A 79 -5.89 -2.51 17.05
CA ILE A 79 -4.58 -2.83 16.51
C ILE A 79 -4.45 -2.31 15.08
N SER A 80 -5.46 -2.57 14.27
CA SER A 80 -5.45 -2.14 12.87
C SER A 80 -5.29 -0.63 12.77
N LEU A 81 -6.04 0.08 13.60
CA LEU A 81 -6.00 1.54 13.66
C LEU A 81 -4.58 2.01 13.95
N TRP A 82 -3.97 1.39 14.96
CA TRP A 82 -2.61 1.70 15.37
C TRP A 82 -1.64 1.68 14.19
N ASP A 83 -1.59 0.56 13.49
CA ASP A 83 -0.72 0.41 12.34
C ASP A 83 -0.98 1.46 11.26
N GLN A 84 -2.25 1.70 10.95
CA GLN A 84 -2.62 2.63 9.89
C GLN A 84 -2.15 4.05 10.20
N SER A 85 -2.10 4.38 11.49
CA SER A 85 -1.69 5.71 11.92
C SER A 85 -0.17 5.88 11.87
N LEU A 86 0.56 4.80 11.65
CA LEU A 86 2.01 4.84 11.66
C LEU A 86 2.60 4.75 10.26
N LYS A 87 1.89 4.09 9.35
CA LYS A 87 2.43 3.86 8.02
C LYS A 87 2.84 5.15 7.34
N PRO A 88 1.98 6.24 7.54
CA PRO A 88 2.32 7.43 6.76
C PRO A 88 3.35 8.28 7.47
N CYS A 89 3.91 7.75 8.56
CA CYS A 89 4.89 8.52 9.33
C CYS A 89 6.32 8.10 9.01
N VAL A 90 7.27 8.85 9.54
CA VAL A 90 8.68 8.68 9.24
C VAL A 90 9.31 7.46 9.90
N LYS A 91 9.98 6.66 9.08
CA LYS A 91 10.65 5.46 9.52
C LYS A 91 12.03 5.89 10.02
N LEU A 92 12.52 5.24 11.06
CA LEU A 92 13.80 5.59 11.65
C LEU A 92 14.87 4.55 11.38
N THR A 93 14.82 3.95 10.19
CA THR A 93 15.77 2.92 9.79
C THR A 93 17.25 3.34 9.95
N PRO A 94 17.60 4.60 9.57
CA PRO A 94 19.03 4.88 9.58
C PRO A 94 19.58 5.26 10.96
N LEU A 95 18.73 5.14 11.99
CA LEU A 95 19.18 5.37 13.35
C LEU A 95 20.00 4.23 13.91
N CYS A 96 19.84 3.04 13.34
CA CYS A 96 20.59 1.87 13.78
C CYS A 96 22.07 2.01 13.46
N VAL A 97 22.81 2.70 14.32
CA VAL A 97 24.25 2.86 14.18
C VAL A 97 24.92 2.67 15.53
N THR A 98 26.24 2.47 15.52
CA THR A 98 27.03 2.42 16.75
C THR A 98 26.99 3.77 17.47
N LEU A 99 26.59 3.75 18.74
CA LEU A 99 26.51 4.97 19.52
C LEU A 99 27.69 5.12 20.48
N GLN A 100 28.24 6.33 20.54
CA GLN A 100 29.33 6.62 21.46
C GLN A 100 28.80 7.41 22.64
N CYS A 101 28.71 6.76 23.80
CA CYS A 101 27.96 7.30 24.93
C CYS A 101 28.78 7.43 26.21
N THR A 102 28.34 8.33 27.08
CA THR A 102 29.05 8.66 28.30
C THR A 102 28.05 9.00 29.39
N ASN A 103 28.45 8.89 30.65
CA ASN A 103 27.58 9.24 31.77
C ASN A 103 27.22 10.73 31.78
N VAL A 104 26.07 11.05 32.33
CA VAL A 104 25.64 12.44 32.41
C VAL A 104 25.81 12.85 33.86
N THR A 105 26.67 13.83 34.12
CA THR A 105 26.91 14.27 35.49
C THR A 105 25.79 15.08 36.15
N ASN A 106 24.75 14.38 36.57
CA ASN A 106 23.67 14.97 37.35
C ASN A 106 24.25 15.44 38.68
N ASN A 107 23.52 16.42 39.23
CA ASN A 107 23.87 17.09 40.45
C ASN A 107 24.57 16.14 41.37
N ILE A 108 25.83 16.43 41.70
CA ILE A 108 26.62 15.50 42.49
C ILE A 108 25.98 15.33 43.86
N THR A 109 26.12 14.15 44.47
CA THR A 109 26.83 13.01 43.88
C THR A 109 26.00 12.25 42.86
N ASP A 110 25.02 11.46 43.31
CA ASP A 110 24.19 10.74 42.35
C ASP A 110 22.94 10.03 42.88
N ASP A 111 21.82 10.75 42.81
CA ASP A 111 20.49 10.34 43.26
C ASP A 111 19.70 9.89 42.05
N MET A 112 19.95 10.54 40.92
CA MET A 112 19.22 10.24 39.68
C MET A 112 19.73 8.97 39.02
N ARG A 113 20.93 8.56 39.37
CA ARG A 113 21.55 7.39 38.77
C ARG A 113 21.75 7.55 37.27
N GLY A 114 21.86 8.79 36.79
CA GLY A 114 21.99 9.03 35.37
C GLY A 114 20.76 8.69 34.57
N GLU A 115 20.64 7.41 34.23
CA GLU A 115 19.50 6.88 33.49
C GLU A 115 19.49 7.30 32.02
N LEU A 116 20.21 8.36 31.71
CA LEU A 116 20.41 8.75 30.31
C LEU A 116 21.87 8.93 29.96
N LYS A 117 22.21 8.69 28.71
CA LYS A 117 23.58 8.84 28.24
C LYS A 117 23.70 9.93 27.17
N ASN A 118 24.81 10.67 27.22
CA ASN A 118 25.05 11.73 26.25
C ASN A 118 25.65 11.16 24.97
N CYS A 119 24.85 10.42 24.23
CA CYS A 119 25.32 9.69 23.07
C CYS A 119 25.54 10.57 21.84
N SER A 120 26.57 10.24 21.07
CA SER A 120 26.88 10.95 19.84
C SER A 120 27.18 9.94 18.73
N PHE A 121 27.04 10.36 17.48
CA PHE A 121 27.24 9.44 16.36
C PHE A 121 27.28 10.14 15.01
N ASN A 122 27.94 9.49 14.05
CA ASN A 122 28.06 10.04 12.71
C ASN A 122 26.72 9.73 12.07
N MET A 123 25.93 10.76 11.81
CA MET A 123 24.60 10.53 11.25
C MET A 123 24.51 10.97 9.78
N THR A 124 23.86 10.14 8.97
CA THR A 124 23.50 10.53 7.61
C THR A 124 22.43 11.62 7.62
N THR A 125 22.68 12.69 6.84
CA THR A 125 21.77 13.82 6.81
C THR A 125 21.02 13.89 5.49
N GLU A 126 20.42 15.05 5.21
CA GLU A 126 19.75 15.28 3.95
C GLU A 126 20.75 15.21 2.81
N LEU A 127 22.00 15.53 3.09
CA LEU A 127 23.02 15.48 2.03
C LEU A 127 23.69 14.13 1.92
N ARG A 128 22.95 13.16 1.40
CA ARG A 128 23.43 11.78 1.35
C ARG A 128 24.82 11.76 0.74
N ASP A 129 25.82 11.67 1.60
CA ASP A 129 27.17 12.00 1.19
C ASP A 129 27.98 12.38 2.40
N LYS A 130 28.04 13.68 2.67
CA LYS A 130 28.75 14.18 3.84
C LYS A 130 27.88 14.07 5.08
N LYS A 131 28.38 13.34 6.08
CA LYS A 131 27.62 13.06 7.30
C LYS A 131 27.84 14.11 8.38
N GLN A 132 27.01 14.05 9.43
CA GLN A 132 27.11 15.02 10.50
C GLN A 132 27.16 14.38 11.88
N LYS A 133 28.22 14.67 12.63
CA LYS A 133 28.31 14.26 14.03
C LYS A 133 27.26 14.96 14.87
N VAL A 134 26.31 14.21 15.38
CA VAL A 134 25.25 14.75 16.23
C VAL A 134 25.19 14.02 17.56
N TYR A 135 24.29 14.48 18.44
CA TYR A 135 24.12 13.87 19.75
C TYR A 135 22.65 13.88 20.17
N SER A 136 22.32 13.04 21.14
CA SER A 136 20.97 12.98 21.68
C SER A 136 20.96 12.20 22.99
N LEU A 137 20.06 12.58 23.90
CA LEU A 137 19.96 11.94 25.20
C LEU A 137 19.01 10.75 25.13
N PHE A 138 19.52 9.56 25.42
CA PHE A 138 18.71 8.36 25.41
C PHE A 138 18.64 7.69 26.78
N TYR A 139 17.51 7.07 27.08
CA TYR A 139 17.35 6.32 28.31
C TYR A 139 18.07 4.98 28.20
N ARG A 140 18.67 4.52 29.29
CA ARG A 140 19.44 3.28 29.27
C ARG A 140 18.52 2.07 29.15
N LEU A 141 17.22 2.32 29.20
CA LEU A 141 16.23 1.29 28.92
C LEU A 141 16.04 1.09 27.42
N ASP A 142 16.46 2.08 26.64
CA ASP A 142 16.32 2.02 25.19
C ASP A 142 17.58 1.47 24.52
N VAL A 143 18.74 1.75 25.10
CA VAL A 143 20.01 1.36 24.49
C VAL A 143 20.71 0.25 25.26
N VAL A 144 21.61 -0.45 24.59
CA VAL A 144 22.37 -1.53 25.20
C VAL A 144 23.81 -1.54 24.71
N GLN A 145 24.74 -1.87 25.60
CA GLN A 145 26.16 -1.89 25.26
C GLN A 145 26.47 -2.93 24.18
N ILE A 146 27.27 -2.55 23.20
CA ILE A 146 27.72 -3.50 22.19
C ILE A 146 28.98 -4.21 22.70
N ASN A 147 28.95 -5.53 22.71
CA ASN A 147 30.12 -6.32 23.08
C ASN A 147 30.39 -6.28 24.58
N ASN A 158 34.69 6.57 26.26
CA ASN A 158 33.30 6.20 26.06
C ASN A 158 33.18 4.74 25.65
N LYS A 159 31.93 4.28 25.55
CA LYS A 159 31.66 2.90 25.14
C LYS A 159 30.65 2.89 24.01
N GLU A 160 30.54 1.74 23.35
CA GLU A 160 29.65 1.56 22.23
C GLU A 160 28.29 1.03 22.68
N TYR A 161 27.23 1.62 22.14
CA TYR A 161 25.87 1.21 22.49
C TYR A 161 24.98 1.01 21.28
N ARG A 162 23.82 0.40 21.47
CA ARG A 162 22.94 0.10 20.35
C ARG A 162 21.47 0.30 20.72
N LEU A 163 20.68 0.78 19.77
CA LEU A 163 19.24 0.90 19.98
C LEU A 163 18.65 -0.50 20.09
N ILE A 164 17.96 -0.78 21.18
CA ILE A 164 17.59 -2.16 21.47
C ILE A 164 16.75 -2.81 20.37
N ASN A 165 15.94 -2.01 19.69
CA ASN A 165 15.02 -2.54 18.69
C ASN A 165 15.72 -3.17 17.49
N CYS A 166 16.95 -2.75 17.22
CA CYS A 166 17.63 -3.10 15.97
C CYS A 166 18.00 -4.58 15.89
N ASN A 167 17.91 -5.27 17.00
CA ASN A 167 18.18 -6.70 17.01
C ASN A 167 16.91 -7.50 16.76
N THR A 168 15.78 -6.85 16.76
CA THR A 168 14.49 -7.50 16.58
C THR A 168 13.72 -7.10 15.33
N SER A 169 13.73 -5.79 15.03
CA SER A 169 13.02 -5.27 13.88
C SER A 169 13.30 -3.80 13.64
N ALA A 170 12.67 -3.24 12.61
CA ALA A 170 12.80 -1.81 12.32
C ALA A 170 11.91 -1.01 13.25
N ILE A 171 12.17 0.29 13.35
CA ILE A 171 11.38 1.14 14.24
C ILE A 171 10.93 2.43 13.53
N THR A 172 9.69 2.81 13.78
CA THR A 172 9.07 3.94 13.09
C THR A 172 8.76 5.05 14.09
N GLN A 173 9.06 6.29 13.72
CA GLN A 173 8.73 7.44 14.55
C GLN A 173 7.25 7.80 14.43
N ALA A 174 6.58 7.86 15.58
CA ALA A 174 5.21 8.36 15.62
C ALA A 174 5.18 9.84 15.24
N CYS A 175 4.22 10.21 14.40
CA CYS A 175 4.10 11.59 13.97
C CYS A 175 3.91 12.51 15.17
N PRO A 176 4.49 13.70 15.10
CA PRO A 176 4.42 14.64 16.22
C PRO A 176 3.05 15.28 16.32
N LYS A 177 2.28 15.22 15.23
CA LYS A 177 0.96 15.81 15.22
C LYS A 177 -0.08 14.90 15.83
N VAL A 178 -0.05 13.61 15.48
CA VAL A 178 -1.01 12.65 16.02
C VAL A 178 -0.81 12.44 17.51
N SER A 179 -1.91 12.27 18.23
CA SER A 179 -1.86 12.07 19.67
C SER A 179 -2.24 10.64 20.03
N PHE A 180 -2.34 10.37 21.33
CA PHE A 180 -2.71 9.04 21.80
C PHE A 180 -3.85 9.11 22.80
N GLU A 181 -4.38 10.32 23.00
CA GLU A 181 -5.50 10.51 23.91
C GLU A 181 -6.65 9.57 23.58
N PRO A 182 -7.00 8.69 24.54
CA PRO A 182 -8.19 7.84 24.43
C PRO A 182 -9.48 8.63 24.23
N ILE A 183 -10.22 8.29 23.19
CA ILE A 183 -11.50 8.96 22.91
C ILE A 183 -12.65 7.95 23.03
N PRO A 184 -13.72 8.36 23.74
CA PRO A 184 -14.94 7.54 23.87
C PRO A 184 -15.48 7.04 22.53
N ILE A 185 -15.54 5.72 22.37
CA ILE A 185 -16.09 5.12 21.16
C ILE A 185 -17.38 4.37 21.44
N HIS A 186 -18.38 4.59 20.61
CA HIS A 186 -19.63 3.83 20.69
C HIS A 186 -19.68 2.76 19.60
N TYR A 187 -20.23 1.60 19.94
CA TYR A 187 -20.36 0.51 18.98
C TYR A 187 -21.82 0.30 18.61
N CYS A 188 -22.08 0.11 17.32
CA CYS A 188 -23.44 -0.16 16.86
C CYS A 188 -23.54 -1.43 16.02
N ALA A 189 -24.68 -2.09 16.10
CA ALA A 189 -24.96 -3.25 15.27
C ALA A 189 -25.82 -2.85 14.07
N PRO A 190 -25.61 -3.53 12.93
CA PRO A 190 -26.44 -3.31 11.74
C PRO A 190 -27.88 -3.80 11.90
N ALA A 191 -28.78 -3.29 11.06
CA ALA A 191 -30.19 -3.63 11.15
C ALA A 191 -30.40 -5.15 11.15
N GLY A 192 -31.27 -5.63 12.03
CA GLY A 192 -31.50 -7.04 12.17
C GLY A 192 -30.78 -7.59 13.39
N PHE A 193 -29.85 -6.80 13.92
CA PHE A 193 -29.13 -7.16 15.13
C PHE A 193 -29.41 -6.14 16.22
N ALA A 194 -29.44 -6.61 17.47
CA ALA A 194 -29.82 -5.78 18.60
C ALA A 194 -28.68 -5.73 19.61
N ILE A 195 -28.49 -4.56 20.21
CA ILE A 195 -27.58 -4.43 21.34
C ILE A 195 -28.33 -4.58 22.65
N LEU A 196 -28.09 -5.69 23.35
CA LEU A 196 -28.79 -5.96 24.60
C LEU A 196 -27.94 -5.49 25.78
N LYS A 197 -28.58 -4.89 26.78
CA LYS A 197 -27.82 -4.43 27.93
C LYS A 197 -28.53 -4.64 29.25
N CYS A 198 -27.94 -5.47 30.10
CA CYS A 198 -28.53 -5.73 31.39
C CYS A 198 -28.28 -4.51 32.26
N LYS A 199 -29.20 -4.23 33.17
CA LYS A 199 -29.04 -3.12 34.09
C LYS A 199 -28.90 -3.67 35.49
N ASP A 200 -28.81 -4.99 35.59
CA ASP A 200 -28.69 -5.64 36.88
C ASP A 200 -27.36 -5.23 37.53
N LYS A 201 -27.45 -4.58 38.69
CA LYS A 201 -26.25 -4.17 39.40
C LYS A 201 -25.42 -5.36 39.87
N LYS A 202 -26.07 -6.51 39.97
CA LYS A 202 -25.37 -7.75 40.31
C LYS A 202 -25.06 -8.55 39.05
N PHE A 203 -23.91 -9.21 39.04
CA PHE A 203 -23.49 -10.02 37.90
C PHE A 203 -22.26 -10.83 38.25
N ASN A 204 -22.33 -12.14 38.02
CA ASN A 204 -21.25 -13.03 38.40
C ASN A 204 -20.23 -13.16 37.27
N GLY A 205 -20.56 -12.56 36.14
CA GLY A 205 -19.79 -12.73 34.92
C GLY A 205 -20.57 -13.55 33.89
N THR A 206 -21.60 -14.26 34.35
CA THR A 206 -22.44 -15.04 33.45
C THR A 206 -23.68 -15.58 34.15
N GLY A 207 -24.76 -15.74 33.39
CA GLY A 207 -26.02 -16.21 33.93
C GLY A 207 -27.18 -15.29 33.62
N PRO A 208 -28.38 -15.66 34.09
CA PRO A 208 -29.62 -14.92 33.78
C PRO A 208 -29.67 -13.56 34.48
N CYS A 209 -30.18 -12.55 33.77
CA CYS A 209 -30.36 -11.23 34.35
C CYS A 209 -31.84 -10.86 34.46
N PRO A 210 -32.35 -10.74 35.69
CA PRO A 210 -33.75 -10.35 35.96
C PRO A 210 -34.15 -9.05 35.26
N SER A 211 -33.20 -8.12 35.15
CA SER A 211 -33.49 -6.81 34.58
C SER A 211 -32.68 -6.55 33.32
N VAL A 212 -33.28 -6.84 32.17
CA VAL A 212 -32.62 -6.62 30.88
C VAL A 212 -33.26 -5.47 30.12
N SER A 213 -32.43 -4.61 29.55
CA SER A 213 -32.90 -3.56 28.65
C SER A 213 -32.24 -3.72 27.28
N THR A 214 -32.49 -2.77 26.38
CA THR A 214 -31.77 -2.73 25.11
C THR A 214 -31.54 -1.31 24.64
N VAL A 215 -30.48 -1.12 23.85
CA VAL A 215 -30.04 0.20 23.42
C VAL A 215 -29.80 0.21 21.92
N GLN A 216 -29.70 1.41 21.35
CA GLN A 216 -29.34 1.54 19.95
C GLN A 216 -27.88 1.12 19.93
N CYS A 217 -27.04 1.87 20.64
CA CYS A 217 -25.60 1.64 20.63
C CYS A 217 -25.04 1.65 22.05
N THR A 218 -23.76 1.30 22.18
CA THR A 218 -23.12 1.22 23.49
C THR A 218 -22.77 2.61 23.99
N HIS A 219 -22.44 2.71 25.27
CA HIS A 219 -21.92 3.97 25.82
C HIS A 219 -20.48 4.18 25.40
N GLY A 220 -20.03 5.43 25.46
CA GLY A 220 -18.68 5.77 25.05
C GLY A 220 -17.63 5.04 25.88
N ILE A 221 -16.84 4.19 25.23
CA ILE A 221 -15.75 3.50 25.89
C ILE A 221 -14.39 4.00 25.38
N LYS A 222 -13.57 4.48 26.29
CA LYS A 222 -12.23 4.94 25.95
C LYS A 222 -11.27 3.76 25.82
N PRO A 223 -10.50 3.73 24.72
CA PRO A 223 -9.56 2.64 24.47
C PRO A 223 -8.26 2.80 25.27
N VAL A 224 -8.37 2.76 26.59
CA VAL A 224 -7.22 2.98 27.46
C VAL A 224 -6.37 1.73 27.58
N VAL A 225 -5.12 1.82 27.15
CA VAL A 225 -4.19 0.70 27.27
C VAL A 225 -3.37 0.81 28.55
N SER A 226 -3.48 -0.23 29.40
CA SER A 226 -2.74 -0.28 30.64
C SER A 226 -2.63 -1.70 31.18
N THR A 227 -1.62 -1.94 32.00
CA THR A 227 -1.45 -3.24 32.64
C THR A 227 -1.65 -3.13 34.15
N GLN A 228 -2.00 -4.24 34.79
CA GLN A 228 -2.16 -4.25 36.25
C GLN A 228 -3.33 -3.43 36.76
N LEU A 229 -3.22 -2.11 36.60
CA LEU A 229 -4.27 -1.19 37.00
C LEU A 229 -5.14 -0.76 35.82
N LEU A 230 -6.44 -0.63 36.05
CA LEU A 230 -7.36 -0.13 35.03
C LEU A 230 -7.62 1.35 35.26
N LEU A 231 -7.59 2.13 34.19
CA LEU A 231 -7.72 3.58 34.30
C LEU A 231 -8.90 4.16 33.51
N ASN A 232 -9.55 5.15 34.12
CA ASN A 232 -10.64 5.88 33.47
C ASN A 232 -11.74 4.99 32.90
N GLY A 233 -12.07 3.91 33.62
CA GLY A 233 -13.16 3.05 33.22
C GLY A 233 -14.49 3.44 33.86
N SER A 234 -15.44 2.52 33.85
CA SER A 234 -16.74 2.73 34.47
C SER A 234 -16.75 2.24 35.91
N LEU A 235 -17.69 2.74 36.70
CA LEU A 235 -17.80 2.39 38.11
C LEU A 235 -18.86 1.31 38.33
N ALA A 236 -18.66 0.50 39.36
CA ALA A 236 -19.66 -0.49 39.75
C ALA A 236 -20.62 0.08 40.80
N GLU A 237 -21.85 -0.44 40.81
CA GLU A 237 -22.83 -0.09 41.82
C GLU A 237 -22.84 -1.12 42.94
N GLU A 238 -23.52 -0.79 44.03
CA GLU A 238 -23.60 -1.64 45.22
C GLU A 238 -22.23 -1.86 45.86
N GLU A 239 -21.69 -3.06 45.70
CA GLU A 239 -20.42 -3.42 46.33
C GLU A 239 -19.34 -3.64 45.28
N VAL A 240 -18.13 -3.95 45.73
CA VAL A 240 -17.03 -4.19 44.80
C VAL A 240 -17.32 -5.46 43.99
N MET A 241 -17.07 -5.43 42.70
CA MET A 241 -17.38 -6.63 41.90
C MET A 241 -16.20 -7.54 41.61
N ILE A 242 -16.39 -8.83 41.89
CA ILE A 242 -15.40 -9.84 41.61
C ILE A 242 -15.86 -10.73 40.47
N ARG A 243 -15.15 -10.71 39.35
CA ARG A 243 -15.53 -11.53 38.22
C ARG A 243 -14.34 -12.37 37.75
N SER A 244 -14.57 -13.67 37.52
CA SER A 244 -13.53 -14.57 37.04
C SER A 244 -14.11 -15.74 36.26
N GLU A 245 -13.40 -16.19 35.23
CA GLU A 245 -13.88 -17.33 34.45
C GLU A 245 -14.01 -18.56 35.35
N ASN A 246 -13.15 -18.64 36.35
CA ASN A 246 -13.14 -19.77 37.28
C ASN A 246 -12.37 -19.40 38.53
N ILE A 247 -13.07 -18.96 39.56
CA ILE A 247 -12.46 -18.46 40.78
C ILE A 247 -11.50 -19.49 41.39
N THR A 248 -11.91 -20.76 41.34
CA THR A 248 -11.16 -21.82 42.02
C THR A 248 -9.90 -22.19 41.23
N ASN A 249 -9.88 -21.83 39.95
CA ASN A 249 -8.76 -22.15 39.09
C ASN A 249 -7.73 -21.02 39.07
N ASN A 250 -6.58 -21.26 39.67
CA ASN A 250 -5.56 -20.22 39.80
C ASN A 250 -4.70 -20.09 38.54
N ALA A 251 -5.10 -20.81 37.51
CA ALA A 251 -4.54 -20.63 36.18
C ALA A 251 -5.30 -19.52 35.46
N LYS A 252 -6.41 -19.09 36.05
CA LYS A 252 -7.19 -17.98 35.53
C LYS A 252 -6.81 -16.70 36.26
N ASN A 253 -7.61 -15.66 36.11
CA ASN A 253 -7.37 -14.41 36.81
C ASN A 253 -8.64 -13.76 37.30
N ILE A 254 -8.52 -12.62 37.98
CA ILE A 254 -9.67 -12.01 38.64
C ILE A 254 -9.82 -10.55 38.20
N LEU A 255 -11.02 -10.18 37.80
CA LEU A 255 -11.33 -8.79 37.50
C LEU A 255 -12.03 -8.12 38.68
N VAL A 256 -11.44 -7.03 39.16
CA VAL A 256 -12.01 -6.27 40.26
C VAL A 256 -12.46 -4.89 39.79
N GLN A 257 -13.73 -4.58 39.96
CA GLN A 257 -14.27 -3.28 39.56
C GLN A 257 -14.61 -2.46 40.81
N PHE A 258 -14.10 -1.23 40.86
CA PHE A 258 -14.30 -0.38 42.03
C PHE A 258 -15.67 0.30 42.04
N ASN A 259 -16.00 0.86 43.20
CA ASN A 259 -17.23 1.61 43.40
C ASN A 259 -16.94 3.11 43.38
N THR A 260 -15.74 3.48 43.81
CA THR A 260 -15.36 4.88 43.92
C THR A 260 -14.03 5.12 43.22
N PRO A 261 -13.97 6.16 42.40
CA PRO A 261 -12.71 6.48 41.72
C PRO A 261 -11.55 6.68 42.69
N VAL A 262 -10.44 5.99 42.45
CA VAL A 262 -9.24 6.20 43.24
C VAL A 262 -8.25 7.08 42.47
N GLN A 263 -8.10 8.31 42.92
CA GLN A 263 -7.25 9.29 42.25
C GLN A 263 -5.80 8.84 42.23
N ILE A 264 -5.15 8.96 41.07
CA ILE A 264 -3.70 8.83 40.98
C ILE A 264 -3.11 9.95 40.14
N ASN A 265 -2.07 10.59 40.66
CA ASN A 265 -1.50 11.78 40.05
C ASN A 265 -0.01 11.61 39.73
N CYS A 266 0.32 11.50 38.45
CA CYS A 266 1.67 11.14 38.05
C CYS A 266 2.37 12.31 37.35
N THR A 267 3.68 12.44 37.58
CA THR A 267 4.40 13.64 37.16
C THR A 267 5.78 13.31 36.58
N ARG A 268 6.17 14.11 35.59
CA ARG A 268 7.50 14.04 35.01
C ARG A 268 8.10 15.44 35.00
N PRO A 269 8.80 15.80 36.08
CA PRO A 269 9.29 17.17 36.30
C PRO A 269 10.56 17.49 35.52
N ASN A 270 10.46 17.50 34.19
CA ASN A 270 11.60 17.74 33.32
C ASN A 270 11.25 18.68 32.17
N ASN A 271 11.57 19.96 32.32
CA ASN A 271 11.31 20.96 31.24
C ASN A 271 12.38 20.79 30.18
N ASN A 272 12.33 19.66 29.44
CA ASN A 272 13.33 19.36 28.43
C ASN A 272 12.95 19.84 27.03
N THR A 273 13.97 20.01 26.19
CA THR A 273 13.79 20.60 24.87
C THR A 273 13.84 19.50 23.80
N ARG A 274 13.55 19.87 22.56
CA ARG A 274 13.55 18.90 21.47
C ARG A 274 14.47 19.33 20.33
N LYS A 275 15.75 19.00 20.46
CA LYS A 275 16.71 19.29 19.40
C LYS A 275 16.42 18.42 18.19
N SER A 276 15.41 18.80 17.42
CA SER A 276 15.08 18.07 16.20
C SER A 276 16.22 18.11 15.19
N ILE A 277 16.52 16.96 14.58
CA ILE A 277 17.64 16.88 13.65
C ILE A 277 17.11 16.47 12.27
N ARG A 278 17.49 17.24 11.25
CA ARG A 278 17.00 17.00 9.90
C ARG A 278 17.69 15.81 9.23
N ILE A 279 17.41 14.61 9.71
CA ILE A 279 18.03 13.42 9.14
C ILE A 279 17.12 13.01 8.00
N GLY A 280 17.17 13.78 6.93
CA GLY A 280 16.32 13.53 5.77
C GLY A 280 16.82 12.37 4.92
N PRO A 281 16.79 12.47 3.52
CA PRO A 281 16.32 13.75 2.96
C PRO A 281 14.86 14.00 3.30
N GLY A 282 14.53 15.27 3.52
CA GLY A 282 13.15 15.69 3.66
C GLY A 282 12.55 15.38 5.01
N GLN A 283 12.51 14.10 5.36
CA GLN A 283 11.89 13.70 6.63
C GLN A 283 12.71 14.14 7.83
N ALA A 284 12.03 14.50 8.91
CA ALA A 284 12.69 15.03 10.09
C ALA A 284 12.58 14.13 11.32
N PHE A 285 13.61 14.13 12.16
CA PHE A 285 13.63 13.30 13.34
C PHE A 285 13.64 14.21 14.56
N TYR A 286 12.88 13.83 15.58
CA TYR A 286 12.87 14.60 16.82
C TYR A 286 13.72 13.91 17.90
N ALA A 287 14.94 14.39 18.05
CA ALA A 287 15.85 13.86 19.06
C ALA A 287 15.61 14.52 20.41
N THR A 288 16.31 14.07 21.45
CA THR A 288 16.18 14.69 22.76
C THR A 288 17.21 15.78 22.98
N GLY A 289 16.73 17.00 23.21
CA GLY A 289 17.60 18.15 23.41
C GLY A 289 18.40 18.16 24.69
N ASP A 290 17.98 18.98 25.64
CA ASP A 290 18.60 19.05 26.95
C ASP A 290 17.56 18.87 28.04
N ILE A 291 17.99 18.38 29.20
CA ILE A 291 17.09 18.19 30.33
C ILE A 291 17.40 19.19 31.45
N ILE A 292 16.44 20.07 31.73
CA ILE A 292 16.62 21.09 32.74
C ILE A 292 15.41 21.18 33.66
N GLY A 293 15.58 21.84 34.81
CA GLY A 293 14.52 21.92 35.79
C GLY A 293 14.72 21.03 37.00
N ASP A 294 13.62 20.59 37.59
CA ASP A 294 13.65 19.83 38.83
C ASP A 294 14.04 18.38 38.59
N ILE A 295 15.34 18.11 38.53
CA ILE A 295 15.85 16.79 38.17
C ILE A 295 15.47 15.80 39.27
N ARG A 296 14.22 15.35 39.25
CA ARG A 296 13.76 14.28 40.12
C ARG A 296 13.20 13.13 39.27
N GLN A 297 13.18 11.92 39.80
CA GLN A 297 12.66 10.77 39.08
C GLN A 297 11.16 10.93 38.95
N ALA A 298 10.61 10.59 37.80
CA ALA A 298 9.16 10.65 37.63
C ALA A 298 8.52 9.65 38.57
N HIS A 299 7.34 10.00 39.06
CA HIS A 299 6.67 9.20 40.08
C HIS A 299 5.18 9.50 40.10
N CYS A 300 4.44 8.68 40.83
CA CYS A 300 3.01 8.87 40.99
C CYS A 300 2.64 9.08 42.45
N ASN A 301 1.64 9.92 42.67
CA ASN A 301 1.08 10.18 43.99
C ASN A 301 -0.28 9.53 44.21
N VAL A 302 -0.36 8.71 45.25
CA VAL A 302 -1.59 8.00 45.58
C VAL A 302 -2.00 8.36 47.01
N SER A 303 -3.29 8.65 47.17
CA SER A 303 -3.89 8.84 48.49
C SER A 303 -3.93 7.52 49.23
N LYS A 304 -3.08 7.40 50.25
CA LYS A 304 -2.87 6.16 50.97
C LYS A 304 -4.08 5.63 51.73
N ALA A 305 -4.73 6.49 52.51
CA ALA A 305 -5.92 6.09 53.25
C ALA A 305 -7.02 5.60 52.30
N THR A 306 -7.16 6.27 51.17
CA THR A 306 -8.12 5.87 50.16
C THR A 306 -7.84 4.46 49.62
N TRP A 307 -6.59 4.20 49.28
CA TRP A 307 -6.16 2.88 48.85
C TRP A 307 -6.46 1.82 49.89
N ASN A 308 -6.14 2.11 51.15
CA ASN A 308 -6.33 1.15 52.22
C ASN A 308 -7.80 0.82 52.37
N GLU A 309 -8.61 1.86 52.38
CA GLU A 309 -10.05 1.72 52.49
C GLU A 309 -10.67 0.87 51.38
N THR A 310 -10.36 1.21 50.13
CA THR A 310 -10.87 0.46 48.99
C THR A 310 -10.37 -0.98 48.99
N LEU A 311 -9.08 -1.15 49.29
CA LEU A 311 -8.50 -2.48 49.29
C LEU A 311 -9.28 -3.35 50.25
N GLY A 312 -9.60 -2.80 51.41
CA GLY A 312 -10.39 -3.50 52.39
C GLY A 312 -11.70 -3.94 51.80
N LYS A 313 -12.36 -3.04 51.07
CA LYS A 313 -13.66 -3.37 50.49
C LYS A 313 -13.51 -4.54 49.52
N VAL A 314 -12.39 -4.57 48.80
CA VAL A 314 -12.08 -5.68 47.91
C VAL A 314 -11.93 -6.98 48.69
N VAL A 315 -11.21 -6.92 49.81
CA VAL A 315 -10.96 -8.11 50.64
C VAL A 315 -12.27 -8.68 51.19
N LYS A 316 -13.25 -7.81 51.39
CA LYS A 316 -14.53 -8.25 51.91
C LYS A 316 -15.10 -9.26 50.92
N GLN A 317 -14.82 -9.05 49.64
CA GLN A 317 -15.46 -9.81 48.59
C GLN A 317 -14.79 -11.17 48.46
N LEU A 318 -13.42 -10.77 48.67
CA LEU A 318 -12.67 -12.01 48.64
C LEU A 318 -13.10 -12.95 49.75
N ARG A 319 -13.35 -12.39 50.94
CA ARG A 319 -13.78 -13.20 52.05
C ARG A 319 -15.00 -14.01 51.63
N LYS A 320 -16.01 -13.30 51.15
CA LYS A 320 -17.23 -13.90 50.64
C LYS A 320 -17.02 -15.03 49.63
N HIS A 321 -15.87 -15.52 48.92
CA HIS A 321 -15.62 -16.57 47.96
C HIS A 321 -14.48 -17.50 48.39
N PHE A 322 -14.04 -17.36 49.64
CA PHE A 322 -12.94 -18.15 50.14
C PHE A 322 -13.11 -18.56 51.60
N GLY A 323 -13.92 -17.82 52.33
CA GLY A 323 -14.30 -18.24 53.67
C GLY A 323 -14.16 -17.16 54.72
N ASN A 324 -14.77 -17.40 55.88
CA ASN A 324 -14.78 -16.43 56.96
C ASN A 324 -13.67 -16.73 57.94
N ASN A 325 -12.68 -17.51 57.49
CA ASN A 325 -11.53 -17.84 58.31
C ASN A 325 -10.27 -18.09 57.49
N THR A 326 -9.99 -17.18 56.55
CA THR A 326 -8.80 -17.29 55.72
C THR A 326 -7.99 -15.99 55.73
N ILE A 327 -6.75 -16.08 55.27
CA ILE A 327 -5.84 -14.94 55.30
C ILE A 327 -5.50 -14.45 53.91
N ILE A 328 -5.58 -13.14 53.71
CA ILE A 328 -5.37 -12.54 52.38
C ILE A 328 -4.12 -11.68 52.37
N ARG A 329 -3.17 -12.03 51.50
CA ARG A 329 -1.95 -11.25 51.35
C ARG A 329 -1.80 -10.71 49.93
N PHE A 330 -1.28 -9.49 49.82
CA PHE A 330 -1.03 -8.87 48.53
C PHE A 330 0.46 -8.61 48.32
N ALA A 331 0.94 -8.95 47.13
CA ALA A 331 2.35 -8.79 46.80
C ALA A 331 2.51 -8.39 45.33
N ASN A 332 3.73 -8.06 44.94
CA ASN A 332 4.01 -7.71 43.55
C ASN A 332 4.13 -8.94 42.65
N SER A 333 4.42 -8.71 41.38
CA SER A 333 4.42 -9.77 40.37
C SER A 333 5.58 -10.74 40.54
N SER A 334 5.60 -11.77 39.70
CA SER A 334 6.66 -12.78 39.74
C SER A 334 7.94 -12.26 39.10
N GLY A 335 7.86 -11.10 38.46
CA GLY A 335 9.00 -10.52 37.78
C GLY A 335 9.15 -11.03 36.35
N GLY A 336 10.21 -10.57 35.68
CA GLY A 336 10.44 -10.96 34.30
C GLY A 336 10.40 -9.77 33.35
N ASP A 337 9.63 -9.91 32.27
CA ASP A 337 9.49 -8.84 31.29
C ASP A 337 8.93 -7.57 31.92
N LEU A 338 9.68 -6.48 31.79
CA LEU A 338 9.31 -5.22 32.43
C LEU A 338 7.86 -4.85 32.13
N GLU A 339 7.43 -5.14 30.90
CA GLU A 339 6.09 -4.79 30.46
C GLU A 339 5.01 -5.43 31.33
N VAL A 340 5.29 -6.64 31.81
CA VAL A 340 4.37 -7.32 32.72
C VAL A 340 4.70 -7.02 34.19
N THR A 341 5.98 -6.96 34.50
CA THR A 341 6.42 -6.73 35.87
C THR A 341 5.84 -5.45 36.47
N THR A 342 5.95 -4.35 35.75
CA THR A 342 5.50 -3.06 36.26
C THR A 342 4.19 -2.58 35.62
N HIS A 343 3.66 -1.48 36.15
CA HIS A 343 2.45 -0.88 35.60
C HIS A 343 2.79 0.04 34.44
N SER A 344 2.36 -0.34 33.24
CA SER A 344 2.60 0.46 32.05
C SER A 344 1.36 1.26 31.67
N PHE A 345 1.54 2.51 31.24
CA PHE A 345 0.44 3.32 30.75
C PHE A 345 0.95 4.53 29.97
N ASN A 346 0.08 5.12 29.16
CA ASN A 346 0.44 6.28 28.36
C ASN A 346 -0.14 7.56 28.95
N CYS A 347 0.69 8.58 29.09
CA CYS A 347 0.23 9.91 29.45
C CYS A 347 0.82 10.97 28.52
N GLY A 348 0.00 11.48 27.61
CA GLY A 348 0.40 12.56 26.74
C GLY A 348 1.39 12.14 25.67
N GLY A 349 1.46 10.84 25.40
CA GLY A 349 2.39 10.32 24.43
C GLY A 349 3.60 9.65 25.08
N GLU A 350 3.84 9.97 26.34
CA GLU A 350 4.96 9.38 27.08
C GLU A 350 4.54 8.07 27.73
N PHE A 351 5.46 7.12 27.78
CA PHE A 351 5.15 5.79 28.30
C PHE A 351 5.82 5.58 29.66
N PHE A 352 5.00 5.31 30.67
CA PHE A 352 5.49 5.16 32.04
C PHE A 352 5.52 3.70 32.48
N TYR A 353 6.54 3.36 33.27
CA TYR A 353 6.65 2.06 33.90
C TYR A 353 6.89 2.26 35.39
N CYS A 354 5.88 1.95 36.20
CA CYS A 354 5.92 2.24 37.63
C CYS A 354 5.96 0.99 38.52
N ASN A 355 6.74 1.09 39.59
CA ASN A 355 6.92 0.01 40.55
C ASN A 355 5.76 -0.03 41.55
N THR A 356 4.77 -0.86 41.29
CA THR A 356 3.54 -0.86 42.07
C THR A 356 3.68 -1.65 43.36
N SER A 357 4.91 -2.03 43.69
CA SER A 357 5.20 -2.66 44.98
C SER A 357 4.71 -1.78 46.12
N GLY A 358 4.75 -0.46 45.91
CA GLY A 358 4.30 0.48 46.92
C GLY A 358 2.81 0.42 47.19
N LEU A 359 2.07 -0.18 46.27
CA LEU A 359 0.63 -0.37 46.45
C LEU A 359 0.32 -1.77 46.93
N PHE A 360 0.73 -2.76 46.13
CA PHE A 360 0.46 -4.17 46.40
C PHE A 360 1.41 -4.76 47.42
N ASN A 361 1.31 -4.28 48.66
CA ASN A 361 2.11 -4.81 49.76
C ASN A 361 1.31 -4.78 51.07
N SER A 362 0.48 -5.78 51.30
CA SER A 362 -0.39 -5.79 52.46
C SER A 362 -0.82 -7.22 52.79
N THR A 363 -1.74 -6.93 53.87
CA THR A 363 -2.25 -8.22 54.34
C THR A 363 -3.53 -8.02 55.14
N TRP A 364 -4.34 -9.05 55.22
CA TRP A 364 -5.51 -9.03 56.09
C TRP A 364 -5.67 -10.33 56.87
N ILE A 365 -6.21 -10.22 58.07
CA ILE A 365 -6.18 -11.31 59.04
C ILE A 365 -7.17 -12.40 58.66
N SER A 366 -7.91 -12.92 59.63
CA SER A 366 -8.78 -14.07 59.43
C SER A 366 -10.25 -13.68 59.35
N ASN A 367 -10.63 -12.63 60.08
CA ASN A 367 -12.03 -12.22 60.07
C ASN A 367 -12.20 -10.79 60.58
N ASN A 379 -0.43 12.74 55.45
CA ASN A 379 -1.46 12.86 54.41
C ASN A 379 -2.57 11.83 54.52
N ASP A 380 -2.23 10.54 54.56
CA ASP A 380 -0.94 10.04 54.08
C ASP A 380 -1.01 9.71 52.59
N SER A 381 0.16 9.55 51.97
CA SER A 381 0.22 9.33 50.53
C SER A 381 1.36 8.37 50.17
N ILE A 382 1.27 7.79 48.97
CA ILE A 382 2.27 6.84 48.51
C ILE A 382 2.97 7.35 47.27
N THR A 383 4.30 7.28 47.26
CA THR A 383 5.09 7.65 46.09
C THR A 383 5.53 6.41 45.32
N LEU A 384 5.16 6.36 44.04
CA LEU A 384 5.53 5.23 43.18
C LEU A 384 6.60 5.61 42.16
N PRO A 385 7.80 5.06 42.32
CA PRO A 385 8.91 5.30 41.37
C PRO A 385 8.58 4.83 39.96
N CYS A 386 8.78 5.69 38.97
CA CYS A 386 8.51 5.33 37.59
C CYS A 386 9.71 5.52 36.67
N ARG A 387 9.67 4.84 35.52
CA ARG A 387 10.73 4.94 34.54
C ARG A 387 10.12 5.34 33.21
N ILE A 388 10.91 5.93 32.34
CA ILE A 388 10.43 6.37 31.03
C ILE A 388 11.10 5.58 29.92
N LYS A 389 10.33 5.11 28.96
CA LYS A 389 10.90 4.42 27.82
C LYS A 389 10.51 5.15 26.55
N GLN A 390 11.32 5.02 25.51
CA GLN A 390 10.96 5.65 24.24
C GLN A 390 10.70 4.61 23.15
N ILE A 391 11.30 3.43 23.31
CA ILE A 391 11.04 2.31 22.41
C ILE A 391 10.09 1.32 23.06
N ILE A 392 8.91 1.16 22.47
CA ILE A 392 7.90 0.29 23.05
C ILE A 392 7.32 -0.73 22.08
N ASN A 393 6.75 -1.80 22.62
CA ASN A 393 6.11 -2.86 21.84
C ASN A 393 4.66 -3.06 22.25
N MET A 394 3.74 -2.82 21.33
CA MET A 394 2.31 -2.88 21.64
C MET A 394 1.75 -4.30 21.55
N TRP A 395 0.94 -4.58 22.58
CA TRP A 395 0.08 -5.74 22.64
C TRP A 395 0.87 -6.98 22.43
N GLN A 396 2.05 -7.00 23.03
CA GLN A 396 2.84 -8.22 23.08
C GLN A 396 3.25 -8.57 21.67
N ARG A 397 3.17 -7.59 20.77
CA ARG A 397 3.47 -7.93 19.39
C ARG A 397 4.94 -7.73 19.05
N ILE A 398 5.56 -8.78 18.52
CA ILE A 398 6.96 -8.72 18.13
C ILE A 398 6.99 -8.65 16.61
N GLY A 399 8.09 -8.14 16.07
CA GLY A 399 8.21 -7.99 14.62
C GLY A 399 8.17 -6.53 14.21
N GLN A 400 7.79 -5.68 15.15
CA GLN A 400 7.80 -4.24 14.91
C GLN A 400 7.83 -3.45 16.22
N ALA A 401 8.22 -2.19 16.14
CA ALA A 401 8.34 -1.34 17.32
C ALA A 401 8.11 0.10 16.96
N MET A 402 7.70 0.90 17.94
CA MET A 402 7.38 2.30 17.71
C MET A 402 8.16 3.25 18.60
N TYR A 403 8.70 4.30 18.01
CA TYR A 403 9.50 5.27 18.75
C TYR A 403 8.61 6.43 19.18
N ALA A 404 8.55 6.69 20.48
CA ALA A 404 7.79 7.82 20.99
C ALA A 404 8.67 9.04 20.85
N PRO A 405 8.09 10.16 20.28
CA PRO A 405 8.93 11.37 20.31
C PRO A 405 8.96 11.95 21.70
N PRO A 406 10.15 12.53 22.11
CA PRO A 406 10.06 13.19 23.42
C PRO A 406 9.08 14.35 23.41
N ILE A 407 8.26 14.45 24.44
CA ILE A 407 7.29 15.54 24.55
C ILE A 407 7.90 16.72 25.30
N GLN A 408 7.91 17.88 24.65
CA GLN A 408 8.62 19.05 25.19
C GLN A 408 7.91 19.59 26.43
N GLY A 409 8.70 19.97 27.42
CA GLY A 409 8.15 20.56 28.64
C GLY A 409 7.79 19.56 29.71
N VAL A 410 7.37 20.08 30.86
CA VAL A 410 7.02 19.25 32.01
C VAL A 410 5.69 18.54 31.77
N ILE A 411 5.67 17.23 32.00
CA ILE A 411 4.47 16.44 31.77
C ILE A 411 3.89 15.91 33.08
N ARG A 412 2.64 16.26 33.35
CA ARG A 412 1.95 15.80 34.54
C ARG A 412 0.46 15.62 34.28
N CYS A 413 -0.12 14.56 34.81
CA CYS A 413 -1.53 14.26 34.58
C CYS A 413 -2.13 13.47 35.73
N VAL A 414 -3.46 13.32 35.71
CA VAL A 414 -4.18 12.66 36.78
C VAL A 414 -5.31 11.82 36.19
N SER A 415 -5.56 10.67 36.80
CA SER A 415 -6.62 9.78 36.31
C SER A 415 -7.30 9.00 37.42
N ASN A 416 -8.36 8.28 37.06
CA ASN A 416 -9.13 7.48 38.00
C ASN A 416 -8.80 6.01 37.88
N ILE A 417 -8.32 5.41 38.96
CA ILE A 417 -8.15 3.95 38.99
C ILE A 417 -9.51 3.34 39.25
N THR A 418 -9.97 2.50 38.33
CA THR A 418 -11.33 1.98 38.39
C THR A 418 -11.40 0.46 38.47
N GLY A 419 -10.26 -0.19 38.63
CA GLY A 419 -10.25 -1.63 38.79
C GLY A 419 -8.88 -2.26 38.80
N LEU A 420 -8.84 -3.56 39.13
CA LEU A 420 -7.59 -4.29 39.24
C LEU A 420 -7.58 -5.52 38.34
N ILE A 421 -6.41 -5.85 37.80
CA ILE A 421 -6.18 -7.13 37.14
C ILE A 421 -5.34 -8.00 38.07
N LEU A 422 -6.00 -8.90 38.79
CA LEU A 422 -5.33 -9.71 39.79
C LEU A 422 -5.22 -11.17 39.38
N THR A 423 -4.19 -11.84 39.91
CA THR A 423 -4.01 -13.27 39.70
C THR A 423 -3.91 -13.99 41.05
N ARG A 424 -4.31 -15.25 41.07
CA ARG A 424 -4.31 -16.03 42.31
C ARG A 424 -3.09 -16.94 42.39
N ASP A 425 -2.33 -16.81 43.48
CA ASP A 425 -1.11 -17.59 43.66
C ASP A 425 -1.34 -19.08 43.54
N THR A 429 -0.40 -27.08 51.38
CA THR A 429 -0.26 -25.72 51.96
C THR A 429 -1.31 -24.69 51.52
N ASN A 430 -2.51 -25.18 51.23
CA ASN A 430 -3.61 -24.31 50.80
C ASN A 430 -4.84 -24.53 51.66
N SER A 431 -4.79 -24.01 52.88
CA SER A 431 -5.89 -24.21 53.82
C SER A 431 -6.18 -22.96 54.64
N THR A 432 -5.64 -21.83 54.20
CA THR A 432 -5.81 -20.59 54.95
C THR A 432 -5.27 -19.35 54.24
N THR A 433 -3.95 -19.21 54.20
CA THR A 433 -3.35 -18.02 53.61
C THR A 433 -3.22 -18.09 52.08
N GLU A 434 -3.79 -17.09 51.41
CA GLU A 434 -3.67 -16.98 49.97
C GLU A 434 -3.05 -15.64 49.59
N THR A 435 -2.26 -15.64 48.53
CA THR A 435 -1.59 -14.42 48.10
C THR A 435 -2.09 -14.03 46.72
N PHE A 436 -2.32 -12.74 46.51
CA PHE A 436 -2.74 -12.26 45.21
C PHE A 436 -1.81 -11.19 44.65
N ARG A 437 -1.68 -11.16 43.33
CA ARG A 437 -0.79 -10.18 42.66
C ARG A 437 -1.27 -9.64 41.29
N PRO A 438 -0.78 -8.44 40.91
CA PRO A 438 -1.19 -7.77 39.67
C PRO A 438 -0.61 -8.42 38.42
N GLY A 439 -1.37 -8.42 37.33
CA GLY A 439 -0.91 -8.98 36.08
C GLY A 439 -1.43 -8.20 34.88
N GLY A 440 -1.61 -8.89 33.77
CA GLY A 440 -2.15 -8.26 32.57
C GLY A 440 -1.69 -8.97 31.30
N GLY A 441 -1.00 -8.23 30.44
CA GLY A 441 -0.45 -8.78 29.22
C GLY A 441 -1.46 -8.80 28.10
N ASP A 442 -2.52 -9.58 28.26
CA ASP A 442 -3.56 -9.71 27.25
C ASP A 442 -4.59 -8.60 27.39
N MET A 443 -4.56 -7.65 26.46
CA MET A 443 -5.30 -6.40 26.60
C MET A 443 -6.76 -6.55 26.19
N ARG A 444 -7.11 -7.77 25.81
CA ARG A 444 -8.48 -8.09 25.47
C ARG A 444 -9.19 -8.04 26.82
N ASP A 445 -8.44 -8.28 27.91
CA ASP A 445 -8.97 -8.20 29.26
C ASP A 445 -9.55 -6.83 29.53
N ASN A 446 -8.84 -5.80 29.10
CA ASN A 446 -9.27 -4.41 29.29
C ASN A 446 -10.59 -4.10 28.59
N TRP A 447 -10.72 -4.53 27.35
CA TRP A 447 -11.95 -4.28 26.63
C TRP A 447 -13.09 -5.05 27.30
N ARG A 448 -12.80 -6.29 27.69
CA ARG A 448 -13.81 -7.16 28.29
C ARG A 448 -14.31 -6.63 29.62
N SER A 449 -13.47 -5.84 30.29
CA SER A 449 -13.85 -5.30 31.59
C SER A 449 -14.99 -4.31 31.45
N GLU A 450 -15.24 -3.87 30.22
CA GLU A 450 -16.33 -2.93 29.97
C GLU A 450 -17.48 -3.54 29.18
N LEU A 451 -17.15 -4.39 28.22
CA LEU A 451 -18.12 -4.89 27.26
C LEU A 451 -18.97 -6.00 27.84
N TYR A 452 -18.74 -6.32 29.11
CA TYR A 452 -19.48 -7.41 29.74
C TYR A 452 -20.94 -7.00 29.90
N LYS A 453 -21.20 -5.70 29.79
CA LYS A 453 -22.54 -5.18 29.99
C LYS A 453 -23.38 -5.37 28.74
N TYR A 454 -22.73 -5.78 27.66
CA TYR A 454 -23.36 -5.83 26.34
C TYR A 454 -23.29 -7.22 25.72
N LYS A 455 -24.28 -7.52 24.88
CA LYS A 455 -24.22 -8.70 24.02
C LYS A 455 -25.00 -8.43 22.73
N VAL A 456 -24.63 -9.13 21.66
CA VAL A 456 -25.29 -8.95 20.37
C VAL A 456 -26.08 -10.18 19.93
N VAL A 457 -27.32 -9.94 19.49
CA VAL A 457 -28.20 -11.02 19.07
C VAL A 457 -28.77 -10.74 17.67
N LYS A 458 -29.12 -11.80 16.95
CA LYS A 458 -29.68 -11.66 15.61
C LYS A 458 -31.19 -11.88 15.65
N ILE A 459 -31.94 -10.86 15.26
CA ILE A 459 -33.40 -10.96 15.22
C ILE A 459 -33.88 -11.84 14.06
N GLU A 460 -34.87 -12.67 14.32
CA GLU A 460 -35.54 -13.46 13.29
C GLU A 460 -37.00 -13.04 13.20
N PRO A 461 -37.30 -12.09 12.28
CA PRO A 461 -38.63 -11.55 12.05
C PRO A 461 -39.70 -12.58 11.73
N LEU A 462 -39.33 -13.69 11.09
CA LEU A 462 -40.31 -14.63 10.56
C LEU A 462 -40.64 -15.71 11.58
N GLY A 463 -41.93 -15.92 11.82
CA GLY A 463 -42.39 -16.98 12.69
C GLY A 463 -43.76 -17.46 12.28
N VAL A 464 -44.16 -18.63 12.78
CA VAL A 464 -45.48 -19.16 12.50
C VAL A 464 -46.12 -19.70 13.79
N ALA A 465 -47.44 -19.85 13.77
CA ALA A 465 -48.17 -20.32 14.93
C ALA A 465 -49.55 -20.83 14.54
N PRO A 466 -50.09 -21.74 15.34
CA PRO A 466 -51.42 -22.30 15.11
C PRO A 466 -52.52 -21.32 15.44
N THR A 467 -53.40 -21.09 14.48
CA THR A 467 -54.53 -20.19 14.68
C THR A 467 -55.77 -20.70 13.97
N ARG A 468 -56.90 -20.54 14.63
CA ARG A 468 -58.20 -20.98 14.11
C ARG A 468 -58.47 -20.07 12.88
N CYS A 469 -58.14 -20.51 11.66
CA CYS A 469 -58.39 -19.72 10.46
C CYS A 469 -58.21 -20.55 9.19
N LYS A 470 -59.27 -20.59 8.38
CA LYS A 470 -59.22 -21.27 7.08
C LYS A 470 -59.29 -20.25 5.95
N ARG A 471 -58.19 -19.91 5.26
CA ARG A 471 -58.16 -18.80 4.19
C ARG A 471 -58.95 -18.91 2.78
N ARG A 472 -60.12 -18.24 2.60
CA ARG A 472 -60.94 -18.22 1.30
C ARG A 472 -60.43 -17.49 -0.04
N VAL A 473 -60.87 -17.85 -1.28
CA VAL A 473 -60.40 -17.18 -2.48
C VAL A 473 -61.29 -15.98 -2.82
N VAL B 7 -50.81 2.44 22.21
CA VAL B 7 -49.74 3.14 22.91
C VAL B 7 -48.38 2.76 22.36
N PHE B 8 -47.58 3.76 22.01
CA PHE B 8 -46.24 3.50 21.51
C PHE B 8 -45.39 2.99 22.65
N LEU B 9 -44.76 1.83 22.46
CA LEU B 9 -43.96 1.24 23.52
C LEU B 9 -42.49 1.48 23.23
N GLY B 10 -42.11 1.23 21.98
CA GLY B 10 -40.73 1.39 21.57
C GLY B 10 -40.25 0.11 20.93
N PHE B 11 -39.03 0.15 20.38
CA PHE B 11 -38.49 -1.01 19.68
C PHE B 11 -38.41 -2.22 20.60
N LEU B 12 -39.13 -3.28 20.23
CA LEU B 12 -39.18 -4.51 21.02
C LEU B 12 -39.87 -4.31 22.36
N GLY B 13 -40.69 -3.26 22.44
CA GLY B 13 -41.36 -2.89 23.68
C GLY B 13 -42.35 -3.92 24.21
N ALA B 14 -42.81 -4.80 23.33
CA ALA B 14 -43.75 -5.83 23.73
C ALA B 14 -43.08 -7.21 23.83
N ALA B 15 -41.76 -7.22 23.74
CA ALA B 15 -41.01 -8.47 23.74
C ALA B 15 -41.33 -9.30 24.97
N GLY B 16 -41.58 -8.64 26.09
CA GLY B 16 -41.89 -9.31 27.33
C GLY B 16 -43.38 -9.40 27.58
N SER B 17 -44.10 -9.95 26.62
CA SER B 17 -45.53 -10.15 26.75
C SER B 17 -45.98 -11.39 25.98
N THR B 18 -47.23 -11.78 26.16
CA THR B 18 -47.79 -12.93 25.46
C THR B 18 -47.86 -12.68 23.96
N MET B 19 -47.81 -13.74 23.18
CA MET B 19 -47.78 -13.64 21.72
C MET B 19 -48.97 -12.88 21.19
N GLY B 20 -50.13 -13.08 21.83
CA GLY B 20 -51.33 -12.34 21.49
C GLY B 20 -51.13 -10.86 21.69
N ALA B 21 -50.63 -10.49 22.88
CA ALA B 21 -50.39 -9.09 23.20
C ALA B 21 -49.36 -8.48 22.27
N ALA B 22 -48.28 -9.22 22.02
CA ALA B 22 -47.16 -8.71 21.23
C ALA B 22 -47.59 -8.38 19.80
N SER B 23 -48.56 -9.13 19.29
CA SER B 23 -48.98 -8.97 17.90
C SER B 23 -49.56 -7.59 17.66
N MET B 24 -49.92 -6.90 18.74
CA MET B 24 -50.54 -5.58 18.64
C MET B 24 -49.61 -4.61 17.92
N THR B 25 -48.32 -4.73 18.20
CA THR B 25 -47.34 -3.71 17.80
C THR B 25 -46.16 -4.34 17.06
N LEU B 26 -46.45 -5.14 16.04
CA LEU B 26 -45.42 -5.76 15.22
C LEU B 26 -44.70 -4.77 14.32
N THR B 27 -45.41 -3.72 13.90
CA THR B 27 -44.84 -2.72 13.01
C THR B 27 -43.74 -1.91 13.66
N VAL B 28 -43.94 -1.52 14.93
CA VAL B 28 -42.91 -0.81 15.68
C VAL B 28 -41.57 -1.53 15.59
N GLN B 29 -41.61 -2.85 15.56
CA GLN B 29 -40.39 -3.64 15.35
C GLN B 29 -40.02 -3.66 13.87
N ALA B 30 -41.02 -3.86 13.01
CA ALA B 30 -40.78 -4.09 11.59
C ALA B 30 -39.89 -3.00 11.00
N ARG B 31 -40.17 -1.75 11.36
CA ARG B 31 -39.46 -0.61 10.78
C ARG B 31 -37.96 -0.75 10.91
N ASN B 32 -37.50 -1.22 12.08
CA ASN B 32 -36.07 -1.21 12.40
C ASN B 32 -35.40 -2.54 12.11
N LEU B 33 -36.11 -3.41 11.40
CA LEU B 33 -35.56 -4.69 11.02
C LEU B 33 -34.62 -4.39 9.85
N LEU B 34 -34.91 -3.30 9.14
CA LEU B 34 -34.01 -2.84 8.08
C LEU B 34 -33.51 -1.44 8.38
N SER B 35 -34.30 -0.66 9.08
CA SER B 35 -33.79 0.54 9.74
C SER B 35 -33.55 1.62 8.70
N GLY B 36 -32.47 1.47 7.94
CA GLY B 36 -32.13 2.49 6.96
C GLY B 36 -31.39 3.61 7.66
N ILE B 37 -31.41 4.78 7.03
CA ILE B 37 -30.64 5.93 7.50
C ILE B 37 -29.14 5.64 7.63
N VAL B 38 -28.67 5.54 8.88
CA VAL B 38 -27.26 5.29 9.18
C VAL B 38 -26.41 6.48 8.73
N GLN B 39 -26.34 6.70 7.42
CA GLN B 39 -25.60 7.83 6.87
C GLN B 39 -24.10 7.64 7.02
N LEU B 55 -6.77 9.75 3.09
CA LEU B 55 -6.57 8.36 3.47
C LEU B 55 -7.81 7.53 3.19
N LYS B 56 -7.66 6.47 2.39
CA LYS B 56 -8.77 5.60 2.03
C LYS B 56 -8.85 4.34 2.88
N LEU B 57 -9.67 3.39 2.45
CA LEU B 57 -9.95 2.19 3.23
C LEU B 57 -10.21 2.60 4.69
N THR B 58 -9.21 2.32 5.52
CA THR B 58 -9.23 2.68 6.93
C THR B 58 -10.12 1.69 7.64
N VAL B 59 -9.90 1.49 8.94
CA VAL B 59 -10.76 0.60 9.71
C VAL B 59 -12.16 1.19 9.68
N TRP B 60 -13.18 0.35 9.59
CA TRP B 60 -14.53 0.85 9.51
C TRP B 60 -14.82 1.14 8.04
N GLY B 61 -13.77 1.35 7.24
CA GLY B 61 -13.97 1.72 5.86
C GLY B 61 -14.73 0.69 5.06
N ILE B 62 -14.50 -0.58 5.37
CA ILE B 62 -15.21 -1.67 4.69
C ILE B 62 -16.04 -2.49 5.66
N LYS B 63 -16.26 -1.95 6.85
CA LYS B 63 -16.89 -2.71 7.90
C LYS B 63 -18.30 -2.18 7.90
N GLN B 64 -18.42 -0.85 7.79
CA GLN B 64 -19.72 -0.18 7.74
C GLN B 64 -20.19 -0.69 6.40
N LEU B 65 -19.30 -0.76 5.42
CA LEU B 65 -19.77 -1.27 4.14
C LEU B 65 -20.40 -2.65 4.32
N GLN B 66 -19.60 -3.61 4.78
CA GLN B 66 -20.02 -4.99 4.88
C GLN B 66 -21.32 -5.12 5.69
N ALA B 67 -21.35 -4.45 6.85
CA ALA B 67 -22.47 -4.56 7.76
C ALA B 67 -23.77 -4.10 7.12
N ARG B 68 -23.72 -2.95 6.46
CA ARG B 68 -24.90 -2.34 5.84
C ARG B 68 -25.42 -3.20 4.70
N VAL B 69 -24.50 -3.89 4.04
CA VAL B 69 -24.86 -4.85 3.00
C VAL B 69 -25.59 -6.02 3.64
N LEU B 70 -24.99 -6.58 4.68
CA LEU B 70 -25.50 -7.78 5.32
C LEU B 70 -26.90 -7.54 5.85
N ALA B 71 -27.16 -6.31 6.30
CA ALA B 71 -28.50 -5.90 6.69
C ALA B 71 -29.52 -6.05 5.57
N VAL B 72 -29.17 -5.55 4.38
CA VAL B 72 -30.05 -5.67 3.23
C VAL B 72 -30.33 -7.12 2.89
N GLU B 73 -29.29 -7.92 2.76
CA GLU B 73 -29.44 -9.34 2.46
C GLU B 73 -30.27 -10.00 3.55
N ARG B 74 -29.84 -9.79 4.79
CA ARG B 74 -30.54 -10.39 5.91
C ARG B 74 -32.04 -10.18 5.79
N TYR B 75 -32.44 -8.97 5.44
CA TYR B 75 -33.85 -8.64 5.31
C TYR B 75 -34.50 -9.43 4.18
N LEU B 76 -34.02 -9.22 2.96
CA LEU B 76 -34.70 -9.74 1.77
C LEU B 76 -34.73 -11.26 1.75
N ARG B 77 -33.68 -11.90 2.23
CA ARG B 77 -33.67 -13.36 2.25
C ARG B 77 -34.99 -13.93 2.79
N ASP B 78 -35.56 -13.33 3.84
CA ASP B 78 -36.77 -13.88 4.41
C ASP B 78 -38.00 -13.22 3.79
N GLN B 79 -37.86 -11.97 3.40
CA GLN B 79 -38.95 -11.23 2.74
C GLN B 79 -39.38 -11.94 1.46
N GLN B 80 -38.45 -12.60 0.80
CA GLN B 80 -38.76 -13.22 -0.48
C GLN B 80 -39.63 -14.42 -0.16
N LEU B 81 -39.36 -15.04 0.98
CA LEU B 81 -40.12 -16.22 1.38
C LEU B 81 -41.59 -15.85 1.57
N LEU B 82 -41.81 -14.67 2.14
CA LEU B 82 -43.16 -14.13 2.33
C LEU B 82 -43.77 -13.74 0.99
N GLY B 83 -42.93 -13.33 0.05
CA GLY B 83 -43.33 -13.17 -1.33
C GLY B 83 -43.80 -14.46 -1.98
N ILE B 84 -43.05 -15.54 -1.76
CA ILE B 84 -43.45 -16.86 -2.25
C ILE B 84 -44.70 -17.36 -1.55
N TRP B 85 -44.73 -17.23 -0.23
CA TRP B 85 -45.91 -17.65 0.54
C TRP B 85 -47.02 -16.63 0.36
N GLY B 86 -47.91 -16.89 -0.58
CA GLY B 86 -48.74 -15.84 -1.14
C GLY B 86 -49.39 -15.02 -0.04
N CYS B 87 -48.66 -14.00 0.44
CA CYS B 87 -49.23 -13.02 1.34
C CYS B 87 -48.82 -11.59 1.00
N SER B 88 -47.52 -11.30 1.16
CA SER B 88 -46.95 -10.00 0.82
C SER B 88 -47.42 -8.94 1.81
N GLY B 89 -48.73 -8.79 1.94
CA GLY B 89 -49.31 -7.95 2.96
C GLY B 89 -49.04 -8.60 4.31
N LYS B 90 -47.81 -8.48 4.79
CA LYS B 90 -47.31 -9.34 5.86
C LYS B 90 -47.60 -8.81 7.26
N LEU B 91 -46.67 -9.09 8.17
CA LEU B 91 -46.94 -9.11 9.61
C LEU B 91 -47.86 -10.28 10.00
N ILE B 92 -48.99 -10.40 9.32
CA ILE B 92 -49.89 -11.53 9.56
C ILE B 92 -50.74 -11.87 8.35
N CYS B 93 -50.88 -13.16 8.07
CA CYS B 93 -51.77 -13.65 7.02
C CYS B 93 -52.08 -15.13 7.27
N CYS B 94 -53.20 -15.59 6.74
CA CYS B 94 -53.59 -16.99 6.91
C CYS B 94 -53.14 -17.84 5.74
N THR B 95 -53.20 -19.15 5.90
CA THR B 95 -52.91 -20.08 4.82
C THR B 95 -54.04 -21.09 4.68
N ASN B 96 -53.88 -22.04 3.75
CA ASN B 96 -54.75 -23.21 3.71
C ASN B 96 -54.01 -24.49 4.08
N VAL B 97 -53.02 -24.37 4.96
CA VAL B 97 -52.31 -25.52 5.51
C VAL B 97 -52.74 -25.78 6.94
N PRO B 98 -53.31 -26.98 7.20
CA PRO B 98 -53.75 -27.35 8.55
C PRO B 98 -52.58 -27.66 9.47
N TRP B 99 -52.74 -27.36 10.76
CA TRP B 99 -51.68 -27.57 11.73
C TRP B 99 -51.63 -29.01 12.19
N ASN B 100 -50.47 -29.64 12.04
CA ASN B 100 -50.26 -31.01 12.49
C ASN B 100 -50.09 -31.06 14.00
N SER B 101 -50.86 -31.92 14.66
CA SER B 101 -50.93 -31.94 16.11
C SER B 101 -49.61 -32.32 16.78
N SER B 102 -48.74 -33.00 16.02
CA SER B 102 -47.44 -33.39 16.53
C SER B 102 -46.54 -32.20 16.80
N TRP B 103 -46.89 -31.05 16.22
CA TRP B 103 -46.11 -29.84 16.39
C TRP B 103 -46.50 -29.09 17.66
N SER B 104 -46.17 -29.68 18.81
CA SER B 104 -46.52 -29.10 20.11
C SER B 104 -48.03 -28.97 20.28
N ASN B 105 -48.65 -30.03 20.80
CA ASN B 105 -50.10 -30.04 20.97
C ASN B 105 -50.56 -29.30 22.23
N ARG B 106 -50.84 -28.02 22.07
CA ARG B 106 -51.35 -27.19 23.16
C ARG B 106 -52.64 -26.52 22.72
N ASN B 107 -53.39 -25.98 23.69
CA ASN B 107 -54.62 -25.27 23.40
C ASN B 107 -54.27 -23.80 23.16
N LEU B 108 -55.20 -23.06 22.55
CA LEU B 108 -54.97 -21.67 22.20
C LEU B 108 -54.70 -20.78 23.41
N SER B 109 -55.47 -21.00 24.47
CA SER B 109 -55.25 -20.30 25.73
C SER B 109 -53.95 -20.73 26.40
N GLU B 110 -53.52 -21.95 26.12
CA GLU B 110 -52.22 -22.44 26.62
C GLU B 110 -51.06 -21.87 25.81
N ILE B 111 -51.36 -21.50 24.58
CA ILE B 111 -50.39 -20.88 23.68
C ILE B 111 -50.47 -19.35 23.69
N TRP B 112 -51.46 -18.81 23.01
CA TRP B 112 -51.60 -17.37 22.78
C TRP B 112 -51.80 -16.47 24.01
N ASP B 113 -52.48 -16.98 25.02
CA ASP B 113 -52.75 -16.22 26.23
C ASP B 113 -51.83 -16.57 27.39
N ASN B 114 -50.86 -17.44 27.14
CA ASN B 114 -49.97 -17.90 28.20
C ASN B 114 -48.61 -18.33 27.67
N MET B 115 -48.02 -17.50 26.80
CA MET B 115 -46.71 -17.82 26.26
C MET B 115 -46.14 -16.69 25.42
N THR B 116 -44.86 -16.40 25.62
CA THR B 116 -44.17 -15.39 24.82
C THR B 116 -43.65 -16.00 23.52
N TRP B 117 -43.25 -15.14 22.58
CA TRP B 117 -42.74 -15.61 21.30
C TRP B 117 -41.44 -16.39 21.46
N LEU B 118 -40.60 -15.95 22.41
CA LEU B 118 -39.34 -16.63 22.67
C LEU B 118 -39.59 -18.05 23.18
N GLN B 119 -40.55 -18.18 24.10
CA GLN B 119 -40.94 -19.46 24.63
C GLN B 119 -41.53 -20.36 23.54
N TRP B 120 -42.29 -19.74 22.64
CA TRP B 120 -42.85 -20.45 21.49
C TRP B 120 -41.78 -21.09 20.63
N ASP B 121 -40.81 -20.29 20.21
CA ASP B 121 -39.73 -20.78 19.36
C ASP B 121 -38.96 -21.91 20.05
N LYS B 122 -38.76 -21.78 21.36
CA LYS B 122 -38.09 -22.81 22.14
C LYS B 122 -38.56 -24.21 21.75
N GLU B 123 -39.86 -24.35 21.49
CA GLU B 123 -40.43 -25.63 21.11
C GLU B 123 -40.53 -25.81 19.60
N ILE B 124 -41.23 -24.89 18.94
CA ILE B 124 -41.64 -25.08 17.55
C ILE B 124 -40.45 -25.07 16.59
N SER B 125 -39.34 -24.49 17.04
CA SER B 125 -38.12 -24.40 16.23
C SER B 125 -37.70 -25.77 15.71
N ASN B 126 -38.07 -26.82 16.43
CA ASN B 126 -37.77 -28.18 16.02
C ASN B 126 -38.35 -28.58 14.67
N TYR B 127 -39.45 -27.96 14.28
CA TYR B 127 -40.12 -28.33 13.03
C TYR B 127 -40.08 -27.21 11.98
N THR B 128 -39.14 -26.28 12.13
CA THR B 128 -39.09 -25.10 11.28
C THR B 128 -39.12 -25.45 9.80
N GLN B 129 -38.10 -26.18 9.35
CA GLN B 129 -37.96 -26.49 7.94
C GLN B 129 -39.12 -27.35 7.46
N ILE B 130 -39.57 -28.23 8.34
CA ILE B 130 -40.69 -29.12 8.07
C ILE B 130 -41.97 -28.37 7.74
N ILE B 131 -42.29 -27.38 8.55
CA ILE B 131 -43.45 -26.52 8.30
C ILE B 131 -43.25 -25.68 7.04
N TYR B 132 -42.04 -25.15 6.87
CA TYR B 132 -41.70 -24.36 5.70
C TYR B 132 -41.98 -25.12 4.40
N GLY B 133 -41.74 -26.42 4.41
CA GLY B 133 -42.05 -27.27 3.28
C GLY B 133 -43.43 -27.02 2.72
N LEU B 134 -44.45 -27.12 3.57
CA LEU B 134 -45.83 -26.96 3.14
C LEU B 134 -46.16 -25.50 2.84
N LEU B 135 -45.55 -24.59 3.57
CA LEU B 135 -45.73 -23.16 3.32
C LEU B 135 -45.14 -22.73 1.98
N GLU B 136 -43.88 -23.08 1.77
CA GLU B 136 -43.25 -22.99 0.46
C GLU B 136 -44.06 -23.61 -0.67
N GLU B 137 -44.66 -24.77 -0.44
CA GLU B 137 -45.65 -25.28 -1.38
C GLU B 137 -47.11 -25.49 -1.75
N SER B 138 -47.75 -26.39 -1.01
CA SER B 138 -49.14 -26.84 -1.01
C SER B 138 -50.12 -25.89 -1.68
N GLN B 139 -50.36 -24.79 -0.96
CA GLN B 139 -51.26 -23.71 -1.38
C GLN B 139 -50.75 -22.97 -2.61
N ASN B 140 -49.54 -22.43 -2.52
CA ASN B 140 -48.87 -21.84 -3.67
C ASN B 140 -49.02 -22.63 -4.96
N GLN B 141 -48.96 -23.96 -4.85
CA GLN B 141 -49.15 -24.85 -5.98
C GLN B 141 -50.62 -24.88 -6.38
N GLN B 142 -51.44 -25.36 -5.46
CA GLN B 142 -52.87 -25.49 -5.71
C GLN B 142 -53.86 -24.37 -5.86
N GLU B 143 -53.60 -23.25 -5.19
CA GLU B 143 -54.39 -22.04 -5.23
C GLU B 143 -54.46 -21.66 -6.76
N LYS B 144 -53.30 -21.78 -7.40
CA LYS B 144 -53.07 -21.56 -8.83
C LYS B 144 -53.48 -22.78 -9.65
N ASN B 145 -53.61 -22.64 -10.98
CA ASN B 145 -54.07 -23.75 -11.88
C ASN B 145 -55.57 -23.60 -11.86
N GLU B 146 -56.01 -23.80 -10.62
CA GLU B 146 -57.37 -23.70 -10.13
C GLU B 146 -58.01 -22.41 -10.64
N GLN B 147 -57.25 -21.32 -10.58
CA GLN B 147 -57.78 -19.98 -10.85
C GLN B 147 -57.94 -19.73 -12.34
N ASP B 148 -56.74 -20.65 -12.90
CA ASP B 148 -56.45 -20.58 -14.32
C ASP B 148 -57.73 -21.23 -14.90
N LEU B 149 -58.25 -22.23 -14.18
CA LEU B 149 -59.42 -22.98 -14.57
C LEU B 149 -60.64 -22.12 -14.28
N LEU B 150 -60.65 -21.34 -13.19
CA LEU B 150 -61.82 -20.48 -13.05
C LEU B 150 -61.90 -19.42 -14.14
N ALA B 151 -60.77 -19.13 -14.77
CA ALA B 151 -60.73 -18.14 -15.85
C ALA B 151 -61.22 -18.71 -17.18
N LEU B 152 -61.59 -19.99 -17.19
CA LEU B 152 -62.03 -20.63 -18.42
C LEU B 152 -63.21 -19.88 -19.04
N ASP B 153 -64.11 -19.41 -18.19
CA ASP B 153 -65.26 -18.64 -18.63
C ASP B 153 -65.27 -17.24 -18.01
N ASN C 3 -59.43 -16.05 -28.27
CA ASN C 3 -58.21 -15.31 -28.58
C ASN C 3 -57.23 -15.37 -27.41
N LEU C 4 -55.95 -15.30 -27.74
CA LEU C 4 -54.89 -15.42 -26.73
C LEU C 4 -54.37 -14.08 -26.24
N TRP C 5 -53.90 -14.07 -24.99
CA TRP C 5 -53.53 -12.83 -24.31
C TRP C 5 -52.10 -12.93 -23.80
N VAL C 6 -51.49 -11.80 -23.47
CA VAL C 6 -50.14 -11.80 -22.92
C VAL C 6 -50.15 -12.17 -21.43
N THR C 7 -49.52 -13.31 -21.12
CA THR C 7 -49.44 -13.79 -19.75
C THR C 7 -47.99 -13.72 -19.26
N VAL C 8 -47.81 -13.25 -18.04
CA VAL C 8 -46.47 -13.01 -17.51
C VAL C 8 -46.02 -14.17 -16.62
N TYR C 9 -44.81 -14.63 -16.84
CA TYR C 9 -44.26 -15.76 -16.11
C TYR C 9 -42.93 -15.37 -15.45
N TYR C 10 -42.64 -15.98 -14.30
CA TYR C 10 -41.40 -15.71 -13.60
C TYR C 10 -40.82 -16.97 -12.99
N GLY C 11 -39.49 -17.09 -13.03
CA GLY C 11 -38.83 -18.33 -12.66
C GLY C 11 -38.61 -19.23 -13.86
N VAL C 12 -38.55 -18.64 -15.04
CA VAL C 12 -38.43 -19.41 -16.27
C VAL C 12 -37.02 -19.97 -16.43
N PRO C 13 -36.92 -21.29 -16.65
CA PRO C 13 -35.62 -21.97 -16.76
C PRO C 13 -34.92 -21.68 -18.08
N VAL C 14 -34.47 -20.44 -18.26
CA VAL C 14 -33.70 -20.08 -19.45
C VAL C 14 -32.49 -19.24 -19.07
N TRP C 15 -31.52 -19.15 -19.99
CA TRP C 15 -30.27 -18.47 -19.70
C TRP C 15 -29.55 -18.03 -20.97
N LYS C 16 -28.66 -17.05 -20.83
CA LYS C 16 -27.78 -16.63 -21.91
C LYS C 16 -26.33 -16.71 -21.48
N ASP C 17 -25.46 -17.12 -22.39
CA ASP C 17 -24.03 -17.14 -22.14
C ASP C 17 -23.52 -15.74 -21.80
N ALA C 18 -22.91 -15.61 -20.62
CA ALA C 18 -22.50 -14.31 -20.12
C ALA C 18 -21.37 -14.46 -19.10
N GLU C 19 -20.53 -13.45 -19.02
CA GLU C 19 -19.41 -13.46 -18.08
C GLU C 19 -19.75 -12.65 -16.84
N THR C 20 -19.45 -13.20 -15.67
CA THR C 20 -19.50 -12.43 -14.43
C THR C 20 -18.28 -12.70 -13.56
N THR C 21 -18.27 -12.10 -12.38
CA THR C 21 -17.15 -12.23 -11.45
C THR C 21 -17.33 -13.47 -10.57
N LEU C 22 -16.49 -14.47 -10.83
CA LEU C 22 -16.51 -15.70 -10.03
C LEU C 22 -15.74 -15.54 -8.73
N PHE C 23 -16.04 -16.38 -7.75
CA PHE C 23 -15.31 -16.34 -6.49
C PHE C 23 -15.03 -17.76 -6.00
N CYS C 24 -14.02 -17.89 -5.14
CA CYS C 24 -13.51 -19.20 -4.77
C CYS C 24 -14.26 -19.88 -3.63
N ALA C 25 -13.89 -21.14 -3.39
CA ALA C 25 -14.27 -21.88 -2.19
C ALA C 25 -13.32 -23.07 -2.03
N SER C 26 -12.93 -23.37 -0.80
CA SER C 26 -12.02 -24.49 -0.57
C SER C 26 -11.82 -24.86 0.90
N ASP C 27 -12.42 -25.96 1.32
CA ASP C 27 -12.11 -26.54 2.62
C ASP C 27 -12.15 -25.48 3.70
N ALA C 28 -11.32 -25.66 4.73
CA ALA C 28 -11.24 -24.71 5.83
C ALA C 28 -9.85 -24.72 6.45
N VAL C 38 -0.35 -22.01 3.81
CA VAL C 38 0.33 -22.66 2.71
C VAL C 38 0.59 -21.70 1.55
N TRP C 39 -0.34 -21.66 0.59
CA TRP C 39 -0.11 -21.08 -0.72
C TRP C 39 -0.55 -19.62 -0.74
N ALA C 40 -1.86 -19.42 -0.72
CA ALA C 40 -2.40 -18.06 -0.76
C ALA C 40 -3.86 -18.05 -0.32
N THR C 41 -4.38 -19.22 0.00
CA THR C 41 -5.80 -19.37 0.27
C THR C 41 -6.12 -19.53 1.75
N HIS C 42 -6.89 -18.60 2.26
CA HIS C 42 -7.37 -18.62 3.63
C HIS C 42 -8.63 -17.76 3.57
N ALA C 43 -8.49 -16.63 2.89
CA ALA C 43 -9.59 -15.67 2.74
C ALA C 43 -10.49 -16.22 1.65
N CYS C 44 -11.24 -17.27 1.97
CA CYS C 44 -12.02 -17.97 0.97
C CYS C 44 -13.13 -18.77 1.65
N VAL C 45 -14.33 -18.70 1.10
CA VAL C 45 -15.48 -19.34 1.73
C VAL C 45 -15.37 -20.86 1.69
N PRO C 46 -15.55 -21.48 2.84
CA PRO C 46 -15.50 -22.94 2.94
C PRO C 46 -16.55 -23.56 2.02
N THR C 47 -16.26 -24.75 1.52
CA THR C 47 -17.18 -25.44 0.62
C THR C 47 -18.31 -26.08 1.41
N ASP C 48 -19.39 -26.45 0.73
CA ASP C 48 -20.48 -27.18 1.35
C ASP C 48 -20.04 -28.63 1.55
N PRO C 49 -20.52 -29.26 2.62
CA PRO C 49 -20.21 -30.67 2.85
C PRO C 49 -20.91 -31.59 1.88
N ASN C 50 -21.94 -31.08 1.21
CA ASN C 50 -22.66 -31.84 0.20
C ASN C 50 -22.86 -31.07 -1.11
N PRO C 51 -21.80 -30.96 -1.89
CA PRO C 51 -21.92 -30.29 -3.20
C PRO C 51 -23.02 -30.96 -4.03
N GLN C 52 -23.98 -30.18 -4.53
CA GLN C 52 -25.14 -30.73 -5.25
C GLN C 52 -24.99 -30.69 -6.78
N GLU C 53 -25.72 -31.55 -7.49
CA GLU C 53 -25.66 -31.50 -8.94
C GLU C 53 -26.98 -32.02 -9.50
N ILE C 54 -27.14 -31.97 -10.81
CA ILE C 54 -28.33 -32.53 -11.42
C ILE C 54 -28.23 -32.54 -12.94
N HIS C 55 -28.36 -34.01 -13.02
CA HIS C 55 -28.30 -34.17 -14.47
C HIS C 55 -29.55 -33.59 -15.12
N LEU C 56 -29.37 -32.90 -16.24
CA LEU C 56 -30.47 -32.23 -16.92
C LEU C 56 -30.88 -33.03 -18.16
N GLU C 57 -31.83 -33.95 -18.36
CA GLU C 57 -32.35 -34.75 -19.47
C GLU C 57 -33.04 -33.86 -20.50
N ASN C 58 -32.77 -34.11 -21.78
CA ASN C 58 -33.30 -33.33 -22.89
C ASN C 58 -32.64 -31.95 -23.05
N VAL C 59 -31.75 -31.60 -22.15
CA VAL C 59 -31.01 -30.34 -22.28
C VAL C 59 -29.64 -30.53 -22.92
N THR C 60 -29.47 -29.86 -24.06
CA THR C 60 -28.26 -29.91 -24.88
C THR C 60 -27.89 -28.46 -25.27
N GLU C 61 -26.60 -28.17 -25.43
CA GLU C 61 -26.16 -26.88 -26.01
C GLU C 61 -24.64 -26.86 -26.24
N GLU C 62 -24.08 -25.75 -26.75
CA GLU C 62 -22.69 -25.84 -27.19
C GLU C 62 -21.72 -25.34 -26.12
N PHE C 63 -20.77 -26.05 -26.12
CA PHE C 63 -19.70 -25.46 -25.33
C PHE C 63 -18.61 -24.88 -26.24
N ASN C 64 -17.72 -24.08 -25.64
CA ASN C 64 -16.58 -23.53 -26.36
C ASN C 64 -15.47 -23.19 -25.39
N MET C 65 -14.51 -24.10 -25.24
CA MET C 65 -13.42 -23.94 -24.29
C MET C 65 -12.44 -22.86 -24.72
N TRP C 66 -12.51 -22.46 -25.98
CA TRP C 66 -11.52 -21.54 -26.55
C TRP C 66 -11.93 -20.09 -26.38
N LYS C 67 -13.15 -19.87 -25.91
CA LYS C 67 -13.63 -18.53 -25.62
C LYS C 67 -14.16 -18.47 -24.18
N ASN C 68 -13.78 -19.45 -23.38
CA ASN C 68 -14.24 -19.54 -22.00
C ASN C 68 -13.47 -18.58 -21.10
N ASN C 69 -14.09 -17.46 -20.76
CA ASN C 69 -13.41 -16.41 -20.01
C ASN C 69 -13.17 -16.76 -18.54
N MET C 70 -13.67 -17.90 -18.09
CA MET C 70 -13.33 -18.40 -16.77
C MET C 70 -11.82 -18.55 -16.62
N VAL C 71 -11.17 -18.97 -17.71
CA VAL C 71 -9.72 -19.14 -17.72
C VAL C 71 -9.01 -17.82 -17.45
N GLU C 72 -9.44 -16.78 -18.14
CA GLU C 72 -8.80 -15.47 -18.05
C GLU C 72 -8.83 -14.93 -16.62
N GLN C 73 -9.99 -15.02 -15.98
CA GLN C 73 -10.14 -14.57 -14.59
C GLN C 73 -9.21 -15.36 -13.68
N MET C 74 -9.33 -16.69 -13.74
CA MET C 74 -8.50 -17.56 -12.90
C MET C 74 -7.03 -17.20 -13.03
N HIS C 75 -6.58 -17.00 -14.27
CA HIS C 75 -5.19 -16.68 -14.53
C HIS C 75 -4.74 -15.43 -13.77
N THR C 76 -5.47 -14.34 -13.95
CA THR C 76 -5.07 -13.06 -13.37
C THR C 76 -5.26 -13.06 -11.85
N ASP C 77 -6.23 -13.83 -11.38
CA ASP C 77 -6.46 -13.98 -9.95
C ASP C 77 -5.28 -14.66 -9.26
N ILE C 78 -4.80 -15.73 -9.87
CA ILE C 78 -3.62 -16.44 -9.35
C ILE C 78 -2.40 -15.51 -9.32
N ILE C 79 -2.22 -14.73 -10.38
CA ILE C 79 -1.13 -13.77 -10.44
C ILE C 79 -1.24 -12.77 -9.28
N SER C 80 -2.45 -12.25 -9.07
CA SER C 80 -2.67 -11.26 -8.01
C SER C 80 -2.29 -11.85 -6.66
N LEU C 81 -2.72 -13.09 -6.42
CA LEU C 81 -2.43 -13.81 -5.19
C LEU C 81 -0.92 -13.87 -4.97
N TRP C 82 -0.21 -14.26 -6.01
CA TRP C 82 1.24 -14.38 -5.99
C TRP C 82 1.90 -13.11 -5.47
N ASP C 83 1.60 -11.98 -6.09
CA ASP C 83 2.16 -10.69 -5.69
C ASP C 83 1.85 -10.36 -4.22
N GLN C 84 0.59 -10.57 -3.83
CA GLN C 84 0.15 -10.21 -2.49
C GLN C 84 0.90 -11.01 -1.42
N SER C 85 1.29 -12.23 -1.77
CA SER C 85 2.01 -13.09 -0.84
C SER C 85 3.48 -12.72 -0.71
N LEU C 86 3.95 -11.83 -1.58
CA LEU C 86 5.36 -11.45 -1.59
C LEU C 86 5.59 -10.06 -1.00
N LYS C 87 4.60 -9.19 -1.09
CA LYS C 87 4.78 -7.82 -0.65
C LYS C 87 5.23 -7.73 0.79
N PRO C 88 4.63 -8.65 1.65
CA PRO C 88 4.98 -8.45 3.07
C PRO C 88 6.27 -9.17 3.42
N CYS C 89 6.96 -9.68 2.41
CA CYS C 89 8.20 -10.41 2.65
C CYS C 89 9.44 -9.55 2.40
N VAL C 90 10.60 -10.09 2.77
CA VAL C 90 11.85 -9.36 2.72
C VAL C 90 12.40 -9.18 1.31
N LYS C 91 12.73 -7.92 1.00
CA LYS C 91 13.28 -7.55 -0.28
C LYS C 91 14.79 -7.79 -0.20
N LEU C 92 15.38 -8.22 -1.30
CA LEU C 92 16.80 -8.53 -1.33
C LEU C 92 17.59 -7.51 -2.14
N THR C 93 17.18 -6.24 -2.06
CA THR C 93 17.85 -5.17 -2.80
C THR C 93 19.36 -5.09 -2.54
N PRO C 94 19.82 -5.27 -1.29
CA PRO C 94 21.24 -5.01 -1.09
C PRO C 94 22.14 -6.19 -1.47
N LEU C 95 21.54 -7.23 -2.04
CA LEU C 95 22.31 -8.36 -2.53
C LEU C 95 23.04 -8.07 -3.83
N CYS C 96 22.56 -7.09 -4.57
CA CYS C 96 23.19 -6.70 -5.84
C CYS C 96 24.56 -6.08 -5.61
N VAL C 97 25.58 -6.93 -5.46
CA VAL C 97 26.95 -6.47 -5.31
C VAL C 97 27.88 -7.33 -6.15
N THR C 98 29.11 -6.87 -6.37
CA THR C 98 30.13 -7.67 -7.04
C THR C 98 30.48 -8.91 -6.23
N LEU C 99 30.37 -10.08 -6.86
CA LEU C 99 30.67 -11.33 -6.18
C LEU C 99 32.05 -11.87 -6.56
N GLN C 100 32.80 -12.33 -5.56
CA GLN C 100 34.10 -12.94 -5.80
C GLN C 100 33.98 -14.46 -5.67
N CYS C 101 34.05 -15.15 -6.81
CA CYS C 101 33.68 -16.56 -6.88
C CYS C 101 34.78 -17.45 -7.42
N THR C 102 34.69 -18.73 -7.05
CA THR C 102 35.70 -19.73 -7.40
C THR C 102 35.03 -21.08 -7.60
N ASN C 103 35.69 -21.97 -8.34
CA ASN C 103 35.16 -23.32 -8.56
C ASN C 103 35.06 -24.11 -7.26
N VAL C 104 34.14 -25.05 -7.22
CA VAL C 104 33.98 -25.87 -6.03
C VAL C 104 34.52 -27.25 -6.40
N THR C 105 35.58 -27.68 -5.71
CA THR C 105 36.19 -28.97 -6.00
C THR C 105 35.40 -30.21 -5.59
N ASN C 106 34.37 -30.53 -6.38
CA ASN C 106 33.61 -31.76 -6.21
C ASN C 106 34.54 -32.93 -6.48
N ASN C 107 34.13 -34.04 -5.88
CA ASN C 107 34.84 -35.29 -5.91
C ASN C 107 35.57 -35.43 -7.21
N ILE C 108 36.91 -35.50 -7.15
CA ILE C 108 37.69 -35.51 -8.38
C ILE C 108 37.35 -36.75 -9.19
N THR C 109 37.43 -36.68 -10.52
CA THR C 109 37.80 -35.45 -11.24
C THR C 109 36.63 -34.47 -11.38
N ASP C 110 35.67 -34.75 -12.24
CA ASP C 110 34.54 -33.84 -12.37
C ASP C 110 33.33 -34.29 -13.21
N ASP C 111 32.36 -34.88 -12.51
CA ASP C 111 31.13 -35.44 -13.06
C ASP C 111 30.01 -34.43 -12.82
N MET C 112 30.10 -33.70 -11.70
CA MET C 112 29.08 -32.73 -11.33
C MET C 112 29.20 -31.44 -12.11
N ARG C 113 30.38 -31.22 -12.69
CA ARG C 113 30.64 -30.00 -13.43
C ARG C 113 30.52 -28.75 -12.55
N GLY C 114 30.73 -28.91 -11.25
CA GLY C 114 30.57 -27.78 -10.34
C GLY C 114 29.15 -27.30 -10.20
N GLU C 115 28.76 -26.44 -11.13
CA GLU C 115 27.41 -25.89 -11.19
C GLU C 115 27.14 -24.86 -10.10
N LEU C 116 27.93 -24.89 -9.04
CA LEU C 116 27.86 -23.84 -8.03
C LEU C 116 29.22 -23.23 -7.75
N LYS C 117 29.22 -21.96 -7.35
CA LYS C 117 30.46 -21.27 -7.03
C LYS C 117 30.52 -20.84 -5.56
N ASN C 118 31.71 -20.91 -4.98
CA ASN C 118 31.90 -20.54 -3.59
C ASN C 118 32.10 -19.03 -3.45
N CYS C 119 31.03 -18.29 -3.71
CA CYS C 119 31.11 -16.83 -3.80
C CYS C 119 31.19 -16.16 -2.43
N SER C 120 31.96 -15.07 -2.36
CA SER C 120 32.09 -14.28 -1.15
C SER C 120 31.96 -12.80 -1.49
N PHE C 121 31.61 -11.98 -0.51
CA PHE C 121 31.40 -10.56 -0.76
C PHE C 121 31.26 -9.73 0.51
N ASN C 122 31.57 -8.45 0.41
CA ASN C 122 31.46 -7.54 1.53
C ASN C 122 29.99 -7.23 1.63
N MET C 123 29.33 -7.71 2.68
CA MET C 123 27.90 -7.51 2.81
C MET C 123 27.56 -6.51 3.91
N THR C 124 26.61 -5.61 3.63
CA THR C 124 26.02 -4.76 4.64
C THR C 124 25.18 -5.56 5.62
N THR C 125 25.41 -5.35 6.91
CA THR C 125 24.71 -6.11 7.95
C THR C 125 23.72 -5.23 8.69
N GLU C 126 23.27 -5.71 9.85
CA GLU C 126 22.37 -4.93 10.70
C GLU C 126 23.08 -3.67 11.17
N LEU C 127 24.39 -3.71 11.26
CA LEU C 127 25.12 -2.52 11.71
C LEU C 127 25.52 -1.60 10.57
N ARG C 128 24.52 -0.92 10.00
CA ARG C 128 24.75 -0.11 8.82
C ARG C 128 25.95 0.80 9.06
N ASP C 129 27.09 0.40 8.52
CA ASP C 129 28.34 0.97 8.97
C ASP C 129 29.46 -0.01 8.67
N LYS C 130 29.78 -0.83 9.66
CA LYS C 130 30.81 -1.84 9.50
C LYS C 130 30.24 -3.07 8.81
N LYS C 131 30.83 -3.44 7.67
CA LYS C 131 30.33 -4.53 6.86
C LYS C 131 30.95 -5.87 7.21
N GLN C 132 30.38 -6.95 6.68
CA GLN C 132 30.88 -8.29 6.99
C GLN C 132 31.13 -9.13 5.75
N LYS C 133 32.37 -9.60 5.59
CA LYS C 133 32.70 -10.55 4.54
C LYS C 133 32.00 -11.88 4.78
N VAL C 134 31.07 -12.22 3.90
CA VAL C 134 30.35 -13.49 3.99
C VAL C 134 30.46 -14.28 2.70
N TYR C 135 29.87 -15.47 2.69
CA TYR C 135 29.90 -16.34 1.51
C TYR C 135 28.59 -17.10 1.37
N SER C 136 28.35 -17.62 0.17
CA SER C 136 27.17 -18.41 -0.11
C SER C 136 27.32 -19.16 -1.43
N LEU C 137 26.72 -20.34 -1.51
CA LEU C 137 26.82 -21.16 -2.72
C LEU C 137 25.69 -20.81 -3.68
N PHE C 138 26.05 -20.36 -4.88
CA PHE C 138 25.06 -20.01 -5.88
C PHE C 138 25.20 -20.87 -7.14
N TYR C 139 24.08 -21.14 -7.79
CA TYR C 139 24.09 -21.88 -9.05
C TYR C 139 24.53 -20.95 -10.17
N ARG C 140 25.28 -21.49 -11.13
CA ARG C 140 25.80 -20.68 -12.23
C ARG C 140 24.70 -20.27 -13.19
N LEU C 141 23.49 -20.79 -12.95
CA LEU C 141 22.32 -20.35 -13.68
C LEU C 141 21.77 -19.04 -13.10
N ASP C 142 22.15 -18.73 -11.87
CA ASP C 142 21.67 -17.52 -11.20
C ASP C 142 22.64 -16.36 -11.39
N VAL C 143 23.93 -16.66 -11.47
CA VAL C 143 24.95 -15.62 -11.56
C VAL C 143 25.62 -15.55 -12.92
N VAL C 144 26.22 -14.41 -13.22
CA VAL C 144 26.91 -14.21 -14.49
C VAL C 144 28.18 -13.39 -14.30
N GLN C 145 29.22 -13.72 -15.07
CA GLN C 145 30.50 -13.04 -14.96
C GLN C 145 30.38 -11.57 -15.35
N ILE C 146 30.99 -10.69 -14.56
CA ILE C 146 31.04 -9.27 -14.90
C ILE C 146 32.25 -9.02 -15.80
N ASN C 147 32.00 -8.42 -16.96
CA ASN C 147 33.07 -8.04 -17.87
C ASN C 147 33.69 -9.25 -18.57
N ASN C 158 40.32 -15.47 -8.40
CA ASN C 158 38.87 -15.51 -8.57
C ASN C 158 38.42 -14.52 -9.62
N LYS C 159 37.13 -14.57 -9.95
CA LYS C 159 36.55 -13.66 -10.92
C LYS C 159 35.32 -12.98 -10.34
N GLU C 160 34.88 -11.92 -11.02
CA GLU C 160 33.74 -11.14 -10.57
C GLU C 160 32.45 -11.64 -11.21
N TYR C 161 31.39 -11.76 -10.41
CA TYR C 161 30.11 -12.26 -10.89
C TYR C 161 28.96 -11.37 -10.43
N ARG C 162 27.78 -11.58 -11.02
CA ARG C 162 26.63 -10.74 -10.70
C ARG C 162 25.34 -11.54 -10.66
N LEU C 163 24.44 -11.19 -9.75
CA LEU C 163 23.12 -11.81 -9.69
C LEU C 163 22.35 -11.43 -10.95
N ILE C 164 21.89 -12.40 -11.72
CA ILE C 164 21.38 -12.11 -13.05
C ILE C 164 20.21 -11.11 -13.04
N ASN C 165 19.42 -11.13 -11.97
CA ASN C 165 18.23 -10.30 -11.91
C ASN C 165 18.52 -8.81 -11.88
N CYS C 166 19.71 -8.43 -11.43
CA CYS C 166 20.02 -7.04 -11.14
C CYS C 166 20.12 -6.17 -12.39
N ASN C 167 20.17 -6.81 -13.54
CA ASN C 167 20.19 -6.06 -14.80
C ASN C 167 18.78 -5.84 -15.34
N THR C 168 17.80 -6.46 -14.72
CA THR C 168 16.42 -6.36 -15.17
C THR C 168 15.47 -5.72 -14.17
N SER C 169 15.62 -6.07 -12.89
CA SER C 169 14.76 -5.54 -11.84
C SER C 169 15.22 -5.95 -10.45
N ALA C 170 14.48 -5.52 -9.43
CA ALA C 170 14.77 -5.90 -8.06
C ALA C 170 14.26 -7.31 -7.79
N ILE C 171 14.75 -7.93 -6.73
CA ILE C 171 14.33 -9.28 -6.39
C ILE C 171 13.95 -9.42 -4.91
N THR C 172 12.87 -10.16 -4.66
CA THR C 172 12.32 -10.29 -3.31
C THR C 172 12.42 -11.72 -2.83
N GLN C 173 12.83 -11.89 -1.58
CA GLN C 173 12.89 -13.23 -0.98
C GLN C 173 11.51 -13.71 -0.57
N ALA C 174 11.12 -14.89 -1.06
CA ALA C 174 9.90 -15.53 -0.60
C ALA C 174 10.03 -15.91 0.87
N CYS C 175 8.99 -15.64 1.65
CA CYS C 175 8.99 -15.97 3.07
C CYS C 175 9.24 -17.46 3.27
N PRO C 176 9.97 -17.80 4.32
CA PRO C 176 10.31 -19.19 4.60
C PRO C 176 9.13 -19.95 5.15
N LYS C 177 8.14 -19.22 5.65
CA LYS C 177 6.96 -19.86 6.22
C LYS C 177 5.94 -20.23 5.15
N VAL C 178 5.69 -19.32 4.22
CA VAL C 178 4.73 -19.59 3.14
C VAL C 178 5.23 -20.69 2.22
N SER C 179 4.30 -21.52 1.74
CA SER C 179 4.64 -22.62 0.86
C SER C 179 4.12 -22.36 -0.56
N PHE C 180 4.27 -23.35 -1.42
CA PHE C 180 3.80 -23.23 -2.80
C PHE C 180 2.94 -24.43 -3.20
N GLU C 181 2.67 -25.30 -2.23
CA GLU C 181 1.84 -26.47 -2.47
C GLU C 181 0.50 -26.07 -3.08
N PRO C 182 0.24 -26.56 -4.30
CA PRO C 182 -1.06 -26.39 -4.96
C PRO C 182 -2.22 -26.96 -4.13
N ILE C 183 -3.23 -26.13 -3.89
CA ILE C 183 -4.41 -26.55 -3.13
C ILE C 183 -5.65 -26.52 -4.01
N PRO C 184 -6.46 -27.59 -3.98
CA PRO C 184 -7.73 -27.66 -4.72
C PRO C 184 -8.63 -26.45 -4.47
N ILE C 185 -8.95 -25.72 -5.53
CA ILE C 185 -9.83 -24.56 -5.44
C ILE C 185 -11.14 -24.81 -6.20
N HIS C 186 -12.26 -24.49 -5.55
CA HIS C 186 -13.56 -24.55 -6.21
C HIS C 186 -14.02 -23.15 -6.60
N TYR C 187 -14.66 -23.05 -7.76
CA TYR C 187 -15.19 -21.76 -8.23
C TYR C 187 -16.71 -21.76 -8.18
N CYS C 188 -17.29 -20.67 -7.70
CA CYS C 188 -18.74 -20.53 -7.66
C CYS C 188 -19.22 -19.26 -8.33
N ALA C 189 -20.42 -19.33 -8.93
CA ALA C 189 -21.07 -18.17 -9.51
C ALA C 189 -22.09 -17.59 -8.54
N PRO C 190 -22.27 -16.25 -8.56
CA PRO C 190 -23.29 -15.58 -7.77
C PRO C 190 -24.71 -15.89 -8.22
N ALA C 191 -25.68 -15.68 -7.34
CA ALA C 191 -27.07 -15.98 -7.63
C ALA C 191 -27.52 -15.32 -8.94
N GLY C 192 -28.24 -16.09 -9.75
CA GLY C 192 -28.67 -15.61 -11.06
C GLY C 192 -27.79 -16.18 -12.15
N PHE C 193 -26.65 -16.73 -11.77
CA PHE C 193 -25.75 -17.38 -12.70
C PHE C 193 -25.59 -18.86 -12.34
N ALA C 194 -25.43 -19.69 -13.36
CA ALA C 194 -25.39 -21.13 -13.18
C ALA C 194 -24.07 -21.69 -13.68
N ILE C 195 -23.56 -22.69 -12.97
CA ILE C 195 -22.40 -23.43 -13.46
C ILE C 195 -22.85 -24.68 -14.20
N LEU C 196 -22.66 -24.68 -15.51
CA LEU C 196 -23.09 -25.80 -16.35
C LEU C 196 -21.93 -26.78 -16.55
N LYS C 197 -22.22 -28.07 -16.49
CA LYS C 197 -21.16 -29.04 -16.69
C LYS C 197 -21.57 -30.25 -17.50
N CYS C 198 -20.95 -30.41 -18.67
CA CYS C 198 -21.28 -31.54 -19.52
C CYS C 198 -20.64 -32.76 -18.89
N LYS C 199 -21.28 -33.91 -19.06
CA LYS C 199 -20.72 -35.16 -18.56
C LYS C 199 -20.36 -36.04 -19.74
N ASP C 200 -20.47 -35.48 -20.94
CA ASP C 200 -20.17 -36.23 -22.14
C ASP C 200 -18.69 -36.60 -22.15
N LYS C 201 -18.39 -37.89 -22.16
CA LYS C 201 -17.02 -38.36 -22.18
C LYS C 201 -16.32 -37.97 -23.48
N LYS C 202 -17.10 -37.70 -24.51
CA LYS C 202 -16.56 -37.21 -25.78
C LYS C 202 -16.69 -35.68 -25.87
N PHE C 203 -15.68 -35.05 -26.47
CA PHE C 203 -15.68 -33.61 -26.62
C PHE C 203 -14.55 -33.18 -27.54
N ASN C 204 -14.89 -32.39 -28.55
CA ASN C 204 -13.91 -32.00 -29.56
C ASN C 204 -13.21 -30.71 -29.15
N GLY C 205 -13.68 -30.13 -28.05
CA GLY C 205 -13.24 -28.80 -27.63
C GLY C 205 -14.35 -27.78 -27.80
N THR C 206 -15.35 -28.12 -28.62
CA THR C 206 -16.49 -27.22 -28.82
C THR C 206 -17.62 -27.91 -29.59
N GLY C 207 -18.85 -27.49 -29.32
CA GLY C 207 -20.02 -28.08 -29.96
C GLY C 207 -21.05 -28.56 -28.96
N PRO C 208 -22.16 -29.13 -29.47
CA PRO C 208 -23.30 -29.55 -28.64
C PRO C 208 -22.96 -30.78 -27.80
N CYS C 209 -23.44 -30.81 -26.55
CA CYS C 209 -23.28 -31.97 -25.70
C CYS C 209 -24.62 -32.63 -25.37
N PRO C 210 -24.81 -33.86 -25.87
CA PRO C 210 -26.02 -34.65 -25.61
C PRO C 210 -26.34 -34.79 -24.12
N SER C 211 -25.30 -34.88 -23.29
CA SER C 211 -25.49 -35.09 -21.86
C SER C 211 -24.96 -33.92 -21.04
N VAL C 212 -25.84 -32.99 -20.69
CA VAL C 212 -25.46 -31.83 -19.90
C VAL C 212 -26.06 -31.90 -18.50
N SER C 213 -25.24 -31.61 -17.49
CA SER C 213 -25.72 -31.45 -16.12
C SER C 213 -25.42 -30.05 -15.60
N THR C 214 -25.72 -29.80 -14.33
CA THR C 214 -25.30 -28.56 -13.70
C THR C 214 -24.95 -28.76 -12.23
N VAL C 215 -24.09 -27.89 -11.72
CA VAL C 215 -23.54 -28.04 -10.37
C VAL C 215 -23.65 -26.71 -9.62
N GLN C 216 -23.48 -26.77 -8.30
CA GLN C 216 -23.42 -25.54 -7.51
C GLN C 216 -22.09 -24.93 -7.90
N CYS C 217 -21.00 -25.65 -7.64
CA CYS C 217 -19.66 -25.13 -7.88
C CYS C 217 -18.81 -26.17 -8.60
N THR C 218 -17.61 -25.76 -9.01
CA THR C 218 -16.72 -26.65 -9.75
C THR C 218 -16.03 -27.61 -8.80
N HIS C 219 -15.41 -28.66 -9.35
CA HIS C 219 -14.58 -29.56 -8.56
C HIS C 219 -13.25 -28.90 -8.20
N GLY C 220 -12.60 -29.41 -7.17
CA GLY C 220 -11.35 -28.86 -6.72
C GLY C 220 -10.26 -28.93 -7.79
N ILE C 221 -9.80 -27.76 -8.23
CA ILE C 221 -8.71 -27.69 -9.19
C ILE C 221 -7.45 -27.12 -8.56
N LYS C 222 -6.37 -27.88 -8.61
CA LYS C 222 -5.08 -27.44 -8.09
C LYS C 222 -4.38 -26.52 -9.08
N PRO C 223 -3.91 -25.36 -8.60
CA PRO C 223 -3.23 -24.37 -9.45
C PRO C 223 -1.79 -24.76 -9.74
N VAL C 224 -1.60 -25.89 -10.44
CA VAL C 224 -0.26 -26.41 -10.71
C VAL C 224 0.38 -25.68 -11.88
N VAL C 225 1.51 -25.03 -11.64
CA VAL C 225 2.25 -24.34 -12.69
C VAL C 225 3.33 -25.24 -13.27
N SER C 226 3.24 -25.50 -14.58
CA SER C 226 4.23 -26.31 -15.25
C SER C 226 4.22 -26.07 -16.76
N THR C 227 5.33 -26.36 -17.41
CA THR C 227 5.42 -26.25 -18.87
C THR C 227 5.59 -27.62 -19.51
N GLN C 228 5.21 -27.74 -20.78
CA GLN C 228 5.38 -29.00 -21.51
C GLN C 228 4.51 -30.14 -21.01
N LEU C 229 4.79 -30.58 -19.79
CA LEU C 229 4.04 -31.65 -19.14
C LEU C 229 3.01 -31.10 -18.15
N LEU C 230 1.84 -31.71 -18.12
CA LEU C 230 0.80 -31.35 -17.15
C LEU C 230 0.84 -32.30 -15.97
N LEU C 231 0.76 -31.76 -14.76
CA LEU C 231 0.91 -32.57 -13.55
C LEU C 231 -0.31 -32.50 -12.63
N ASN C 232 -0.64 -33.65 -12.03
CA ASN C 232 -1.72 -33.75 -11.05
C ASN C 232 -3.04 -33.16 -11.50
N GLY C 233 -3.38 -33.35 -12.78
CA GLY C 233 -4.66 -32.93 -13.30
C GLY C 233 -5.72 -34.01 -13.24
N SER C 234 -6.79 -33.82 -14.00
CA SER C 234 -7.86 -34.82 -14.07
C SER C 234 -7.63 -35.79 -15.21
N LEU C 235 -8.28 -36.95 -15.13
CA LEU C 235 -8.12 -37.99 -16.14
C LEU C 235 -9.27 -37.98 -17.14
N ALA C 236 -8.98 -38.41 -18.37
CA ALA C 236 -10.01 -38.55 -19.39
C ALA C 236 -10.61 -39.96 -19.37
N GLU C 237 -11.87 -40.06 -19.80
CA GLU C 237 -12.52 -41.35 -19.96
C GLU C 237 -12.44 -41.82 -21.40
N GLU C 238 -12.81 -43.07 -21.64
CA GLU C 238 -12.76 -43.69 -22.96
C GLU C 238 -11.32 -43.75 -23.51
N GLU C 239 -11.04 -42.90 -24.50
CA GLU C 239 -9.74 -42.92 -25.16
C GLU C 239 -8.98 -41.63 -24.86
N VAL C 240 -7.76 -41.52 -25.39
CA VAL C 240 -6.96 -40.32 -25.18
C VAL C 240 -7.62 -39.15 -25.88
N MET C 241 -7.67 -37.99 -25.22
CA MET C 241 -8.35 -36.85 -25.86
C MET C 241 -7.43 -35.86 -26.55
N ILE C 242 -7.76 -35.55 -27.79
CA ILE C 242 -7.04 -34.57 -28.57
C ILE C 242 -7.89 -33.32 -28.75
N ARG C 243 -7.44 -32.20 -28.21
CA ARG C 243 -8.21 -30.96 -28.36
C ARG C 243 -7.32 -29.83 -28.89
N SER C 244 -7.80 -29.11 -29.90
CA SER C 244 -7.04 -28.00 -30.48
C SER C 244 -7.98 -26.96 -31.09
N GLU C 245 -7.61 -25.69 -31.00
CA GLU C 245 -8.43 -24.63 -31.58
C GLU C 245 -8.56 -24.85 -33.09
N ASN C 246 -7.52 -25.41 -33.69
CA ASN C 246 -7.48 -25.67 -35.12
C ASN C 246 -6.39 -26.67 -35.46
N ILE C 247 -6.77 -27.94 -35.55
CA ILE C 247 -5.81 -29.03 -35.74
C ILE C 247 -4.94 -28.79 -36.97
N THR C 248 -5.55 -28.27 -38.04
CA THR C 248 -4.86 -28.13 -39.31
C THR C 248 -3.89 -26.95 -39.30
N ASN C 249 -4.09 -26.04 -38.34
CA ASN C 249 -3.26 -24.85 -38.23
C ASN C 249 -2.10 -25.09 -37.27
N ASN C 250 -0.89 -25.15 -37.81
CA ASN C 250 0.29 -25.47 -37.02
C ASN C 250 0.86 -24.24 -36.31
N ALA C 251 0.12 -23.14 -36.41
CA ALA C 251 0.38 -21.95 -35.62
C ALA C 251 -0.32 -22.08 -34.27
N LYS C 252 -1.18 -23.09 -34.16
CA LYS C 252 -1.86 -23.38 -32.91
C LYS C 252 -1.13 -24.49 -32.17
N ASN C 253 -1.76 -25.07 -31.16
CA ASN C 253 -1.16 -26.17 -30.43
C ASN C 253 -2.17 -27.24 -30.07
N ILE C 254 -1.71 -28.31 -29.42
CA ILE C 254 -2.56 -29.45 -29.17
C ILE C 254 -2.56 -29.82 -27.69
N LEU C 255 -3.76 -29.99 -27.12
CA LEU C 255 -3.88 -30.48 -25.76
C LEU C 255 -4.18 -31.97 -25.74
N VAL C 256 -3.33 -32.72 -25.04
CA VAL C 256 -3.50 -34.17 -24.91
C VAL C 256 -3.81 -34.53 -23.46
N GLN C 257 -4.95 -35.17 -23.24
CA GLN C 257 -5.33 -35.59 -21.89
C GLN C 257 -5.24 -37.12 -21.79
N PHE C 258 -4.55 -37.59 -20.77
CA PHE C 258 -4.34 -39.03 -20.59
C PHE C 258 -5.53 -39.73 -19.96
N ASN C 259 -5.50 -41.06 -20.04
CA ASN C 259 -6.50 -41.92 -19.44
C ASN C 259 -5.99 -42.52 -18.14
N THR C 260 -4.68 -42.73 -18.07
CA THR C 260 -4.07 -43.37 -16.92
C THR C 260 -2.90 -42.53 -16.41
N PRO C 261 -2.85 -42.30 -15.11
CA PRO C 261 -1.74 -41.53 -14.53
C PRO C 261 -0.39 -42.13 -14.88
N VAL C 262 0.51 -41.29 -15.39
CA VAL C 262 1.89 -41.71 -15.65
C VAL C 262 2.80 -41.21 -14.54
N GLN C 263 3.25 -42.12 -13.69
CA GLN C 263 4.07 -41.77 -12.54
C GLN C 263 5.40 -41.15 -12.96
N ILE C 264 5.77 -40.05 -12.31
CA ILE C 264 7.12 -39.52 -12.43
C ILE C 264 7.70 -39.17 -11.05
N ASN C 265 8.91 -39.62 -10.79
CA ASN C 265 9.52 -39.50 -9.48
C ASN C 265 10.85 -38.75 -9.52
N CYS C 266 10.86 -37.53 -8.99
CA CYS C 266 12.01 -36.65 -9.15
C CYS C 266 12.71 -36.41 -7.81
N THR C 267 14.04 -36.31 -7.86
CA THR C 267 14.84 -36.30 -6.64
C THR C 267 15.97 -35.29 -6.67
N ARG C 268 16.26 -34.72 -5.50
CA ARG C 268 17.40 -33.83 -5.31
C ARG C 268 18.21 -34.31 -4.12
N PRO C 269 19.19 -35.20 -4.37
CA PRO C 269 19.93 -35.88 -3.30
C PRO C 269 21.02 -35.02 -2.68
N ASN C 270 20.62 -33.94 -2.02
CA ASN C 270 21.57 -33.01 -1.40
C ASN C 270 21.13 -32.57 -0.02
N ASN C 271 21.67 -33.21 1.02
CA ASN C 271 21.35 -32.86 2.42
C ASN C 271 22.11 -31.56 2.76
N ASN C 272 21.72 -30.45 2.15
CA ASN C 272 22.40 -29.17 2.35
C ASN C 272 21.80 -28.34 3.48
N THR C 273 22.61 -27.43 4.01
CA THR C 273 22.24 -26.63 5.18
C THR C 273 21.87 -25.21 4.75
N ARG C 274 21.37 -24.43 5.69
CA ARG C 274 20.97 -23.06 5.40
C ARG C 274 21.66 -22.05 6.30
N LYS C 275 22.87 -21.64 5.90
CA LYS C 275 23.61 -20.63 6.65
C LYS C 275 22.91 -19.28 6.50
N SER C 276 21.82 -19.09 7.24
CA SER C 276 21.11 -17.82 7.22
C SER C 276 21.99 -16.68 7.71
N ILE C 277 21.95 -15.55 7.01
CA ILE C 277 22.79 -14.42 7.36
C ILE C 277 21.91 -13.22 7.70
N ARG C 278 22.18 -12.61 8.86
CA ARG C 278 21.37 -11.51 9.34
C ARG C 278 21.67 -10.19 8.62
N ILE C 279 21.32 -10.11 7.34
CA ILE C 279 21.59 -8.90 6.58
C ILE C 279 20.39 -8.01 6.81
N GLY C 280 20.32 -7.45 8.01
CA GLY C 280 19.21 -6.61 8.39
C GLY C 280 19.29 -5.22 7.79
N PRO C 281 18.97 -4.09 8.56
CA PRO C 281 18.61 -4.34 9.97
C PRO C 281 17.33 -5.15 10.07
N GLY C 282 17.27 -6.01 11.07
CA GLY C 282 16.04 -6.71 11.41
C GLY C 282 15.71 -7.87 10.50
N GLN C 283 15.54 -7.58 9.22
CA GLN C 283 15.17 -8.62 8.26
C GLN C 283 16.31 -9.62 8.02
N ALA C 284 15.95 -10.88 7.83
CA ALA C 284 16.94 -11.93 7.69
C ALA C 284 16.96 -12.57 6.30
N PHE C 285 18.14 -12.99 5.86
CA PHE C 285 18.28 -13.60 4.54
C PHE C 285 18.72 -15.04 4.73
N TYR C 286 18.16 -15.93 3.91
CA TYR C 286 18.56 -17.33 3.97
C TYR C 286 19.50 -17.68 2.82
N ALA C 287 20.79 -17.70 3.11
CA ALA C 287 21.80 -18.05 2.13
C ALA C 287 21.98 -19.55 2.04
N THR C 288 22.81 -20.01 1.11
CA THR C 288 23.09 -21.44 1.00
C THR C 288 24.32 -21.86 1.80
N GLY C 289 24.10 -22.75 2.77
CA GLY C 289 25.17 -23.20 3.65
C GLY C 289 26.23 -24.07 2.99
N ASP C 290 26.17 -25.37 3.25
CA ASP C 290 27.08 -26.33 2.64
C ASP C 290 26.29 -27.45 1.98
N ILE C 291 26.88 -28.08 0.96
CA ILE C 291 26.25 -29.19 0.28
C ILE C 291 26.95 -30.50 0.58
N ILE C 292 26.24 -31.41 1.23
CA ILE C 292 26.82 -32.71 1.62
C ILE C 292 25.87 -33.85 1.28
N GLY C 293 26.40 -35.07 1.28
CA GLY C 293 25.61 -36.23 0.90
C GLY C 293 25.93 -36.77 -0.47
N ASP C 294 24.94 -37.37 -1.11
CA ASP C 294 25.13 -38.04 -2.39
C ASP C 294 25.20 -37.05 -3.55
N ILE C 295 26.39 -36.52 -3.78
CA ILE C 295 26.58 -35.46 -4.78
C ILE C 295 26.31 -36.02 -6.17
N ARG C 296 25.02 -36.14 -6.50
CA ARG C 296 24.60 -36.51 -7.86
C ARG C 296 23.67 -35.41 -8.40
N GLN C 297 23.59 -35.29 -9.72
CA GLN C 297 22.73 -34.30 -10.35
C GLN C 297 21.28 -34.68 -10.10
N ALA C 298 20.44 -33.70 -9.81
CA ALA C 298 19.03 -34.00 -9.62
C ALA C 298 18.46 -34.50 -10.93
N HIS C 299 17.48 -35.39 -10.84
CA HIS C 299 16.95 -36.06 -12.01
C HIS C 299 15.57 -36.63 -11.71
N CYS C 300 14.89 -37.06 -12.76
CA CYS C 300 13.58 -37.68 -12.62
C CYS C 300 13.59 -39.12 -13.15
N ASN C 301 12.82 -39.96 -12.49
CA ASN C 301 12.62 -41.35 -12.90
C ASN C 301 11.26 -41.60 -13.53
N VAL C 302 11.28 -42.12 -14.75
CA VAL C 302 10.06 -42.41 -15.49
C VAL C 302 10.04 -43.88 -15.87
N SER C 303 8.89 -44.52 -15.66
CA SER C 303 8.63 -45.87 -16.12
C SER C 303 8.54 -45.89 -17.65
N LYS C 304 9.57 -46.45 -18.26
CA LYS C 304 9.73 -46.43 -19.72
C LYS C 304 8.65 -47.16 -20.51
N ALA C 305 8.35 -48.40 -20.13
CA ALA C 305 7.31 -49.15 -20.80
C ALA C 305 5.96 -48.43 -20.72
N THR C 306 5.68 -47.83 -19.58
CA THR C 306 4.46 -47.05 -19.39
C THR C 306 4.38 -45.87 -20.36
N TRP C 307 5.47 -45.12 -20.45
CA TRP C 307 5.56 -44.02 -21.40
C TRP C 307 5.32 -44.48 -22.83
N ASN C 308 5.97 -45.59 -23.20
CA ASN C 308 5.87 -46.09 -24.56
C ASN C 308 4.44 -46.46 -24.88
N GLU C 309 3.83 -47.19 -23.95
CA GLU C 309 2.44 -47.62 -24.08
C GLU C 309 1.46 -46.46 -24.25
N THR C 310 1.54 -45.48 -23.35
CA THR C 310 0.67 -44.32 -23.42
C THR C 310 0.92 -43.51 -24.70
N LEU C 311 2.19 -43.32 -25.03
CA LEU C 311 2.53 -42.54 -26.20
C LEU C 311 1.85 -43.15 -27.41
N GLY C 312 1.90 -44.46 -27.48
CA GLY C 312 1.24 -45.19 -28.55
C GLY C 312 -0.24 -44.85 -28.60
N LYS C 313 -0.88 -44.85 -27.43
CA LYS C 313 -2.30 -44.56 -27.39
C LYS C 313 -2.58 -43.16 -27.94
N VAL C 314 -1.67 -42.24 -27.64
CA VAL C 314 -1.75 -40.88 -28.18
C VAL C 314 -1.64 -40.88 -29.70
N VAL C 315 -0.69 -41.65 -30.22
CA VAL C 315 -0.47 -41.72 -31.67
C VAL C 315 -1.69 -42.28 -32.39
N LYS C 316 -2.44 -43.13 -31.71
CA LYS C 316 -3.63 -43.72 -32.31
C LYS C 316 -4.56 -42.57 -32.67
N GLN C 317 -4.55 -41.51 -31.87
CA GLN C 317 -5.54 -40.46 -32.00
C GLN C 317 -5.14 -39.52 -33.13
N LEU C 318 -3.70 -39.50 -32.93
CA LEU C 318 -3.19 -38.68 -34.03
C LEU C 318 -3.51 -39.31 -35.38
N ARG C 319 -3.40 -40.63 -35.46
CA ARG C 319 -3.70 -41.31 -36.71
C ARG C 319 -5.09 -40.91 -37.15
N LYS C 320 -6.05 -41.12 -36.26
CA LYS C 320 -7.44 -40.75 -36.49
C LYS C 320 -7.65 -39.32 -36.99
N HIS C 321 -6.79 -38.18 -37.10
CA HIS C 321 -6.94 -36.80 -37.55
C HIS C 321 -5.89 -36.42 -38.60
N PHE C 322 -5.18 -37.42 -39.11
CA PHE C 322 -4.13 -37.16 -40.08
C PHE C 322 -4.02 -38.24 -41.15
N GLY C 323 -4.53 -39.43 -40.84
CA GLY C 323 -4.65 -40.46 -41.86
C GLY C 323 -4.11 -41.81 -41.45
N ASN C 324 -4.47 -42.83 -42.21
CA ASN C 324 -4.08 -44.20 -41.90
C ASN C 324 -2.84 -44.58 -42.69
N ASN C 325 -2.13 -43.56 -43.17
CA ASN C 325 -0.88 -43.79 -43.89
C ASN C 325 0.10 -42.62 -43.75
N THR C 326 0.31 -42.18 -42.51
CA THR C 326 1.25 -41.10 -42.23
C THR C 326 2.24 -41.49 -41.14
N ILE C 327 3.31 -40.72 -41.02
CA ILE C 327 4.39 -41.04 -40.08
C ILE C 327 4.47 -39.99 -38.97
N ILE C 328 4.57 -40.45 -37.73
CA ILE C 328 4.57 -39.57 -36.58
C ILE C 328 5.92 -39.62 -35.85
N ARG C 329 6.56 -38.46 -35.77
CA ARG C 329 7.84 -38.36 -35.05
C ARG C 329 7.75 -37.39 -33.88
N PHE C 330 8.43 -37.71 -32.79
CA PHE C 330 8.47 -36.85 -31.62
C PHE C 330 9.90 -36.38 -31.34
N ALA C 331 10.04 -35.08 -31.07
CA ALA C 331 11.35 -34.49 -30.81
C ALA C 331 11.24 -33.42 -29.74
N ASN C 332 12.38 -32.89 -29.30
CA ASN C 332 12.39 -31.81 -28.32
C ASN C 332 12.10 -30.46 -28.96
N SER C 333 12.13 -29.41 -28.13
CA SER C 333 11.73 -28.07 -28.56
C SER C 333 12.72 -27.43 -29.52
N SER C 334 12.39 -26.24 -30.00
CA SER C 334 13.24 -25.51 -30.93
C SER C 334 14.41 -24.85 -30.21
N GLY C 335 14.38 -24.89 -28.88
CA GLY C 335 15.42 -24.27 -28.08
C GLY C 335 15.15 -22.79 -27.82
N GLY C 336 16.09 -22.15 -27.13
CA GLY C 336 15.94 -20.75 -26.78
C GLY C 336 15.89 -20.51 -25.29
N ASP C 337 14.89 -19.75 -24.85
CA ASP C 337 14.71 -19.46 -23.43
C ASP C 337 14.52 -20.74 -22.62
N LEU C 338 15.39 -20.94 -21.62
CA LEU C 338 15.38 -22.18 -20.85
C LEU C 338 13.98 -22.49 -20.32
N GLU C 339 13.25 -21.44 -19.95
CA GLU C 339 11.91 -21.61 -19.38
C GLU C 339 10.98 -22.34 -20.33
N VAL C 340 11.16 -22.10 -21.63
CA VAL C 340 10.36 -22.80 -22.65
C VAL C 340 11.05 -24.09 -23.11
N THR C 341 12.37 -24.02 -23.27
CA THR C 341 13.14 -25.16 -23.75
C THR C 341 12.92 -26.42 -22.93
N THR C 342 13.04 -26.29 -21.61
CA THR C 342 12.95 -27.45 -20.73
C THR C 342 11.63 -27.50 -19.96
N HIS C 343 11.41 -28.59 -19.25
CA HIS C 343 10.22 -28.76 -18.41
C HIS C 343 10.45 -28.12 -17.04
N SER C 344 9.69 -27.06 -16.76
CA SER C 344 9.78 -26.36 -15.48
C SER C 344 8.64 -26.76 -14.57
N PHE C 345 8.94 -26.93 -13.29
CA PHE C 345 7.89 -27.21 -12.29
C PHE C 345 8.41 -26.98 -10.88
N ASN C 346 7.48 -26.81 -9.94
CA ASN C 346 7.84 -26.58 -8.54
C ASN C 346 7.62 -27.83 -7.70
N CYS C 347 8.63 -28.20 -6.91
CA CYS C 347 8.47 -29.25 -5.92
C CYS C 347 9.01 -28.80 -4.57
N GLY C 348 8.10 -28.51 -3.64
CA GLY C 348 8.47 -28.16 -2.28
C GLY C 348 9.11 -26.80 -2.14
N GLY C 349 8.90 -25.94 -3.15
CA GLY C 349 9.51 -24.62 -3.16
C GLY C 349 10.69 -24.52 -4.10
N GLU C 350 11.27 -25.67 -4.44
CA GLU C 350 12.41 -25.70 -5.36
C GLU C 350 11.93 -25.76 -6.81
N PHE C 351 12.67 -25.10 -7.70
CA PHE C 351 12.28 -25.00 -9.09
C PHE C 351 13.19 -25.86 -9.96
N PHE C 352 12.58 -26.80 -10.68
CA PHE C 352 13.34 -27.74 -11.50
C PHE C 352 13.24 -27.42 -12.99
N TYR C 353 14.33 -27.65 -13.70
CA TYR C 353 14.36 -27.54 -15.15
C TYR C 353 14.96 -28.82 -15.72
N CYS C 354 14.12 -29.63 -16.35
CA CYS C 354 14.54 -30.95 -16.82
C CYS C 354 14.55 -31.11 -18.34
N ASN C 355 15.56 -31.84 -18.81
CA ASN C 355 15.77 -32.10 -20.23
C ASN C 355 14.89 -33.24 -20.72
N THR C 356 13.73 -32.90 -21.27
CA THR C 356 12.73 -33.90 -21.62
C THR C 356 13.03 -34.57 -22.95
N SER C 357 14.22 -34.33 -23.49
CA SER C 357 14.68 -35.04 -24.67
C SER C 357 14.61 -36.55 -24.46
N GLY C 358 14.82 -36.98 -23.22
CA GLY C 358 14.77 -38.39 -22.88
C GLY C 358 13.39 -39.00 -23.01
N LEU C 359 12.38 -38.15 -23.06
CA LEU C 359 11.00 -38.61 -23.26
C LEU C 359 10.58 -38.44 -24.72
N PHE C 360 10.64 -37.19 -25.19
CA PHE C 360 10.20 -36.84 -26.52
C PHE C 360 11.25 -37.16 -27.59
N ASN C 361 11.50 -38.44 -27.78
CA ASN C 361 12.43 -38.91 -28.80
C ASN C 361 11.97 -40.24 -29.40
N SER C 362 11.05 -40.19 -30.36
CA SER C 362 10.48 -41.41 -30.91
C SER C 362 9.92 -41.14 -32.29
N THR C 363 9.32 -42.42 -32.55
CA THR C 363 8.72 -42.37 -33.89
C THR C 363 7.70 -43.49 -34.06
N TRP C 364 6.77 -43.29 -34.98
CA TRP C 364 5.85 -44.36 -35.35
C TRP C 364 5.65 -44.45 -36.85
N ILE C 365 5.42 -45.66 -37.33
CA ILE C 365 5.50 -45.95 -38.76
C ILE C 365 4.27 -45.40 -39.49
N SER C 366 3.70 -46.19 -40.40
CA SER C 366 2.63 -45.71 -41.27
C SER C 366 1.27 -46.25 -40.85
N ASN C 367 1.24 -47.44 -40.28
CA ASN C 367 -0.04 -48.02 -39.87
C ASN C 367 0.13 -49.15 -38.87
N ASN C 379 14.17 -52.59 -16.29
CA ASN C 379 12.97 -52.05 -15.63
C ASN C 379 11.75 -51.97 -16.55
N ASP C 380 11.88 -51.30 -17.70
CA ASP C 380 12.92 -50.30 -17.94
C ASP C 380 12.47 -48.92 -17.49
N SER C 381 13.43 -48.02 -17.36
CA SER C 381 13.13 -46.68 -16.86
C SER C 381 13.98 -45.61 -17.54
N ILE C 382 13.53 -44.37 -17.45
CA ILE C 382 14.23 -43.25 -18.08
C ILE C 382 14.71 -42.25 -17.04
N THR C 383 15.97 -41.85 -17.14
CA THR C 383 16.53 -40.82 -16.28
C THR C 383 16.57 -39.47 -16.98
N LEU C 384 15.92 -38.47 -16.38
CA LEU C 384 15.89 -37.13 -16.95
C LEU C 384 16.74 -36.15 -16.15
N PRO C 385 17.86 -35.68 -16.74
CA PRO C 385 18.75 -34.71 -16.11
C PRO C 385 18.04 -33.39 -15.81
N CYS C 386 18.15 -32.91 -14.58
CA CYS C 386 17.52 -31.65 -14.20
C CYS C 386 18.49 -30.63 -13.62
N ARG C 387 18.08 -29.36 -13.64
CA ARG C 387 18.89 -28.29 -13.10
C ARG C 387 18.07 -27.54 -12.08
N ILE C 388 18.74 -26.86 -11.16
CA ILE C 388 18.05 -26.10 -10.12
C ILE C 388 18.32 -24.62 -10.28
N LYS C 389 17.27 -23.80 -10.18
CA LYS C 389 17.46 -22.36 -10.24
C LYS C 389 16.92 -21.75 -8.96
N GLN C 390 17.44 -20.59 -8.59
CA GLN C 390 16.92 -19.91 -7.41
C GLN C 390 16.26 -18.58 -7.76
N ILE C 391 16.67 -18.00 -8.89
CA ILE C 391 16.03 -16.79 -9.40
C ILE C 391 15.10 -17.14 -10.55
N ILE C 392 13.81 -16.89 -10.37
CA ILE C 392 12.82 -17.26 -11.37
C ILE C 392 11.88 -16.11 -11.75
N ASN C 393 11.28 -16.24 -12.93
CA ASN C 393 10.32 -15.27 -13.45
C ASN C 393 8.99 -15.92 -13.78
N MET C 394 7.93 -15.51 -13.08
CA MET C 394 6.62 -16.14 -13.25
C MET C 394 5.82 -15.56 -14.41
N TRP C 395 5.24 -16.51 -15.14
CA TRP C 395 4.23 -16.27 -16.14
C TRP C 395 4.74 -15.29 -17.14
N GLN C 396 6.01 -15.45 -17.50
CA GLN C 396 6.57 -14.71 -18.61
C GLN C 396 6.59 -13.25 -18.23
N ARG C 397 6.47 -12.98 -16.93
CA ARG C 397 6.40 -11.57 -16.55
C ARG C 397 7.76 -10.97 -16.25
N ILE C 398 8.07 -9.87 -16.93
CA ILE C 398 9.33 -9.18 -16.73
C ILE C 398 9.03 -7.92 -15.93
N GLY C 399 10.04 -7.40 -15.25
CA GLY C 399 9.87 -6.23 -14.42
C GLY C 399 9.97 -6.57 -12.94
N GLN C 400 9.96 -7.87 -12.65
CA GLN C 400 10.16 -8.33 -11.28
C GLN C 400 10.60 -9.79 -11.25
N ALA C 401 11.17 -10.21 -10.12
CA ALA C 401 11.69 -11.56 -9.98
C ALA C 401 11.62 -12.00 -8.52
N MET C 402 11.59 -13.31 -8.30
CA MET C 402 11.45 -13.86 -6.96
C MET C 402 12.57 -14.83 -6.61
N TYR C 403 13.13 -14.68 -5.42
CA TYR C 403 14.21 -15.54 -4.96
C TYR C 403 13.64 -16.68 -4.15
N ALA C 404 13.92 -17.91 -4.57
CA ALA C 404 13.50 -19.07 -3.81
C ALA C 404 14.51 -19.29 -2.71
N PRO C 405 14.01 -19.50 -1.44
CA PRO C 405 15.02 -19.84 -0.43
C PRO C 405 15.46 -21.28 -0.61
N PRO C 406 16.80 -21.56 -0.35
CA PRO C 406 17.12 -23.00 -0.42
C PRO C 406 16.36 -23.80 0.62
N ILE C 407 15.82 -24.94 0.22
CA ILE C 407 15.10 -25.81 1.15
C ILE C 407 16.04 -26.82 1.79
N GLN C 408 16.10 -26.82 3.12
CA GLN C 408 17.08 -27.61 3.84
C GLN C 408 16.77 -29.10 3.73
N GLY C 409 17.81 -29.90 3.54
CA GLY C 409 17.67 -31.35 3.47
C GLY C 409 17.40 -31.89 2.08
N VAL C 410 17.34 -33.21 1.98
CA VAL C 410 17.12 -33.88 0.71
C VAL C 410 15.68 -33.72 0.26
N ILE C 411 15.49 -33.30 -1.00
CA ILE C 411 14.16 -33.07 -1.54
C ILE C 411 13.81 -34.08 -2.62
N ARG C 412 12.73 -34.82 -2.40
CA ARG C 412 12.25 -35.80 -3.39
C ARG C 412 10.74 -35.91 -3.35
N CYS C 413 10.12 -36.02 -4.52
CA CYS C 413 8.67 -36.08 -4.61
C CYS C 413 8.21 -36.84 -5.85
N VAL C 414 6.92 -37.12 -5.93
CA VAL C 414 6.35 -37.90 -7.01
C VAL C 414 5.00 -37.34 -7.41
N SER C 415 4.70 -37.38 -8.71
CA SER C 415 3.44 -36.84 -9.20
C SER C 415 2.90 -37.60 -10.41
N ASN C 416 1.68 -37.25 -10.81
CA ASN C 416 1.03 -37.89 -11.95
C ASN C 416 1.07 -37.01 -13.18
N ILE C 417 1.67 -37.49 -14.25
CA ILE C 417 1.61 -36.79 -15.52
C ILE C 417 0.25 -37.11 -16.15
N THR C 418 -0.53 -36.07 -16.41
CA THR C 418 -1.91 -36.25 -16.84
C THR C 418 -2.22 -35.63 -18.20
N GLY C 419 -1.18 -35.15 -18.89
CA GLY C 419 -1.37 -34.59 -20.21
C GLY C 419 -0.16 -33.94 -20.82
N LEU C 420 -0.27 -33.59 -22.10
CA LEU C 420 0.85 -33.00 -22.84
C LEU C 420 0.44 -31.66 -23.46
N ILE C 421 1.39 -30.74 -23.51
CA ILE C 421 1.25 -29.52 -24.31
C ILE C 421 2.13 -29.66 -25.55
N LEU C 422 1.51 -30.02 -26.66
CA LEU C 422 2.24 -30.30 -27.89
C LEU C 422 2.01 -29.25 -28.97
N THR C 423 3.01 -29.10 -29.84
CA THR C 423 2.90 -28.20 -30.99
C THR C 423 3.18 -28.97 -32.27
N ARG C 424 2.59 -28.51 -33.37
CA ARG C 424 2.74 -29.19 -34.66
C ARG C 424 3.79 -28.49 -35.53
N ASP C 425 4.77 -29.26 -35.98
CA ASP C 425 5.86 -28.71 -36.79
C ASP C 425 5.37 -27.97 -38.02
N THR C 429 6.73 -30.56 -48.87
CA THR C 429 7.22 -31.64 -47.99
C THR C 429 6.28 -32.03 -46.83
N ASN C 430 4.98 -31.91 -47.07
CA ASN C 430 3.98 -32.25 -46.08
C ASN C 430 2.94 -33.22 -46.64
N SER C 431 3.35 -34.48 -46.81
CA SER C 431 2.48 -35.47 -47.41
C SER C 431 2.59 -36.82 -46.71
N THR C 432 3.19 -36.83 -45.53
CA THR C 432 3.39 -38.09 -44.82
C THR C 432 3.97 -37.91 -43.41
N THR C 433 5.25 -37.59 -43.32
CA THR C 433 5.88 -37.48 -42.00
C THR C 433 5.66 -36.13 -41.32
N GLU C 434 5.12 -36.18 -40.11
CA GLU C 434 4.93 -34.99 -39.29
C GLU C 434 5.65 -35.12 -37.97
N THR C 435 6.18 -34.02 -37.46
CA THR C 435 6.94 -34.05 -36.21
C THR C 435 6.20 -33.21 -35.18
N PHE C 436 6.14 -33.71 -33.94
CA PHE C 436 5.52 -32.96 -32.86
C PHE C 436 6.47 -32.72 -31.69
N ARG C 437 6.30 -31.59 -31.02
CA ARG C 437 7.16 -31.24 -29.87
C ARG C 437 6.49 -30.48 -28.69
N PRO C 438 7.07 -30.58 -27.49
CA PRO C 438 6.51 -29.97 -26.28
C PRO C 438 6.68 -28.46 -26.25
N GLY C 439 5.71 -27.75 -25.68
CA GLY C 439 5.77 -26.31 -25.57
C GLY C 439 5.13 -25.81 -24.28
N GLY C 440 4.58 -24.60 -24.32
CA GLY C 440 3.91 -24.03 -23.17
C GLY C 440 3.95 -22.51 -23.17
N GLY C 441 4.54 -21.95 -22.12
CA GLY C 441 4.71 -20.51 -22.02
C GLY C 441 3.47 -19.84 -21.45
N ASP C 442 2.37 -19.92 -22.17
CA ASP C 442 1.11 -19.29 -21.75
C ASP C 442 0.34 -20.20 -20.82
N MET C 443 0.32 -19.86 -19.54
CA MET C 443 -0.15 -20.76 -18.50
C MET C 443 -1.67 -20.76 -18.38
N ARG C 444 -2.30 -19.97 -19.24
CA ARG C 444 -3.74 -19.91 -19.30
C ARG C 444 -4.12 -21.27 -19.90
N ASP C 445 -3.18 -21.85 -20.67
CA ASP C 445 -3.37 -23.17 -21.26
C ASP C 445 -3.64 -24.21 -20.18
N ASN C 446 -2.89 -24.13 -19.09
CA ASN C 446 -3.04 -25.06 -17.97
C ASN C 446 -4.41 -24.98 -17.32
N TRP C 447 -4.89 -23.77 -17.07
CA TRP C 447 -6.18 -23.62 -16.45
C TRP C 447 -7.25 -24.13 -17.41
N ARG C 448 -7.10 -23.81 -18.69
CA ARG C 448 -8.06 -24.18 -19.71
C ARG C 448 -8.16 -25.70 -19.89
N SER C 449 -7.09 -26.39 -19.57
CA SER C 449 -7.06 -27.84 -19.73
C SER C 449 -8.02 -28.50 -18.75
N GLU C 450 -8.47 -27.75 -17.76
CA GLU C 450 -9.41 -28.28 -16.78
C GLU C 450 -10.79 -27.65 -16.90
N LEU C 451 -10.83 -26.35 -17.16
CA LEU C 451 -12.06 -25.57 -17.08
C LEU C 451 -12.94 -25.79 -18.31
N TYR C 452 -12.48 -26.64 -19.22
CA TYR C 452 -13.22 -26.86 -20.45
C TYR C 452 -14.53 -27.59 -20.13
N LYS C 453 -14.59 -28.17 -18.94
CA LYS C 453 -15.74 -28.96 -18.54
C LYS C 453 -16.86 -28.06 -18.05
N TYR C 454 -16.54 -26.77 -17.91
CA TYR C 454 -17.45 -25.82 -17.28
C TYR C 454 -17.77 -24.63 -18.18
N LYS C 455 -18.95 -24.06 -17.99
CA LYS C 455 -19.28 -22.77 -18.59
C LYS C 455 -20.28 -22.02 -17.70
N VAL C 456 -20.28 -20.70 -17.78
CA VAL C 456 -21.17 -19.88 -16.96
C VAL C 456 -22.23 -19.15 -17.78
N VAL C 457 -23.48 -19.24 -17.33
CA VAL C 457 -24.60 -18.62 -18.02
C VAL C 457 -25.41 -17.74 -17.07
N LYS C 458 -26.08 -16.74 -17.63
CA LYS C 458 -26.90 -15.84 -16.83
C LYS C 458 -28.38 -16.18 -16.98
N ILE C 459 -29.04 -16.54 -15.88
CA ILE C 459 -30.46 -16.86 -15.90
C ILE C 459 -31.31 -15.60 -16.07
N GLU C 460 -32.34 -15.72 -16.90
CA GLU C 460 -33.34 -14.67 -17.05
C GLU C 460 -34.70 -15.19 -16.58
N PRO C 461 -35.04 -14.94 -15.30
CA PRO C 461 -36.28 -15.37 -14.67
C PRO C 461 -37.55 -14.92 -15.38
N LEU C 462 -37.52 -13.76 -16.03
CA LEU C 462 -38.74 -13.16 -16.56
C LEU C 462 -39.00 -13.59 -17.99
N GLY C 463 -40.23 -14.05 -18.24
CA GLY C 463 -40.65 -14.41 -19.57
C GLY C 463 -42.13 -14.23 -19.75
N VAL C 464 -42.59 -14.21 -21.00
CA VAL C 464 -44.01 -14.09 -21.28
C VAL C 464 -44.43 -15.10 -22.36
N ALA C 465 -45.72 -15.37 -22.43
CA ALA C 465 -46.25 -16.34 -23.39
C ALA C 465 -47.74 -16.15 -23.59
N PRO C 466 -48.23 -16.55 -24.77
CA PRO C 466 -49.64 -16.46 -25.10
C PRO C 466 -50.47 -17.50 -24.38
N THR C 467 -51.50 -17.04 -23.66
CA THR C 467 -52.38 -17.95 -22.95
C THR C 467 -53.82 -17.45 -23.01
N ARG C 468 -54.73 -18.40 -23.15
CA ARG C 468 -56.15 -18.12 -23.22
C ARG C 468 -56.54 -17.58 -21.81
N CYS C 469 -56.58 -16.26 -21.61
CA CYS C 469 -56.96 -15.69 -20.33
C CYS C 469 -57.22 -14.19 -20.42
N LYS C 470 -58.42 -13.77 -20.02
CA LYS C 470 -58.77 -12.36 -19.97
C LYS C 470 -58.93 -11.91 -18.52
N ARG C 471 -57.97 -11.18 -17.92
CA ARG C 471 -58.00 -10.79 -16.44
C ARG C 471 -59.08 -9.78 -15.81
N ARG C 472 -60.15 -10.26 -15.09
CA ARG C 472 -61.23 -9.41 -14.41
C ARG C 472 -60.91 -8.49 -13.13
N VAL C 473 -61.68 -7.39 -12.82
CA VAL C 473 -61.39 -6.57 -11.65
C VAL C 473 -62.11 -7.09 -10.42
N ASN D 3 -66.07 14.76 1.82
CA ASN D 3 -64.84 15.01 2.58
C ASN D 3 -63.65 14.33 1.92
N LEU D 4 -62.47 14.93 2.10
CA LEU D 4 -61.26 14.44 1.46
C LEU D 4 -60.43 13.54 2.37
N TRP D 5 -59.70 12.61 1.75
CA TRP D 5 -58.98 11.56 2.48
C TRP D 5 -57.50 11.60 2.09
N VAL D 6 -56.66 10.95 2.89
CA VAL D 6 -55.24 10.86 2.58
C VAL D 6 -54.98 9.78 1.52
N THR D 7 -54.49 10.23 0.36
CA THR D 7 -54.17 9.33 -0.74
C THR D 7 -52.67 9.29 -0.96
N VAL D 8 -52.14 8.09 -1.15
CA VAL D 8 -50.70 7.91 -1.26
C VAL D 8 -50.25 7.81 -2.72
N TYR D 9 -49.20 8.57 -3.05
CA TYR D 9 -48.69 8.62 -4.41
C TYR D 9 -47.22 8.26 -4.44
N TYR D 10 -46.78 7.66 -5.54
CA TYR D 10 -45.37 7.28 -5.69
C TYR D 10 -44.88 7.52 -7.11
N GLY D 11 -43.65 7.98 -7.23
CA GLY D 11 -43.12 8.43 -8.51
C GLY D 11 -43.34 9.92 -8.72
N VAL D 12 -43.45 10.66 -7.62
CA VAL D 12 -43.74 12.08 -7.68
C VAL D 12 -42.51 12.87 -8.14
N PRO D 13 -42.68 13.70 -9.17
CA PRO D 13 -41.56 14.46 -9.75
C PRO D 13 -41.14 15.62 -8.87
N VAL D 14 -40.54 15.33 -7.72
CA VAL D 14 -40.01 16.37 -6.85
C VAL D 14 -38.63 16.00 -6.33
N TRP D 15 -37.90 17.00 -5.83
CA TRP D 15 -36.52 16.78 -5.43
C TRP D 15 -36.04 17.85 -4.45
N LYS D 16 -35.00 17.51 -3.69
CA LYS D 16 -34.34 18.47 -2.82
C LYS D 16 -32.85 18.55 -3.15
N ASP D 17 -32.29 19.75 -3.08
CA ASP D 17 -30.86 19.94 -3.26
C ASP D 17 -30.07 19.14 -2.23
N ALA D 18 -29.20 18.27 -2.72
CA ALA D 18 -28.48 17.35 -1.86
C ALA D 18 -27.19 16.88 -2.52
N GLU D 19 -26.19 16.57 -1.71
CA GLU D 19 -24.91 16.10 -2.21
C GLU D 19 -24.81 14.58 -2.11
N THR D 20 -24.36 13.94 -3.18
CA THR D 20 -23.99 12.53 -3.12
C THR D 20 -22.67 12.26 -3.81
N THR D 21 -22.30 10.98 -3.88
CA THR D 21 -21.04 10.57 -4.49
C THR D 21 -21.21 10.38 -5.99
N LEU D 22 -20.63 11.29 -6.77
CA LEU D 22 -20.67 11.19 -8.23
C LEU D 22 -19.61 10.24 -8.75
N PHE D 23 -19.81 9.72 -9.96
CA PHE D 23 -18.82 8.84 -10.57
C PHE D 23 -18.67 9.17 -12.05
N CYS D 24 -17.53 8.79 -12.62
CA CYS D 24 -17.17 9.24 -13.96
C CYS D 24 -17.74 8.38 -15.09
N ALA D 25 -17.54 8.87 -16.32
CA ALA D 25 -17.76 8.11 -17.53
C ALA D 25 -17.00 8.79 -18.67
N SER D 26 -16.39 8.01 -19.57
CA SER D 26 -15.65 8.60 -20.68
C SER D 26 -15.18 7.58 -21.72
N ASP D 27 -15.83 7.58 -22.88
CA ASP D 27 -15.35 6.84 -24.03
C ASP D 27 -14.96 5.42 -23.63
N ALA D 28 -13.97 4.88 -24.33
CA ALA D 28 -13.48 3.54 -24.04
C ALA D 28 -12.01 3.41 -24.41
N VAL D 38 -3.05 6.98 -21.05
CA VAL D 38 -2.74 8.41 -21.09
C VAL D 38 -2.61 9.00 -19.70
N TRP D 39 -3.71 9.53 -19.16
CA TRP D 39 -3.69 10.42 -18.01
C TRP D 39 -3.88 9.64 -16.72
N ALA D 40 -5.10 9.16 -16.51
CA ALA D 40 -5.41 8.42 -15.29
C ALA D 40 -6.70 7.64 -15.45
N THR D 41 -7.32 7.78 -16.62
CA THR D 41 -8.65 7.22 -16.83
C THR D 41 -8.65 5.96 -17.70
N HIS D 42 -9.12 4.88 -17.11
CA HIS D 42 -9.28 3.61 -17.79
C HIS D 42 -10.36 2.91 -16.97
N ALA D 43 -10.20 2.98 -15.66
CA ALA D 43 -11.12 2.37 -14.73
C ALA D 43 -12.32 3.29 -14.63
N CYS D 44 -13.14 3.30 -15.68
CA CYS D 44 -14.24 4.25 -15.77
C CYS D 44 -15.28 3.75 -16.77
N VAL D 45 -16.55 3.83 -16.39
CA VAL D 45 -17.62 3.30 -17.22
C VAL D 45 -17.76 4.07 -18.52
N PRO D 46 -17.77 3.34 -19.62
CA PRO D 46 -17.95 3.95 -20.95
C PRO D 46 -19.26 4.72 -21.00
N THR D 47 -19.29 5.78 -21.79
CA THR D 47 -20.49 6.59 -21.92
C THR D 47 -21.50 5.92 -22.85
N ASP D 48 -22.75 6.37 -22.78
CA ASP D 48 -23.77 5.89 -23.70
C ASP D 48 -23.55 6.51 -25.06
N PRO D 49 -23.86 5.78 -26.13
CA PRO D 49 -23.74 6.33 -27.48
C PRO D 49 -24.79 7.39 -27.77
N ASN D 50 -25.84 7.41 -26.97
CA ASN D 50 -26.90 8.42 -27.10
C ASN D 50 -27.25 9.10 -25.78
N PRO D 51 -26.39 10.01 -25.33
CA PRO D 51 -26.69 10.76 -24.10
C PRO D 51 -28.05 11.47 -24.25
N GLN D 52 -28.95 11.25 -23.29
CA GLN D 52 -30.33 11.80 -23.36
C GLN D 52 -30.51 13.10 -22.59
N GLU D 53 -31.52 13.90 -22.96
CA GLU D 53 -31.79 15.11 -22.21
C GLU D 53 -33.26 15.45 -22.35
N ILE D 54 -33.70 16.48 -21.64
CA ILE D 54 -35.09 16.93 -21.80
C ILE D 54 -35.34 18.24 -21.07
N HIS D 55 -35.71 18.97 -22.29
CA HIS D 55 -36.01 20.27 -21.72
C HIS D 55 -37.26 20.19 -20.85
N LEU D 56 -37.23 20.86 -19.71
CA LEU D 56 -38.32 20.82 -18.77
C LEU D 56 -39.13 22.12 -18.83
N GLU D 57 -40.24 22.45 -19.48
CA GLU D 57 -41.12 23.61 -19.62
C GLU D 57 -41.88 23.87 -18.33
N ASN D 58 -41.94 25.13 -17.93
CA ASN D 58 -42.57 25.55 -16.68
C ASN D 58 -41.76 25.24 -15.41
N VAL D 59 -40.64 24.56 -15.59
CA VAL D 59 -39.76 24.28 -14.45
C VAL D 59 -38.62 25.29 -14.34
N THR D 60 -38.60 25.98 -13.20
CA THR D 60 -37.64 27.03 -12.88
C THR D 60 -37.14 26.78 -11.44
N GLU D 61 -35.88 27.13 -11.14
CA GLU D 61 -35.37 27.15 -9.76
C GLU D 61 -33.97 27.75 -9.66
N GLU D 62 -33.36 27.81 -8.48
CA GLU D 62 -32.14 28.62 -8.38
C GLU D 62 -30.89 27.75 -8.49
N PHE D 63 -30.09 28.35 -9.15
CA PHE D 63 -28.78 27.71 -9.05
C PHE D 63 -27.84 28.50 -8.14
N ASN D 64 -26.74 27.87 -7.77
CA ASN D 64 -25.71 28.53 -6.97
C ASN D 64 -24.37 27.87 -7.18
N MET D 65 -23.57 28.43 -8.08
CA MET D 65 -22.28 27.87 -8.44
C MET D 65 -21.25 27.99 -7.32
N TRP D 66 -21.55 28.84 -6.35
CA TRP D 66 -20.57 29.18 -5.30
C TRP D 66 -20.68 28.23 -4.12
N LYS D 67 -21.71 27.39 -4.13
CA LYS D 67 -21.89 26.39 -3.09
C LYS D 67 -22.06 25.01 -3.71
N ASN D 68 -21.69 24.90 -4.98
CA ASN D 68 -21.83 23.66 -5.73
C ASN D 68 -20.72 22.66 -5.36
N ASN D 69 -21.06 21.69 -4.53
CA ASN D 69 -20.07 20.76 -4.01
C ASN D 69 -19.56 19.74 -5.04
N MET D 70 -20.12 19.77 -6.25
CA MET D 70 -19.58 18.99 -7.35
C MET D 70 -18.13 19.36 -7.60
N VAL D 71 -17.81 20.63 -7.44
CA VAL D 71 -16.45 21.13 -7.63
C VAL D 71 -15.49 20.50 -6.64
N GLU D 72 -15.90 20.45 -5.37
CA GLU D 72 -15.04 19.95 -4.31
C GLU D 72 -14.66 18.49 -4.55
N GLN D 73 -15.64 17.67 -4.90
CA GLN D 73 -15.41 16.26 -5.20
C GLN D 73 -14.43 16.12 -6.36
N MET D 74 -14.77 16.75 -7.48
CA MET D 74 -13.93 16.68 -8.67
C MET D 74 -12.49 17.02 -8.34
N HIS D 75 -12.31 18.10 -7.57
CA HIS D 75 -10.97 18.57 -7.20
C HIS D 75 -10.16 17.46 -6.52
N THR D 76 -10.72 16.90 -5.45
CA THR D 76 -10.00 15.93 -4.64
C THR D 76 -9.85 14.60 -5.38
N ASP D 77 -10.79 14.29 -6.26
CA ASP D 77 -10.72 13.09 -7.08
C ASP D 77 -9.54 13.17 -8.05
N ILE D 78 -9.39 14.32 -8.71
CA ILE D 78 -8.26 14.53 -9.60
C ILE D 78 -6.93 14.41 -8.86
N ILE D 79 -6.87 14.98 -7.66
CA ILE D 79 -5.68 14.88 -6.82
C ILE D 79 -5.36 13.42 -6.52
N SER D 80 -6.38 12.66 -6.14
CA SER D 80 -6.20 11.26 -5.80
C SER D 80 -5.63 10.49 -6.99
N LEU D 81 -6.19 10.75 -8.17
CA LEU D 81 -5.74 10.13 -9.41
C LEU D 81 -4.25 10.40 -9.62
N TRP D 82 -3.87 11.66 -9.47
CA TRP D 82 -2.49 12.10 -9.62
C TRP D 82 -1.53 11.25 -8.81
N ASP D 83 -1.77 11.16 -7.51
CA ASP D 83 -0.93 10.37 -6.61
C ASP D 83 -0.85 8.90 -7.02
N GLN D 84 -2.00 8.32 -7.36
CA GLN D 84 -2.06 6.90 -7.70
C GLN D 84 -1.23 6.59 -8.94
N SER D 85 -1.13 7.56 -9.84
CA SER D 85 -0.37 7.39 -11.07
C SER D 85 1.13 7.51 -10.86
N LEU D 86 1.53 7.96 -9.66
CA LEU D 86 2.94 8.18 -9.38
C LEU D 86 3.53 7.10 -8.48
N LYS D 87 2.69 6.50 -7.64
CA LYS D 87 3.19 5.53 -6.67
C LYS D 87 3.96 4.41 -7.33
N PRO D 88 3.43 3.95 -8.53
CA PRO D 88 4.12 2.76 -9.06
C PRO D 88 5.32 3.16 -9.90
N CYS D 89 5.67 4.44 -9.87
CA CYS D 89 6.80 4.91 -10.66
C CYS D 89 8.07 5.08 -9.84
N VAL D 90 9.18 5.33 -10.52
CA VAL D 90 10.49 5.38 -9.89
C VAL D 90 10.72 6.64 -9.06
N LYS D 91 11.17 6.40 -7.83
CA LYS D 91 11.48 7.46 -6.88
C LYS D 91 12.90 7.92 -7.17
N LEU D 92 13.15 9.21 -7.03
CA LEU D 92 14.47 9.76 -7.32
C LEU D 92 15.20 10.19 -6.07
N THR D 93 15.03 9.42 -4.99
CA THR D 93 15.67 9.72 -3.72
C THR D 93 17.21 9.89 -3.82
N PRO D 94 17.90 9.05 -4.61
CA PRO D 94 19.35 9.15 -4.52
C PRO D 94 19.93 10.27 -5.40
N LEU D 95 19.06 11.08 -5.99
CA LEU D 95 19.50 12.23 -6.77
C LEU D 95 19.96 13.39 -5.88
N CYS D 96 19.49 13.42 -4.65
CA CYS D 96 19.87 14.47 -3.71
C CYS D 96 21.34 14.37 -3.33
N VAL D 97 22.20 14.92 -4.17
CA VAL D 97 23.64 14.96 -3.89
C VAL D 97 24.20 16.34 -4.25
N THR D 98 25.41 16.63 -3.78
CA THR D 98 26.10 17.86 -4.17
C THR D 98 26.42 17.85 -5.67
N LEU D 99 25.99 18.90 -6.37
CA LEU D 99 26.22 19.00 -7.80
C LEU D 99 27.37 19.95 -8.13
N GLN D 100 28.24 19.53 -9.04
CA GLN D 100 29.34 20.38 -9.49
C GLN D 100 29.00 20.95 -10.87
N CYS D 101 28.70 22.24 -10.91
CA CYS D 101 28.10 22.85 -12.09
C CYS D 101 28.88 24.03 -12.64
N THR D 102 28.68 24.30 -13.93
CA THR D 102 29.41 25.33 -14.66
C THR D 102 28.50 25.96 -15.71
N ASN D 103 28.82 27.16 -16.14
CA ASN D 103 28.04 27.83 -17.18
C ASN D 103 28.12 27.09 -18.51
N VAL D 104 27.08 27.23 -19.32
CA VAL D 104 27.06 26.58 -20.62
C VAL D 104 27.27 27.68 -21.64
N THR D 105 28.37 27.59 -22.40
CA THR D 105 28.68 28.61 -23.40
C THR D 105 27.81 28.62 -24.65
N ASN D 106 26.60 29.15 -24.50
CA ASN D 106 25.70 29.37 -25.63
C ASN D 106 26.35 30.39 -26.55
N ASN D 107 25.91 30.30 -27.80
CA ASN D 107 26.39 31.11 -28.90
C ASN D 107 26.78 32.47 -28.40
N ILE D 108 28.05 32.82 -28.51
CA ILE D 108 28.52 34.08 -27.94
C ILE D 108 27.80 35.25 -28.62
N THR D 109 27.60 36.35 -27.90
CA THR D 109 27.98 36.48 -26.50
C THR D 109 27.00 35.81 -25.53
N ASP D 110 25.84 36.41 -25.31
CA ASP D 110 24.86 35.77 -24.43
C ASP D 110 23.43 36.35 -24.37
N ASP D 111 22.57 35.77 -25.20
CA ASP D 111 21.18 36.15 -25.38
C ASP D 111 20.32 35.16 -24.58
N MET D 112 20.79 33.92 -24.51
CA MET D 112 20.04 32.87 -23.82
C MET D 112 20.19 32.96 -22.31
N ARG D 113 21.23 33.66 -21.87
CA ARG D 113 21.51 33.79 -20.45
C ARG D 113 21.79 32.43 -19.79
N GLY D 114 22.26 31.47 -20.58
CA GLY D 114 22.50 30.14 -20.05
C GLY D 114 21.25 29.40 -19.64
N GLU D 115 20.80 29.68 -18.43
CA GLU D 115 19.58 29.10 -17.88
C GLU D 115 19.74 27.63 -17.51
N LEU D 116 20.73 26.97 -18.09
CA LEU D 116 21.07 25.61 -17.68
C LEU D 116 22.54 25.47 -17.33
N LYS D 117 22.83 24.54 -16.43
CA LYS D 117 24.21 24.29 -16.02
C LYS D 117 24.67 22.87 -16.37
N ASN D 118 25.94 22.75 -16.76
CA ASN D 118 26.50 21.45 -17.13
C ASN D 118 26.95 20.70 -15.89
N CYS D 119 25.99 20.28 -15.08
CA CYS D 119 26.29 19.68 -13.77
C CYS D 119 26.79 18.25 -13.87
N SER D 120 27.71 17.90 -12.97
CA SER D 120 28.25 16.54 -12.89
C SER D 120 28.28 16.10 -11.44
N PHE D 121 28.31 14.79 -11.20
CA PHE D 121 28.28 14.29 -9.83
C PHE D 121 28.56 12.79 -9.74
N ASN D 122 29.05 12.37 -8.58
CA ASN D 122 29.34 10.96 -8.34
C ASN D 122 28.00 10.34 -8.08
N MET D 123 27.54 9.49 -9.00
CA MET D 123 26.23 8.90 -8.83
C MET D 123 26.30 7.41 -8.49
N THR D 124 25.48 6.97 -7.54
CA THR D 124 25.28 5.55 -7.28
C THR D 124 24.56 4.87 -8.45
N THR D 125 25.11 3.75 -8.89
CA THR D 125 24.56 3.04 -10.04
C THR D 125 23.91 1.73 -9.62
N GLU D 126 23.66 0.86 -10.59
CA GLU D 126 23.12 -0.46 -10.31
C GLU D 126 24.10 -1.25 -9.47
N LEU D 127 25.40 -0.96 -9.59
CA LEU D 127 26.38 -1.68 -8.80
C LEU D 127 26.66 -1.04 -7.45
N ARG D 128 25.69 -1.16 -6.55
CA ARG D 128 25.76 -0.49 -5.27
C ARG D 128 27.11 -0.77 -4.63
N ASP D 129 28.02 0.19 -4.75
CA ASP D 129 29.42 -0.11 -4.51
C ASP D 129 30.28 0.90 -5.25
N LYS D 130 30.67 0.55 -6.47
CA LYS D 130 31.46 1.44 -7.30
C LYS D 130 30.55 2.43 -8.01
N LYS D 131 30.80 3.72 -7.78
CA LYS D 131 29.96 4.79 -8.32
C LYS D 131 30.42 5.28 -9.68
N GLN D 132 29.58 6.07 -10.34
CA GLN D 132 29.91 6.57 -11.66
C GLN D 132 29.73 8.08 -11.79
N LYS D 133 30.80 8.78 -12.16
CA LYS D 133 30.73 10.20 -12.48
C LYS D 133 29.89 10.42 -13.74
N VAL D 134 28.74 11.06 -13.57
CA VAL D 134 27.87 11.37 -14.69
C VAL D 134 27.55 12.86 -14.74
N TYR D 135 26.78 13.25 -15.75
CA TYR D 135 26.41 14.65 -15.92
C TYR D 135 24.99 14.77 -16.48
N SER D 136 24.41 15.96 -16.32
CA SER D 136 23.08 16.24 -16.84
C SER D 136 22.81 17.73 -16.85
N LEU D 137 22.02 18.19 -17.82
CA LEU D 137 21.71 19.60 -17.93
C LEU D 137 20.46 19.94 -17.12
N PHE D 138 20.61 20.83 -16.15
CA PHE D 138 19.48 21.25 -15.32
C PHE D 138 19.20 22.74 -15.45
N TYR D 139 17.93 23.10 -15.33
CA TYR D 139 17.53 24.50 -15.35
C TYR D 139 17.84 25.14 -14.00
N ARG D 140 18.26 26.40 -14.01
CA ARG D 140 18.65 27.09 -12.79
C ARG D 140 17.45 27.41 -11.93
N LEU D 141 16.26 27.11 -12.45
CA LEU D 141 15.03 27.18 -11.68
C LEU D 141 14.84 25.95 -10.80
N ASP D 142 15.55 24.87 -11.16
CA ASP D 142 15.44 23.61 -10.43
C ASP D 142 16.51 23.49 -9.35
N VAL D 143 17.69 24.06 -9.61
CA VAL D 143 18.81 23.93 -8.70
C VAL D 143 19.15 25.23 -7.98
N VAL D 144 19.86 25.11 -6.86
CA VAL D 144 20.27 26.28 -6.09
C VAL D 144 21.66 26.09 -5.50
N GLN D 145 22.42 27.17 -5.45
CA GLN D 145 23.80 27.12 -4.95
C GLN D 145 23.83 26.72 -3.47
N ILE D 146 24.74 25.82 -3.12
CA ILE D 146 24.95 25.45 -1.72
C ILE D 146 25.94 26.43 -1.09
N ASN D 147 25.54 27.06 0.00
CA ASN D 147 26.43 27.94 0.75
C ASN D 147 26.65 29.27 0.03
N ASN D 158 34.30 25.47 -10.61
CA ASN D 158 32.87 25.23 -10.51
C ASN D 158 32.36 25.53 -9.12
N LYS D 159 31.04 25.46 -8.96
CA LYS D 159 30.42 25.69 -7.67
C LYS D 159 29.47 24.56 -7.32
N GLU D 160 29.08 24.50 -6.06
CA GLU D 160 28.21 23.45 -5.56
C GLU D 160 26.75 23.86 -5.64
N TYR D 161 25.90 22.95 -6.12
CA TYR D 161 24.47 23.23 -6.26
C TYR D 161 23.60 22.11 -5.69
N ARG D 162 22.31 22.38 -5.54
CA ARG D 162 21.41 21.39 -4.93
C ARG D 162 20.06 21.38 -5.61
N LEU D 163 19.46 20.21 -5.72
CA LEU D 163 18.11 20.08 -6.25
C LEU D 163 17.15 20.74 -5.27
N ILE D 164 16.36 21.70 -5.72
CA ILE D 164 15.61 22.55 -4.79
C ILE D 164 14.66 21.75 -3.90
N ASN D 165 14.14 20.64 -4.42
CA ASN D 165 13.14 19.88 -3.69
C ASN D 165 13.68 19.24 -2.42
N CYS D 166 14.98 19.01 -2.36
CA CYS D 166 15.57 18.20 -1.29
C CYS D 166 15.53 18.87 0.08
N ASN D 167 15.20 20.16 0.09
CA ASN D 167 15.06 20.87 1.36
C ASN D 167 13.63 20.82 1.87
N THR D 168 12.73 20.33 1.04
CA THR D 168 11.32 20.27 1.40
C THR D 168 10.73 18.86 1.49
N SER D 169 11.11 18.00 0.55
CA SER D 169 10.61 16.64 0.52
C SER D 169 11.30 15.79 -0.54
N ALA D 170 10.89 14.53 -0.64
CA ALA D 170 11.42 13.63 -1.66
C ALA D 170 10.75 13.92 -3.00
N ILE D 171 11.37 13.45 -4.08
CA ILE D 171 10.82 13.68 -5.41
C ILE D 171 10.77 12.40 -6.25
N THR D 172 9.66 12.23 -6.98
CA THR D 172 9.42 11.01 -7.74
C THR D 172 9.39 11.30 -9.23
N GLN D 173 10.05 10.45 -10.01
CA GLN D 173 10.02 10.58 -11.46
C GLN D 173 8.70 10.08 -12.03
N ALA D 174 8.03 10.93 -12.81
CA ALA D 174 6.86 10.51 -13.56
C ALA D 174 7.26 9.49 -14.62
N CYS D 175 6.47 8.42 -14.74
CA CYS D 175 6.75 7.38 -15.72
C CYS D 175 6.78 7.97 -17.13
N PRO D 176 7.68 7.45 -17.95
CA PRO D 176 7.84 7.98 -19.31
C PRO D 176 6.69 7.53 -20.21
N LYS D 177 5.98 6.50 -19.79
CA LYS D 177 4.87 5.99 -20.59
C LYS D 177 3.59 6.78 -20.35
N VAL D 178 3.28 7.06 -19.09
CA VAL D 178 2.08 7.82 -18.77
C VAL D 178 2.16 9.26 -19.28
N SER D 179 1.03 9.78 -19.74
CA SER D 179 0.98 11.14 -20.27
C SER D 179 0.20 12.06 -19.34
N PHE D 180 -0.01 13.30 -19.77
CA PHE D 180 -0.75 14.26 -18.96
C PHE D 180 -1.86 14.92 -19.79
N GLU D 181 -2.04 14.44 -21.02
CA GLU D 181 -3.09 14.95 -21.90
C GLU D 181 -4.45 14.91 -21.20
N PRO D 182 -5.06 16.09 -21.01
CA PRO D 182 -6.44 16.21 -20.51
C PRO D 182 -7.44 15.45 -21.37
N ILE D 183 -8.23 14.58 -20.74
CA ILE D 183 -9.25 13.81 -21.44
C ILE D 183 -10.64 14.20 -20.93
N PRO D 184 -11.58 14.45 -21.86
CA PRO D 184 -12.98 14.74 -21.52
C PRO D 184 -13.60 13.71 -20.56
N ILE D 185 -14.02 14.19 -19.39
CA ILE D 185 -14.67 13.32 -18.41
C ILE D 185 -16.13 13.71 -18.20
N HIS D 186 -17.00 12.71 -18.21
CA HIS D 186 -18.41 12.93 -17.89
C HIS D 186 -18.72 12.48 -16.47
N TYR D 187 -19.58 13.22 -15.79
CA TYR D 187 -19.98 12.87 -14.43
C TYR D 187 -21.43 12.41 -14.40
N CYS D 188 -21.69 11.33 -13.66
CA CYS D 188 -23.05 10.83 -13.52
C CYS D 188 -23.47 10.66 -12.07
N ALA D 189 -24.76 10.87 -11.81
CA ALA D 189 -25.33 10.64 -10.49
C ALA D 189 -25.99 9.27 -10.43
N PRO D 190 -25.95 8.62 -9.25
CA PRO D 190 -26.65 7.34 -9.03
C PRO D 190 -28.17 7.48 -9.02
N ALA D 191 -28.86 6.37 -9.25
CA ALA D 191 -30.31 6.37 -9.32
C ALA D 191 -30.93 7.03 -8.09
N GLY D 192 -31.94 7.88 -8.32
CA GLY D 192 -32.56 8.63 -7.26
C GLY D 192 -32.05 10.06 -7.24
N PHE D 193 -30.96 10.30 -7.94
CA PHE D 193 -30.41 11.64 -8.08
C PHE D 193 -30.43 12.08 -9.54
N ALA D 194 -30.63 13.37 -9.76
CA ALA D 194 -30.80 13.90 -11.11
C ALA D 194 -29.73 14.94 -11.39
N ILE D 195 -29.23 14.96 -12.62
CA ILE D 195 -28.36 16.04 -13.07
C ILE D 195 -29.17 17.13 -13.77
N LEU D 196 -29.28 18.28 -13.13
CA LEU D 196 -30.05 19.37 -13.67
C LEU D 196 -29.15 20.32 -14.47
N LYS D 197 -29.64 20.80 -15.61
CA LYS D 197 -28.81 21.72 -16.39
C LYS D 197 -29.59 22.85 -17.03
N CYS D 198 -29.29 24.07 -16.61
CA CYS D 198 -29.97 25.23 -17.16
C CYS D 198 -29.41 25.45 -18.55
N LYS D 199 -30.26 25.95 -19.45
CA LYS D 199 -29.82 26.26 -20.80
C LYS D 199 -29.88 27.76 -20.99
N ASP D 200 -30.17 28.48 -19.91
CA ASP D 200 -30.28 29.93 -19.98
C ASP D 200 -28.92 30.52 -20.35
N LYS D 201 -28.85 31.21 -21.47
CA LYS D 201 -27.61 31.83 -21.90
C LYS D 201 -27.16 32.92 -20.94
N LYS D 202 -28.11 33.45 -20.18
CA LYS D 202 -27.79 34.43 -19.14
C LYS D 202 -27.68 33.77 -17.78
N PHE D 203 -26.76 34.25 -16.97
CA PHE D 203 -26.55 33.71 -15.63
C PHE D 203 -25.60 34.60 -14.83
N ASN D 204 -26.03 34.98 -13.64
CA ASN D 204 -25.25 35.91 -12.84
C ASN D 204 -24.27 35.16 -11.94
N GLY D 205 -24.38 33.84 -11.96
CA GLY D 205 -23.65 32.98 -11.03
C GLY D 205 -24.59 32.34 -10.02
N THR D 206 -25.79 32.90 -9.88
CA THR D 206 -26.78 32.34 -8.97
C THR D 206 -28.15 33.00 -9.15
N GLY D 207 -29.20 32.23 -8.88
CA GLY D 207 -30.56 32.72 -9.04
C GLY D 207 -31.42 31.83 -9.92
N PRO D 208 -32.69 32.21 -10.12
CA PRO D 208 -33.65 31.40 -10.87
C PRO D 208 -33.35 31.35 -12.36
N CYS D 209 -33.53 30.19 -12.98
CA CYS D 209 -33.36 30.05 -14.43
C CYS D 209 -34.68 29.73 -15.12
N PRO D 210 -35.18 30.65 -15.94
CA PRO D 210 -36.42 30.47 -16.71
C PRO D 210 -36.41 29.20 -17.56
N SER D 211 -35.24 28.83 -18.08
CA SER D 211 -35.14 27.68 -18.97
C SER D 211 -34.24 26.59 -18.37
N VAL D 212 -34.86 25.62 -17.69
CA VAL D 212 -34.13 24.52 -17.09
C VAL D 212 -34.40 23.21 -17.83
N SER D 213 -33.34 22.45 -18.09
CA SER D 213 -33.47 21.10 -18.62
C SER D 213 -32.83 20.10 -17.67
N THR D 214 -32.79 18.83 -18.07
CA THR D 214 -32.04 17.82 -17.32
C THR D 214 -31.40 16.78 -18.23
N VAL D 215 -30.31 16.20 -17.75
CA VAL D 215 -29.50 15.28 -18.56
C VAL D 215 -29.22 14.00 -17.77
N GLN D 216 -28.77 12.97 -18.47
CA GLN D 216 -28.35 11.75 -17.81
C GLN D 216 -27.06 12.16 -17.12
N CYS D 217 -26.06 12.57 -17.91
CA CYS D 217 -24.75 12.91 -17.38
C CYS D 217 -24.25 14.23 -17.96
N THR D 218 -23.13 14.72 -17.44
CA THR D 218 -22.58 16.00 -17.88
C THR D 218 -21.87 15.85 -19.21
N HIS D 219 -21.57 16.97 -19.86
CA HIS D 219 -20.74 16.95 -21.06
C HIS D 219 -19.28 16.72 -20.70
N GLY D 220 -18.51 16.27 -21.67
CA GLY D 220 -17.10 15.98 -21.46
C GLY D 220 -16.33 17.21 -21.02
N ILE D 221 -15.79 17.16 -19.80
CA ILE D 221 -14.95 18.24 -19.31
C ILE D 221 -13.49 17.79 -19.16
N LYS D 222 -12.59 18.50 -19.83
CA LYS D 222 -11.16 18.20 -19.74
C LYS D 222 -10.56 18.80 -18.47
N PRO D 223 -9.81 17.99 -17.71
CA PRO D 223 -9.20 18.43 -16.46
C PRO D 223 -7.94 19.27 -16.70
N VAL D 224 -8.10 20.42 -17.34
CA VAL D 224 -6.97 21.26 -17.71
C VAL D 224 -6.49 22.09 -16.52
N VAL D 225 -5.24 21.89 -16.10
CA VAL D 225 -4.67 22.65 -15.00
C VAL D 225 -3.91 23.86 -15.54
N SER D 226 -4.33 25.05 -15.11
CA SER D 226 -3.67 26.28 -15.51
C SER D 226 -3.99 27.43 -14.57
N THR D 227 -3.10 28.42 -14.54
CA THR D 227 -3.32 29.61 -13.72
C THR D 227 -3.54 30.85 -14.61
N GLN D 228 -4.21 31.86 -14.06
CA GLN D 228 -4.41 33.10 -14.80
C GLN D 228 -5.31 32.97 -16.01
N LEU D 229 -4.84 32.24 -17.02
CA LEU D 229 -5.59 31.98 -18.23
C LEU D 229 -6.27 30.61 -18.21
N LEU D 230 -7.50 30.54 -18.72
CA LEU D 230 -8.20 29.27 -18.85
C LEU D 230 -8.06 28.73 -20.27
N LEU D 231 -7.77 27.45 -20.39
CA LEU D 231 -7.49 26.85 -21.70
C LEU D 231 -8.44 25.71 -22.05
N ASN D 232 -8.81 25.64 -23.33
CA ASN D 232 -9.63 24.57 -23.88
C ASN D 232 -10.92 24.30 -23.09
N GLY D 233 -11.55 25.38 -22.63
CA GLY D 233 -12.83 25.26 -21.95
C GLY D 233 -14.01 25.42 -22.89
N SER D 234 -15.19 25.67 -22.32
CA SER D 234 -16.39 25.89 -23.11
C SER D 234 -16.59 27.38 -23.41
N LEU D 235 -17.38 27.68 -24.43
CA LEU D 235 -17.63 29.05 -24.86
C LEU D 235 -18.96 29.57 -24.30
N ALA D 236 -19.03 30.88 -24.09
CA ALA D 236 -20.27 31.50 -23.68
C ALA D 236 -21.07 31.99 -24.88
N GLU D 237 -22.40 32.05 -24.73
CA GLU D 237 -23.27 32.60 -25.74
C GLU D 237 -23.60 34.05 -25.43
N GLU D 238 -24.21 34.73 -26.41
CA GLU D 238 -24.56 36.16 -26.29
C GLU D 238 -23.32 37.03 -26.11
N GLU D 239 -23.13 37.54 -24.90
CA GLU D 239 -22.04 38.47 -24.63
C GLU D 239 -21.02 37.83 -23.68
N VAL D 240 -19.95 38.57 -23.37
CA VAL D 240 -18.94 38.05 -22.45
C VAL D 240 -19.54 37.90 -21.06
N MET D 241 -19.26 36.80 -20.37
CA MET D 241 -19.86 36.61 -19.06
C MET D 241 -18.98 36.98 -17.88
N ILE D 242 -19.53 37.78 -16.99
CA ILE D 242 -18.84 38.18 -15.77
C ILE D 242 -19.50 37.52 -14.57
N ARG D 243 -18.77 36.66 -13.87
CA ARG D 243 -19.33 36.00 -12.70
C ARG D 243 -18.41 36.17 -11.49
N SER D 244 -18.98 36.55 -10.35
CA SER D 244 -18.21 36.71 -9.12
C SER D 244 -19.08 36.50 -7.88
N GLU D 245 -18.49 35.92 -6.84
CA GLU D 245 -19.25 35.70 -5.60
C GLU D 245 -19.74 37.02 -5.04
N ASN D 246 -18.97 38.08 -5.27
CA ASN D 246 -19.31 39.41 -4.78
C ASN D 246 -18.50 40.46 -5.53
N ILE D 247 -19.09 41.03 -6.57
CA ILE D 247 -18.39 41.96 -7.45
C ILE D 247 -17.79 43.14 -6.67
N THR D 248 -18.53 43.62 -5.68
CA THR D 248 -18.14 44.81 -4.94
C THR D 248 -17.01 44.51 -3.95
N ASN D 249 -16.84 43.24 -3.62
CA ASN D 249 -15.82 42.82 -2.67
C ASN D 249 -14.53 42.44 -3.38
N ASN D 250 -13.50 43.27 -3.22
CA ASN D 250 -12.24 43.06 -3.93
C ASN D 250 -11.33 42.05 -3.23
N ALA D 251 -11.88 41.42 -2.19
CA ALA D 251 -11.25 40.27 -1.55
C ALA D 251 -11.65 39.01 -2.31
N LYS D 252 -12.61 39.14 -3.22
CA LYS D 252 -13.03 38.04 -4.07
C LYS D 252 -12.34 38.15 -5.42
N ASN D 253 -12.81 37.39 -6.40
CA ASN D 253 -12.25 37.45 -7.74
C ASN D 253 -13.32 37.38 -8.83
N ILE D 254 -12.90 37.46 -10.08
CA ILE D 254 -13.85 37.55 -11.18
C ILE D 254 -13.58 36.47 -12.22
N LEU D 255 -14.62 35.75 -12.60
CA LEU D 255 -14.51 34.79 -13.70
C LEU D 255 -15.03 35.39 -15.01
N VAL D 256 -14.18 35.40 -16.02
CA VAL D 256 -14.56 35.91 -17.33
C VAL D 256 -14.58 34.78 -18.35
N GLN D 257 -15.74 34.57 -18.99
CA GLN D 257 -15.86 33.54 -20.01
C GLN D 257 -16.00 34.18 -21.38
N PHE D 258 -15.18 33.74 -22.33
CA PHE D 258 -15.17 34.32 -23.66
C PHE D 258 -16.29 33.79 -24.56
N ASN D 259 -16.49 34.48 -25.67
CA ASN D 259 -17.46 34.10 -26.68
C ASN D 259 -16.77 33.44 -27.86
N THR D 260 -15.54 33.83 -28.11
CA THR D 260 -14.79 33.34 -29.27
C THR D 260 -13.41 32.84 -28.82
N PRO D 261 -13.04 31.66 -29.27
CA PRO D 261 -11.72 31.12 -28.92
C PRO D 261 -10.59 32.07 -29.31
N VAL D 262 -9.71 32.36 -28.36
CA VAL D 262 -8.52 33.15 -28.63
C VAL D 262 -7.30 32.24 -28.78
N GLN D 263 -6.82 32.07 -30.01
CA GLN D 263 -5.72 31.17 -30.30
C GLN D 263 -4.44 31.60 -29.58
N ILE D 264 -3.76 30.64 -28.97
CA ILE D 264 -2.40 30.87 -28.48
C ILE D 264 -1.49 29.71 -28.88
N ASN D 265 -0.33 30.05 -29.44
CA ASN D 265 0.57 29.04 -29.99
C ASN D 265 1.96 29.10 -29.36
N CYS D 266 2.28 28.09 -28.56
CA CYS D 266 3.50 28.13 -27.76
C CYS D 266 4.52 27.10 -28.22
N THR D 267 5.80 27.45 -28.17
CA THR D 267 6.85 26.65 -28.79
C THR D 267 8.09 26.51 -27.93
N ARG D 268 8.72 25.35 -28.02
CA ARG D 268 10.01 25.10 -27.37
C ARG D 268 10.98 24.54 -28.41
N PRO D 269 11.72 25.43 -29.08
CA PRO D 269 12.55 25.06 -30.22
C PRO D 269 13.89 24.43 -29.82
N ASN D 270 13.84 23.26 -29.20
CA ASN D 270 15.03 22.59 -28.71
C ASN D 270 14.99 21.09 -29.00
N ASN D 271 15.65 20.68 -30.10
CA ASN D 271 15.71 19.24 -30.46
C ASN D 271 16.73 18.57 -29.54
N ASN D 272 16.40 18.44 -28.25
CA ASN D 272 17.30 17.86 -27.26
C ASN D 272 17.12 16.36 -27.07
N THR D 273 18.17 15.71 -26.57
CA THR D 273 18.20 14.27 -26.44
C THR D 273 17.99 13.86 -24.98
N ARG D 274 17.85 12.56 -24.75
CA ARG D 274 17.62 12.06 -23.41
C ARG D 274 18.65 11.01 -22.99
N LYS D 275 19.78 11.49 -22.48
CA LYS D 275 20.82 10.60 -21.98
C LYS D 275 20.34 9.91 -20.73
N SER D 276 19.50 8.89 -20.90
CA SER D 276 19.03 8.11 -19.76
C SER D 276 20.16 7.41 -19.03
N ILE D 277 20.15 7.47 -17.71
CA ILE D 277 21.23 6.89 -16.92
C ILE D 277 20.66 5.78 -16.02
N ARG D 278 21.26 4.61 -16.08
CA ARG D 278 20.76 3.46 -15.32
C ARG D 278 21.12 3.53 -13.83
N ILE D 279 20.51 4.47 -13.12
CA ILE D 279 20.79 4.63 -11.71
C ILE D 279 19.83 3.69 -11.00
N GLY D 280 20.13 2.40 -11.10
CA GLY D 280 19.28 1.38 -10.53
C GLY D 280 19.46 1.25 -9.02
N PRO D 281 19.51 -0.01 -8.42
CA PRO D 281 19.44 -1.17 -9.32
C PRO D 281 18.10 -1.24 -10.03
N GLY D 282 18.13 -1.69 -11.28
CA GLY D 282 16.91 -1.99 -12.01
C GLY D 282 16.21 -0.78 -12.56
N GLN D 283 15.80 0.13 -11.66
CA GLN D 283 15.06 1.31 -12.09
C GLN D 283 15.93 2.29 -12.87
N ALA D 284 15.33 2.94 -13.85
CA ALA D 284 16.09 3.83 -14.74
C ALA D 284 15.68 5.29 -14.61
N PHE D 285 16.64 6.19 -14.80
CA PHE D 285 16.39 7.61 -14.68
C PHE D 285 16.61 8.25 -16.03
N TYR D 286 15.75 9.20 -16.40
CA TYR D 286 15.91 9.91 -17.65
C TYR D 286 16.49 11.30 -17.41
N ALA D 287 17.80 11.42 -17.61
CA ALA D 287 18.49 12.70 -17.46
C ALA D 287 18.40 13.52 -18.73
N THR D 288 18.91 14.75 -18.70
CA THR D 288 18.91 15.58 -19.90
C THR D 288 20.21 15.44 -20.70
N GLY D 289 20.08 14.99 -21.94
CA GLY D 289 21.23 14.76 -22.80
C GLY D 289 21.96 16.01 -23.26
N ASP D 290 21.75 16.38 -24.52
CA ASP D 290 22.32 17.59 -25.08
C ASP D 290 21.23 18.45 -25.70
N ILE D 291 21.46 19.77 -25.76
CA ILE D 291 20.53 20.68 -26.37
C ILE D 291 21.05 21.24 -27.69
N ILE D 292 20.38 20.92 -28.78
CA ILE D 292 20.80 21.35 -30.11
C ILE D 292 19.64 21.90 -30.91
N GLY D 293 19.94 22.62 -31.98
CA GLY D 293 18.90 23.26 -32.78
C GLY D 293 18.82 24.76 -32.58
N ASP D 294 17.62 25.31 -32.76
CA ASP D 294 17.40 26.74 -32.72
C ASP D 294 17.38 27.27 -31.29
N ILE D 295 18.56 27.56 -30.74
CA ILE D 295 18.67 27.94 -29.35
C ILE D 295 18.00 29.29 -29.13
N ARG D 296 16.68 29.28 -29.04
CA ARG D 296 15.91 30.47 -28.67
C ARG D 296 15.08 30.16 -27.42
N GLN D 297 14.71 31.20 -26.67
CA GLN D 297 13.90 31.01 -25.47
C GLN D 297 12.51 30.58 -25.87
N ALA D 298 11.93 29.64 -25.13
CA ALA D 298 10.57 29.23 -25.45
C ALA D 298 9.65 30.41 -25.21
N HIS D 299 8.59 30.48 -26.00
CA HIS D 299 7.70 31.63 -26.00
C HIS D 299 6.35 31.26 -26.59
N CYS D 300 5.39 32.16 -26.42
CA CYS D 300 4.06 31.97 -26.99
C CYS D 300 3.72 33.08 -27.98
N ASN D 301 2.98 32.70 -29.01
CA ASN D 301 2.47 33.65 -30.01
C ASN D 301 0.98 33.91 -29.89
N VAL D 302 0.64 35.18 -29.73
CA VAL D 302 -0.74 35.60 -29.57
C VAL D 302 -1.10 36.61 -30.67
N SER D 303 -2.25 36.40 -31.29
CA SER D 303 -2.83 37.36 -32.23
C SER D 303 -3.27 38.62 -31.49
N LYS D 304 -2.50 39.68 -31.70
CA LYS D 304 -2.67 40.94 -30.98
C LYS D 304 -4.01 41.65 -31.19
N ALA D 305 -4.41 41.82 -32.43
CA ALA D 305 -5.69 42.44 -32.73
C ALA D 305 -6.85 41.68 -32.11
N THR D 306 -6.76 40.35 -32.13
CA THR D 306 -7.77 39.50 -31.52
C THR D 306 -7.87 39.74 -30.01
N TRP D 307 -6.72 39.76 -29.34
CA TRP D 307 -6.67 40.07 -27.92
C TRP D 307 -7.30 41.43 -27.61
N ASN D 308 -6.94 42.44 -28.40
CA ASN D 308 -7.42 43.78 -28.17
C ASN D 308 -8.94 43.82 -28.29
N GLU D 309 -9.43 43.21 -29.36
CA GLU D 309 -10.86 43.14 -29.63
C GLU D 309 -11.64 42.46 -28.50
N THR D 310 -11.21 41.28 -28.10
CA THR D 310 -11.87 40.55 -27.03
C THR D 310 -11.79 41.31 -25.70
N LEU D 311 -10.61 41.86 -25.42
CA LEU D 311 -10.43 42.57 -24.16
C LEU D 311 -11.46 43.67 -24.08
N GLY D 312 -11.63 44.37 -25.20
CA GLY D 312 -12.63 45.43 -25.27
C GLY D 312 -13.99 44.89 -24.90
N LYS D 313 -14.35 43.74 -25.46
CA LYS D 313 -15.66 43.18 -25.19
C LYS D 313 -15.82 42.90 -23.69
N VAL D 314 -14.73 42.48 -23.06
CA VAL D 314 -14.71 42.27 -21.61
C VAL D 314 -14.95 43.58 -20.87
N VAL D 315 -14.28 44.65 -21.30
CA VAL D 315 -14.40 45.94 -20.67
C VAL D 315 -15.83 46.48 -20.76
N LYS D 316 -16.54 46.09 -21.81
CA LYS D 316 -17.90 46.54 -21.98
C LYS D 316 -18.71 46.06 -20.78
N GLN D 317 -18.33 44.89 -20.26
CA GLN D 317 -19.14 44.23 -19.25
C GLN D 317 -18.86 44.85 -17.89
N LEU D 318 -17.44 45.07 -18.01
CA LEU D 318 -17.06 45.75 -16.79
C LEU D 318 -17.77 47.09 -16.65
N ARG D 319 -17.90 47.81 -17.75
CA ARG D 319 -18.58 49.10 -17.72
C ARG D 319 -19.95 48.90 -17.11
N LYS D 320 -20.71 47.98 -17.70
CA LYS D 320 -22.04 47.61 -17.22
C LYS D 320 -22.11 47.31 -15.73
N HIS D 321 -21.13 47.11 -14.71
CA HIS D 321 -21.15 46.80 -13.28
C HIS D 321 -20.33 47.80 -12.47
N PHE D 322 -19.91 48.88 -13.10
CA PHE D 322 -19.09 49.88 -12.43
C PHE D 322 -19.40 51.31 -12.84
N GLY D 323 -20.01 51.47 -14.02
CA GLY D 323 -20.52 52.76 -14.41
C GLY D 323 -20.14 53.19 -15.80
N ASN D 324 -20.82 54.21 -16.31
CA ASN D 324 -20.60 54.69 -17.66
C ASN D 324 -19.64 55.88 -17.64
N ASN D 325 -18.90 56.01 -16.53
CA ASN D 325 -17.91 57.07 -16.41
C ASN D 325 -16.74 56.68 -15.51
N THR D 326 -16.20 55.49 -15.74
CA THR D 326 -15.05 55.01 -14.96
C THR D 326 -13.91 54.55 -15.88
N ILE D 327 -12.73 54.39 -15.30
CA ILE D 327 -11.54 54.05 -16.06
C ILE D 327 -11.03 52.65 -15.71
N ILE D 328 -10.74 51.85 -16.73
CA ILE D 328 -10.34 50.46 -16.53
C ILE D 328 -8.89 50.25 -16.96
N ARG D 329 -8.05 49.82 -16.03
CA ARG D 329 -6.66 49.52 -16.32
C ARG D 329 -6.31 48.06 -16.06
N PHE D 330 -5.46 47.49 -16.91
CA PHE D 330 -5.01 46.12 -16.73
C PHE D 330 -3.51 46.06 -16.51
N ALA D 331 -3.10 45.26 -15.52
CA ALA D 331 -1.69 45.13 -15.17
C ALA D 331 -1.37 43.70 -14.76
N ASN D 332 -0.10 43.40 -14.55
CA ASN D 332 0.32 42.08 -14.11
C ASN D 332 0.11 41.90 -12.60
N SER D 333 0.50 40.72 -12.10
CA SER D 333 0.24 40.35 -10.72
C SER D 333 1.07 41.13 -9.72
N SER D 334 0.84 40.89 -8.43
CA SER D 334 1.57 41.56 -7.37
C SER D 334 2.96 40.98 -7.19
N GLY D 335 3.23 39.87 -7.87
CA GLY D 335 4.51 39.19 -7.77
C GLY D 335 4.55 38.21 -6.61
N GLY D 336 5.71 37.59 -6.41
CA GLY D 336 5.87 36.61 -5.35
C GLY D 336 6.20 35.23 -5.89
N ASP D 337 5.46 34.22 -5.43
CA ASP D 337 5.66 32.85 -5.86
C ASP D 337 5.46 32.71 -7.37
N LEU D 338 6.48 32.22 -8.06
CA LEU D 338 6.46 32.13 -9.51
C LEU D 338 5.18 31.45 -9.99
N GLU D 339 4.73 30.45 -9.25
CA GLU D 339 3.54 29.68 -9.63
C GLU D 339 2.31 30.56 -9.77
N VAL D 340 2.23 31.59 -8.93
CA VAL D 340 1.12 32.54 -9.02
C VAL D 340 1.47 33.72 -9.91
N THR D 341 2.70 34.20 -9.82
CA THR D 341 3.15 35.34 -10.60
C THR D 341 2.93 35.18 -12.10
N THR D 342 3.36 34.04 -12.65
CA THR D 342 3.28 33.82 -14.09
C THR D 342 2.18 32.83 -14.46
N HIS D 343 1.95 32.69 -15.76
CA HIS D 343 0.97 31.73 -16.27
C HIS D 343 1.61 30.35 -16.40
N SER D 344 1.11 29.41 -15.59
CA SER D 344 1.61 28.04 -15.62
C SER D 344 0.65 27.13 -16.38
N PHE D 345 1.20 26.21 -17.17
CA PHE D 345 0.38 25.22 -17.87
C PHE D 345 1.23 24.06 -18.38
N ASN D 346 0.58 22.94 -18.68
CA ASN D 346 1.28 21.76 -19.18
C ASN D 346 1.05 21.58 -20.67
N CYS D 347 2.14 21.37 -21.42
CA CYS D 347 2.06 20.98 -22.81
C CYS D 347 2.94 19.78 -23.11
N GLY D 348 2.33 18.63 -23.28
CA GLY D 348 3.05 17.42 -23.67
C GLY D 348 3.91 16.85 -22.56
N GLY D 349 3.62 17.24 -21.32
CA GLY D 349 4.42 16.80 -20.18
C GLY D 349 5.36 17.86 -19.68
N GLU D 350 5.65 18.85 -20.52
CA GLU D 350 6.53 19.96 -20.13
C GLU D 350 5.73 21.06 -19.44
N PHE D 351 6.36 21.70 -18.45
CA PHE D 351 5.68 22.72 -17.67
C PHE D 351 6.20 24.11 -18.02
N PHE D 352 5.31 24.98 -18.46
CA PHE D 352 5.70 26.31 -18.90
C PHE D 352 5.31 27.39 -17.88
N TYR D 353 6.16 28.40 -17.76
CA TYR D 353 5.88 29.57 -16.95
C TYR D 353 6.13 30.82 -17.80
N CYS D 354 5.05 31.49 -18.17
CA CYS D 354 5.12 32.62 -19.10
C CYS D 354 4.77 33.97 -18.49
N ASN D 355 5.52 34.99 -18.92
CA ASN D 355 5.36 36.35 -18.45
C ASN D 355 4.20 37.06 -19.17
N THR D 356 3.02 37.04 -18.57
CA THR D 356 1.82 37.53 -19.23
C THR D 356 1.69 39.05 -19.18
N SER D 357 2.76 39.71 -18.74
CA SER D 357 2.81 41.16 -18.78
C SER D 357 2.55 41.66 -20.20
N GLY D 358 2.96 40.88 -21.19
CA GLY D 358 2.77 41.24 -22.59
C GLY D 358 1.31 41.26 -23.00
N LEU D 359 0.45 40.61 -22.22
CA LEU D 359 -0.98 40.63 -22.47
C LEU D 359 -1.68 41.64 -21.59
N PHE D 360 -1.54 41.47 -20.28
CA PHE D 360 -2.20 42.31 -19.29
C PHE D 360 -1.48 43.64 -19.08
N ASN D 361 -1.50 44.47 -20.11
CA ASN D 361 -0.92 45.81 -20.04
C ASN D 361 -1.70 46.81 -20.90
N SER D 362 -2.80 47.34 -20.34
CA SER D 362 -3.67 48.21 -21.11
C SER D 362 -4.48 49.08 -20.17
N THR D 363 -5.33 49.73 -21.15
CA THR D 363 -6.19 50.66 -20.42
C THR D 363 -7.39 51.05 -21.27
N TRP D 364 -8.47 51.47 -20.63
CA TRP D 364 -9.61 52.03 -21.35
C TRP D 364 -10.15 53.28 -20.67
N ILE D 365 -10.68 54.19 -21.48
CA ILE D 365 -10.98 55.53 -21.03
C ILE D 365 -12.23 55.55 -20.15
N SER D 366 -13.10 56.52 -20.37
CA SER D 366 -14.25 56.74 -19.50
C SER D 366 -15.56 56.25 -20.13
N ASN D 367 -15.65 56.33 -21.45
CA ASN D 367 -16.88 55.90 -22.10
C ASN D 367 -16.67 55.64 -23.59
N ASN D 379 1.36 42.16 -38.15
CA ASN D 379 0.45 41.03 -37.97
C ASN D 379 -0.92 41.42 -37.42
N ASP D 380 -0.95 42.12 -36.28
CA ASP D 380 0.16 42.15 -35.32
C ASP D 380 0.05 41.00 -34.33
N SER D 381 1.15 40.73 -33.63
CA SER D 381 1.19 39.59 -32.71
C SER D 381 2.03 39.90 -31.48
N ILE D 382 1.83 39.12 -30.42
CA ILE D 382 2.54 39.34 -29.16
C ILE D 382 3.40 38.12 -28.82
N THR D 383 4.64 38.38 -28.46
CA THR D 383 5.55 37.32 -28.01
C THR D 383 5.64 37.29 -26.49
N LEU D 384 5.32 36.14 -25.89
CA LEU D 384 5.38 35.98 -24.45
C LEU D 384 6.55 35.10 -24.02
N PRO D 385 7.56 35.68 -23.35
CA PRO D 385 8.72 34.95 -22.85
C PRO D 385 8.32 33.87 -21.82
N CYS D 386 8.79 32.64 -22.02
CA CYS D 386 8.45 31.56 -21.09
C CYS D 386 9.69 30.88 -20.52
N ARG D 387 9.50 30.19 -19.41
CA ARG D 387 10.58 29.46 -18.75
C ARG D 387 10.15 28.02 -18.58
N ILE D 388 11.11 27.12 -18.46
CA ILE D 388 10.80 25.70 -18.30
C ILE D 388 11.27 25.21 -16.94
N LYS D 389 10.43 24.47 -16.25
CA LYS D 389 10.83 23.90 -14.97
C LYS D 389 10.69 22.38 -15.05
N GLN D 390 11.46 21.67 -14.24
CA GLN D 390 11.34 20.21 -14.22
C GLN D 390 10.85 19.71 -12.87
N ILE D 391 11.07 20.50 -11.83
CA ILE D 391 10.55 20.19 -10.50
C ILE D 391 9.33 21.06 -10.20
N ILE D 392 8.17 20.43 -10.05
CA ILE D 392 6.94 21.18 -9.83
C ILE D 392 6.14 20.69 -8.63
N ASN D 393 5.27 21.58 -8.14
CA ASN D 393 4.40 21.29 -7.00
C ASN D 393 2.93 21.51 -7.36
N MET D 394 2.14 20.43 -7.32
CA MET D 394 0.75 20.50 -7.75
C MET D 394 -0.20 21.00 -6.64
N TRP D 395 -1.07 21.89 -7.08
CA TRP D 395 -2.23 22.33 -6.35
C TRP D 395 -1.81 22.86 -5.03
N GLN D 396 -0.69 23.59 -5.02
CA GLN D 396 -0.28 24.33 -3.86
C GLN D 396 0.06 23.33 -2.77
N ARG D 397 0.29 22.08 -3.17
CA ARG D 397 0.53 21.09 -2.14
C ARG D 397 2.00 20.93 -1.80
N ILE D 398 2.32 21.08 -0.52
CA ILE D 398 3.69 20.93 -0.05
C ILE D 398 3.79 19.59 0.65
N GLY D 399 5.01 19.05 0.73
CA GLY D 399 5.21 17.76 1.35
C GLY D 399 5.59 16.71 0.31
N GLN D 400 5.44 17.07 -0.95
CA GLN D 400 5.86 16.19 -2.04
C GLN D 400 6.06 16.98 -3.34
N ALA D 401 6.79 16.37 -4.27
CA ALA D 401 7.10 17.02 -5.54
C ALA D 401 7.29 16.00 -6.63
N MET D 402 7.10 16.42 -7.88
CA MET D 402 7.18 15.49 -9.00
C MET D 402 8.18 15.98 -10.06
N TYR D 403 9.00 15.06 -10.54
CA TYR D 403 10.01 15.38 -11.55
C TYR D 403 9.46 15.06 -12.93
N ALA D 404 9.43 16.07 -13.79
CA ALA D 404 9.01 15.85 -15.16
C ALA D 404 10.20 15.31 -15.92
N PRO D 405 9.97 14.20 -16.72
CA PRO D 405 11.12 13.79 -17.54
C PRO D 405 11.26 14.74 -18.73
N PRO D 406 12.55 15.03 -19.14
CA PRO D 406 12.61 15.85 -20.36
C PRO D 406 11.99 15.13 -21.55
N ILE D 407 11.19 15.86 -22.33
CA ILE D 407 10.57 15.28 -23.52
C ILE D 407 11.45 15.47 -24.75
N GLN D 408 11.81 14.38 -25.40
CA GLN D 408 12.79 14.42 -26.48
C GLN D 408 12.23 15.11 -27.71
N GLY D 409 13.06 15.94 -28.34
CA GLY D 409 12.66 16.63 -29.56
C GLY D 409 12.00 17.98 -29.34
N VAL D 410 11.70 18.66 -30.43
CA VAL D 410 11.10 19.98 -30.38
C VAL D 410 9.63 19.88 -29.97
N ILE D 411 9.24 20.69 -28.99
CA ILE D 411 7.87 20.67 -28.47
C ILE D 411 7.12 21.95 -28.81
N ARG D 412 6.01 21.82 -29.52
CA ARG D 412 5.17 22.97 -29.87
C ARG D 412 3.72 22.57 -29.93
N CYS D 413 2.84 23.43 -29.43
CA CYS D 413 1.41 23.13 -29.40
C CYS D 413 0.57 24.40 -29.43
N VAL D 414 -0.74 24.24 -29.59
CA VAL D 414 -1.65 25.35 -29.73
C VAL D 414 -2.95 25.05 -29.00
N SER D 415 -3.54 26.08 -28.39
CA SER D 415 -4.77 25.89 -27.63
C SER D 415 -5.69 27.11 -27.68
N ASN D 416 -6.88 26.95 -27.15
CA ASN D 416 -7.88 28.02 -27.11
C ASN D 416 -7.98 28.65 -25.74
N ILE D 417 -7.72 29.95 -25.65
CA ILE D 417 -7.96 30.67 -24.41
C ILE D 417 -9.45 30.96 -24.34
N THR D 418 -10.09 30.49 -23.27
CA THR D 418 -11.54 30.55 -23.18
C THR D 418 -12.04 31.32 -21.97
N GLY D 419 -11.12 31.95 -21.24
CA GLY D 419 -11.52 32.75 -20.09
C GLY D 419 -10.39 33.30 -19.26
N LEU D 420 -10.72 34.18 -18.33
CA LEU D 420 -9.72 34.83 -17.48
C LEU D 420 -10.03 34.62 -16.01
N ILE D 421 -8.97 34.49 -15.21
CA ILE D 421 -9.09 34.55 -13.75
C ILE D 421 -8.56 35.90 -13.28
N LEU D 422 -9.47 36.84 -13.03
CA LEU D 422 -9.09 38.21 -12.69
C LEU D 422 -9.38 38.54 -11.24
N THR D 423 -8.60 39.49 -10.70
CA THR D 423 -8.81 40.00 -9.36
C THR D 423 -8.96 41.52 -9.40
N ARG D 424 -9.70 42.06 -8.44
CA ARG D 424 -9.96 43.50 -8.40
C ARG D 424 -9.04 44.20 -7.40
N ASP D 425 -8.32 45.21 -7.86
CA ASP D 425 -7.35 45.93 -7.03
C ASP D 425 -8.00 46.48 -5.76
N THR D 429 -9.58 57.18 -2.70
CA THR D 429 -9.08 57.07 -4.09
C THR D 429 -9.78 56.04 -4.97
N ASN D 430 -11.06 55.81 -4.70
CA ASN D 430 -11.86 54.86 -5.45
C ASN D 430 -13.13 55.51 -6.00
N SER D 431 -12.99 56.33 -7.02
CA SER D 431 -14.12 57.07 -7.55
C SER D 431 -14.08 57.14 -9.08
N THR D 432 -13.24 56.33 -9.69
CA THR D 432 -13.08 56.36 -11.14
C THR D 432 -12.18 55.27 -11.70
N THR D 433 -10.88 55.39 -11.50
CA THR D 433 -9.96 54.41 -12.08
C THR D 433 -9.80 53.14 -11.24
N GLU D 434 -10.05 52.00 -11.86
CA GLU D 434 -9.86 50.71 -11.22
C GLU D 434 -8.88 49.86 -12.01
N THR D 435 -8.08 49.06 -11.32
CA THR D 435 -7.08 48.24 -11.98
C THR D 435 -7.41 46.78 -11.75
N PHE D 436 -7.26 45.96 -12.78
CA PHE D 436 -7.49 44.52 -12.64
C PHE D 436 -6.28 43.69 -13.05
N ARG D 437 -6.11 42.55 -12.40
CA ARG D 437 -4.96 41.66 -12.68
C ARG D 437 -5.21 40.13 -12.57
N PRO D 438 -4.40 39.33 -13.27
CA PRO D 438 -4.57 37.88 -13.33
C PRO D 438 -4.15 37.19 -12.02
N GLY D 439 -4.85 36.12 -11.67
CA GLY D 439 -4.53 35.36 -10.48
C GLY D 439 -4.77 33.88 -10.66
N GLY D 440 -5.09 33.19 -9.56
CA GLY D 440 -5.40 31.77 -9.61
C GLY D 440 -5.10 31.07 -8.31
N GLY D 441 -4.20 30.09 -8.35
CA GLY D 441 -3.80 29.38 -7.15
C GLY D 441 -4.74 28.25 -6.82
N ASP D 442 -5.98 28.59 -6.48
CA ASP D 442 -6.98 27.59 -6.10
C ASP D 442 -7.66 27.02 -7.34
N MET D 443 -7.33 25.78 -7.67
CA MET D 443 -7.70 25.20 -8.96
C MET D 443 -9.13 24.68 -8.97
N ARG D 444 -9.80 24.84 -7.84
CA ARG D 444 -11.19 24.47 -7.71
C ARG D 444 -11.91 25.51 -8.58
N ASP D 445 -11.28 26.68 -8.74
CA ASP D 445 -11.81 27.74 -9.59
C ASP D 445 -12.00 27.25 -11.02
N ASN D 446 -11.01 26.50 -11.51
CA ASN D 446 -11.05 25.95 -12.87
C ASN D 446 -12.21 24.99 -13.08
N TRP D 447 -12.41 24.08 -12.13
CA TRP D 447 -13.50 23.14 -12.27
C TRP D 447 -14.83 23.88 -12.20
N ARG D 448 -14.91 24.85 -11.30
CA ARG D 448 -16.14 25.62 -11.09
C ARG D 448 -16.51 26.44 -12.30
N SER D 449 -15.52 26.80 -13.11
CA SER D 449 -15.77 27.62 -14.28
C SER D 449 -16.58 26.84 -15.31
N GLU D 450 -16.66 25.52 -15.13
CA GLU D 450 -17.43 24.69 -16.05
C GLU D 450 -18.68 24.10 -15.40
N LEU D 451 -18.56 23.71 -14.14
CA LEU D 451 -19.61 22.95 -13.46
C LEU D 451 -20.76 23.84 -13.02
N TYR D 452 -20.67 25.13 -13.32
CA TYR D 452 -21.70 26.06 -12.88
C TYR D 452 -22.99 25.76 -13.63
N LYS D 453 -22.87 25.02 -14.73
CA LYS D 453 -24.02 24.74 -15.58
C LYS D 453 -24.84 23.59 -14.99
N TYR D 454 -24.29 22.96 -13.95
CA TYR D 454 -24.87 21.73 -13.41
C TYR D 454 -25.18 21.85 -11.92
N LYS D 455 -26.17 21.09 -11.48
CA LYS D 455 -26.43 20.90 -10.05
C LYS D 455 -27.05 19.52 -9.82
N VAL D 456 -26.86 18.98 -8.62
CA VAL D 456 -27.39 17.67 -8.29
C VAL D 456 -28.48 17.73 -7.22
N VAL D 457 -29.59 17.04 -7.48
CA VAL D 457 -30.73 17.02 -6.57
C VAL D 457 -31.14 15.58 -6.24
N LYS D 458 -31.75 15.39 -5.08
CA LYS D 458 -32.21 14.07 -4.66
C LYS D 458 -33.72 13.96 -4.83
N ILE D 459 -34.15 13.02 -5.68
CA ILE D 459 -35.57 12.79 -5.89
C ILE D 459 -36.23 12.11 -4.70
N GLU D 460 -37.43 12.57 -4.35
CA GLU D 460 -38.25 11.92 -3.33
C GLU D 460 -39.54 11.40 -3.98
N PRO D 461 -39.53 10.13 -4.38
CA PRO D 461 -40.65 9.45 -5.03
C PRO D 461 -41.96 9.48 -4.25
N LEU D 462 -41.88 9.49 -2.93
CA LEU D 462 -43.07 9.32 -2.09
C LEU D 462 -43.73 10.65 -1.76
N GLY D 463 -45.02 10.73 -2.00
CA GLY D 463 -45.80 11.91 -1.64
C GLY D 463 -47.23 11.55 -1.34
N VAL D 464 -47.95 12.46 -0.70
CA VAL D 464 -49.37 12.25 -0.41
C VAL D 464 -50.17 13.52 -0.75
N ALA D 465 -51.47 13.34 -0.91
CA ALA D 465 -52.35 14.46 -1.26
C ALA D 465 -53.81 14.13 -0.95
N PRO D 466 -54.59 15.17 -0.70
CA PRO D 466 -56.01 15.00 -0.42
C PRO D 466 -56.82 14.65 -1.65
N THR D 467 -57.56 13.56 -1.57
CA THR D 467 -58.40 13.14 -2.68
C THR D 467 -59.71 12.55 -2.18
N ARG D 468 -60.78 12.87 -2.90
CA ARG D 468 -62.12 12.40 -2.57
C ARG D 468 -62.09 10.86 -2.80
N CYS D 469 -61.85 10.07 -1.74
CA CYS D 469 -61.84 8.61 -1.87
C CYS D 469 -61.87 7.92 -0.51
N LYS D 470 -62.86 7.06 -0.31
CA LYS D 470 -62.95 6.25 0.91
C LYS D 470 -62.71 4.79 0.59
N ARG D 471 -61.54 4.20 0.90
CA ARG D 471 -61.17 2.77 0.50
C ARG D 471 -61.89 1.47 1.11
N ARG D 472 -62.83 0.80 0.36
CA ARG D 472 -63.57 -0.47 0.80
C ARG D 472 -62.83 -1.89 0.97
N VAL D 473 -63.32 -2.88 1.79
CA VAL D 473 -62.65 -4.16 1.92
C VAL D 473 -63.14 -5.16 0.87
N VAL E 7 -43.39 -33.82 -7.14
CA VAL E 7 -42.10 -34.43 -6.91
C VAL E 7 -40.97 -33.41 -7.01
N PHE E 8 -40.12 -33.36 -5.99
CA PHE E 8 -38.99 -32.45 -6.02
C PHE E 8 -38.00 -32.93 -7.06
N LEU E 9 -37.63 -32.06 -7.99
CA LEU E 9 -36.72 -32.46 -9.06
C LEU E 9 -35.34 -31.92 -8.75
N GLY E 10 -35.28 -30.65 -8.36
CA GLY E 10 -34.02 -30.00 -8.07
C GLY E 10 -33.91 -28.72 -8.88
N PHE E 11 -32.87 -27.95 -8.61
CA PHE E 11 -32.70 -26.66 -9.29
C PHE E 11 -32.61 -26.84 -10.79
N LEU E 12 -33.56 -26.25 -11.52
CA LEU E 12 -33.64 -26.34 -12.98
C LEU E 12 -33.97 -27.77 -13.43
N GLY E 13 -34.56 -28.54 -12.53
CA GLY E 13 -34.86 -29.94 -12.81
C GLY E 13 -35.86 -30.17 -13.93
N ALA E 14 -36.65 -29.15 -14.24
CA ALA E 14 -37.64 -29.27 -15.31
C ALA E 14 -37.19 -28.52 -16.56
N ALA E 15 -35.94 -28.08 -16.59
CA ALA E 15 -35.43 -27.28 -17.70
C ALA E 15 -35.60 -28.02 -19.02
N GLY E 16 -35.48 -29.33 -18.98
CA GLY E 16 -35.60 -30.16 -20.17
C GLY E 16 -36.99 -30.74 -20.32
N SER E 17 -38.00 -29.86 -20.30
CA SER E 17 -39.37 -30.29 -20.50
C SER E 17 -40.18 -29.17 -21.17
N THR E 18 -41.40 -29.50 -21.56
CA THR E 18 -42.29 -28.52 -22.19
C THR E 18 -42.65 -27.41 -21.22
N MET E 19 -42.97 -26.23 -21.77
CA MET E 19 -43.23 -25.05 -20.96
C MET E 19 -44.38 -25.30 -20.00
N GLY E 20 -45.38 -26.05 -20.45
CA GLY E 20 -46.48 -26.45 -19.60
C GLY E 20 -45.99 -27.26 -18.42
N ALA E 21 -45.19 -28.28 -18.70
CA ALA E 21 -44.66 -29.15 -17.65
C ALA E 21 -43.77 -28.36 -16.69
N ALA E 22 -42.92 -27.50 -17.25
CA ALA E 22 -41.95 -26.77 -16.46
C ALA E 22 -42.61 -25.84 -15.46
N SER E 23 -43.79 -25.33 -15.81
CA SER E 23 -44.48 -24.36 -14.98
C SER E 23 -44.87 -24.96 -13.64
N MET E 24 -44.84 -26.28 -13.56
CA MET E 24 -45.25 -27.00 -12.36
C MET E 24 -44.36 -26.59 -11.17
N THR E 25 -43.07 -26.41 -11.46
CA THR E 25 -42.08 -26.27 -10.42
C THR E 25 -41.20 -25.04 -10.62
N LEU E 26 -41.85 -23.88 -10.81
CA LEU E 26 -41.13 -22.62 -10.98
C LEU E 26 -40.48 -22.13 -9.69
N THR E 27 -41.08 -22.47 -8.56
CA THR E 27 -40.57 -22.02 -7.26
C THR E 27 -39.23 -22.65 -6.92
N VAL E 28 -39.09 -23.94 -7.21
CA VAL E 28 -37.81 -24.62 -7.00
C VAL E 28 -36.66 -23.85 -7.62
N GLN E 29 -36.91 -23.21 -8.76
CA GLN E 29 -35.93 -22.32 -9.38
C GLN E 29 -35.91 -20.97 -8.68
N ALA E 30 -37.09 -20.44 -8.38
CA ALA E 30 -37.22 -19.07 -7.89
C ALA E 30 -36.32 -18.83 -6.68
N ARG E 31 -36.31 -19.80 -5.77
CA ARG E 31 -35.57 -19.66 -4.52
C ARG E 31 -34.11 -19.28 -4.76
N ASN E 32 -33.49 -19.91 -5.75
CA ASN E 32 -32.04 -19.79 -5.94
C ASN E 32 -31.68 -18.74 -6.99
N LEU E 33 -32.67 -17.93 -7.37
CA LEU E 33 -32.43 -16.86 -8.30
C LEU E 33 -31.74 -15.77 -7.50
N LEU E 34 -32.00 -15.74 -6.19
CA LEU E 34 -31.31 -14.83 -5.29
C LEU E 34 -30.53 -15.59 -4.24
N SER E 35 -31.00 -16.78 -3.89
CA SER E 35 -30.16 -17.75 -3.18
C SER E 35 -29.98 -17.31 -1.74
N GLY E 36 -29.14 -16.29 -1.53
CA GLY E 36 -28.87 -15.86 -0.18
C GLY E 36 -27.82 -16.76 0.43
N ILE E 37 -27.79 -16.80 1.76
CA ILE E 37 -26.74 -17.50 2.50
C ILE E 37 -25.33 -17.07 2.13
N VAL E 38 -24.62 -17.93 1.41
CA VAL E 38 -23.23 -17.69 1.01
C VAL E 38 -22.32 -17.62 2.22
N GLN E 39 -22.52 -16.61 3.06
CA GLN E 39 -21.74 -16.46 4.29
C GLN E 39 -20.29 -16.08 4.00
N LEU E 55 -4.19 -8.98 7.20
CA LEU E 55 -4.15 -8.60 5.80
C LEU E 55 -5.54 -8.31 5.26
N LYS E 56 -5.74 -7.10 4.73
CA LYS E 56 -7.04 -6.70 4.19
C LYS E 56 -7.13 -6.85 2.67
N LEU E 57 -8.18 -6.27 2.09
CA LEU E 57 -8.46 -6.44 0.67
C LEU E 57 -8.32 -7.93 0.32
N THR E 58 -7.22 -8.23 -0.38
CA THR E 58 -6.86 -9.57 -0.76
C THR E 58 -7.71 -9.96 -1.94
N VAL E 59 -7.25 -10.90 -2.76
CA VAL E 59 -8.05 -11.37 -3.89
C VAL E 59 -9.30 -12.00 -3.30
N TRP E 60 -10.43 -11.82 -3.96
CA TRP E 60 -11.67 -12.35 -3.45
C TRP E 60 -12.22 -11.34 -2.46
N GLY E 61 -11.36 -10.48 -1.92
CA GLY E 61 -11.82 -9.56 -0.91
C GLY E 61 -12.89 -8.60 -1.39
N ILE E 62 -12.81 -8.21 -2.65
CA ILE E 62 -13.82 -7.32 -3.23
C ILE E 62 -14.54 -7.98 -4.38
N LYS E 63 -14.39 -9.29 -4.50
CA LYS E 63 -14.89 -10.00 -5.67
C LYS E 63 -16.15 -10.64 -5.15
N GLN E 64 -16.07 -11.20 -3.94
CA GLN E 64 -17.22 -11.83 -3.29
C GLN E 64 -18.06 -10.60 -3.06
N LEU E 65 -17.43 -9.49 -2.67
CA LEU E 65 -18.26 -8.31 -2.47
C LEU E 65 -19.05 -7.99 -3.73
N GLN E 66 -18.33 -7.71 -4.81
CA GLN E 66 -18.94 -7.26 -6.05
C GLN E 66 -20.03 -8.24 -6.52
N ALA E 67 -19.68 -9.53 -6.51
CA ALA E 67 -20.58 -10.57 -7.02
C ALA E 67 -21.90 -10.60 -6.25
N ARG E 68 -21.81 -10.57 -4.92
CA ARG E 68 -22.98 -10.66 -4.07
C ARG E 68 -23.87 -9.45 -4.23
N VAL E 69 -23.25 -8.31 -4.52
CA VAL E 69 -23.99 -7.08 -4.83
C VAL E 69 -24.74 -7.28 -6.14
N LEU E 70 -24.01 -7.73 -7.16
CA LEU E 70 -24.56 -7.85 -8.50
C LEU E 70 -25.76 -8.79 -8.51
N ALA E 71 -25.70 -9.81 -7.66
CA ALA E 71 -26.82 -10.71 -7.46
C ALA E 71 -28.07 -9.97 -7.00
N VAL E 72 -27.93 -9.11 -5.99
CA VAL E 72 -29.06 -8.35 -5.49
C VAL E 72 -29.65 -7.45 -6.57
N GLU E 73 -28.80 -6.68 -7.23
CA GLU E 73 -29.25 -5.80 -8.32
C GLU E 73 -29.91 -6.65 -9.41
N ARG E 74 -29.19 -7.66 -9.86
CA ARG E 74 -29.71 -8.52 -10.90
C ARG E 74 -31.13 -8.93 -10.61
N TYR E 75 -31.40 -9.31 -9.36
CA TYR E 75 -32.73 -9.75 -8.97
C TYR E 75 -33.74 -8.61 -9.08
N LEU E 76 -33.52 -7.55 -8.30
CA LEU E 76 -34.51 -6.50 -8.14
C LEU E 76 -34.80 -5.78 -9.46
N ARG E 77 -33.79 -5.59 -10.29
CA ARG E 77 -34.03 -4.93 -11.56
C ARG E 77 -35.26 -5.47 -12.29
N ASP E 78 -35.47 -6.79 -12.26
CA ASP E 78 -36.61 -7.36 -12.98
C ASP E 78 -37.82 -7.48 -12.06
N GLN E 79 -37.56 -7.70 -10.78
CA GLN E 79 -38.63 -7.79 -9.79
C GLN E 79 -39.46 -6.51 -9.76
N GLN E 80 -38.81 -5.38 -10.03
CA GLN E 80 -39.51 -4.12 -9.94
C GLN E 80 -40.46 -4.06 -11.11
N LEU E 81 -40.05 -4.65 -12.22
CA LEU E 81 -40.89 -4.64 -13.41
C LEU E 81 -42.19 -5.38 -13.14
N LEU E 82 -42.08 -6.47 -12.38
CA LEU E 82 -43.24 -7.25 -11.97
C LEU E 82 -44.08 -6.49 -10.93
N GLY E 83 -43.41 -5.66 -10.13
CA GLY E 83 -44.08 -4.68 -9.31
C GLY E 83 -44.88 -3.66 -10.10
N ILE E 84 -44.29 -3.14 -11.17
CA ILE E 84 -45.00 -2.22 -12.06
C ILE E 84 -46.14 -2.91 -12.79
N TRP E 85 -45.85 -4.09 -13.33
CA TRP E 85 -46.86 -4.88 -14.04
C TRP E 85 -47.81 -5.51 -13.02
N GLY E 86 -48.92 -4.84 -12.77
CA GLY E 86 -49.67 -5.10 -11.55
C GLY E 86 -49.90 -6.58 -11.35
N CYS E 87 -48.93 -7.25 -10.73
CA CYS E 87 -49.12 -8.63 -10.31
C CYS E 87 -48.55 -8.90 -8.92
N SER E 88 -47.24 -8.81 -8.78
CA SER E 88 -46.55 -8.97 -7.50
C SER E 88 -46.60 -10.42 -7.05
N GLY E 89 -47.80 -10.97 -6.95
CA GLY E 89 -47.98 -12.39 -6.69
C GLY E 89 -47.54 -13.14 -7.93
N LYS E 90 -46.23 -13.25 -8.11
CA LYS E 90 -45.65 -13.61 -9.40
C LYS E 90 -45.52 -15.11 -9.62
N LEU E 91 -44.48 -15.50 -10.35
CA LEU E 91 -44.41 -16.76 -11.07
C LEU E 91 -45.39 -16.80 -12.24
N ILE E 92 -46.66 -16.49 -11.98
CA ILE E 92 -47.65 -16.41 -13.05
C ILE E 92 -48.80 -15.47 -12.71
N CYS E 93 -49.21 -14.68 -13.70
CA CYS E 93 -50.37 -13.80 -13.58
C CYS E 93 -50.86 -13.41 -14.97
N CYS E 94 -52.14 -13.06 -15.08
CA CYS E 94 -52.70 -12.67 -16.36
C CYS E 94 -52.68 -11.15 -16.53
N THR E 95 -52.91 -10.69 -17.75
CA THR E 95 -53.03 -9.27 -18.03
C THR E 95 -54.31 -9.00 -18.81
N ASN E 96 -54.52 -7.74 -19.17
CA ASN E 96 -55.56 -7.38 -20.14
C ASN E 96 -54.97 -6.89 -21.46
N VAL E 97 -53.81 -7.42 -21.81
CA VAL E 97 -53.20 -7.13 -23.12
C VAL E 97 -53.33 -8.35 -24.05
N PRO E 98 -54.00 -8.16 -25.19
CA PRO E 98 -54.20 -9.24 -26.16
C PRO E 98 -52.91 -9.55 -26.92
N TRP E 99 -52.73 -10.81 -27.29
CA TRP E 99 -51.53 -11.24 -28.00
C TRP E 99 -51.61 -10.93 -29.49
N ASN E 100 -50.64 -10.18 -29.99
CA ASN E 100 -50.56 -9.88 -31.41
C ASN E 100 -50.06 -11.07 -32.20
N SER E 101 -50.79 -11.44 -33.25
CA SER E 101 -50.54 -12.68 -33.98
C SER E 101 -49.19 -12.68 -34.69
N SER E 102 -48.64 -11.49 -34.92
CA SER E 102 -47.33 -11.37 -35.58
C SER E 102 -46.21 -11.90 -34.69
N TRP E 103 -46.49 -12.05 -33.40
CA TRP E 103 -45.49 -12.54 -32.45
C TRP E 103 -45.47 -14.06 -32.41
N SER E 104 -44.99 -14.67 -33.50
CA SER E 104 -44.94 -16.13 -33.64
C SER E 104 -46.33 -16.75 -33.56
N ASN E 105 -46.99 -16.86 -34.71
CA ASN E 105 -48.34 -17.41 -34.77
C ASN E 105 -48.38 -18.93 -34.73
N ARG E 106 -48.47 -19.47 -33.52
CA ARG E 106 -48.57 -20.91 -33.32
C ARG E 106 -49.81 -21.22 -32.47
N ASN E 107 -50.22 -22.49 -32.47
CA ASN E 107 -51.34 -22.92 -31.66
C ASN E 107 -50.82 -23.31 -30.28
N LEU E 108 -51.72 -23.39 -29.31
CA LEU E 108 -51.36 -23.69 -27.93
C LEU E 108 -50.68 -25.05 -27.77
N SER E 109 -51.22 -26.05 -28.46
CA SER E 109 -50.60 -27.38 -28.48
C SER E 109 -49.28 -27.38 -29.23
N GLU E 110 -49.12 -26.46 -30.17
CA GLU E 110 -47.86 -26.29 -30.88
C GLU E 110 -46.83 -25.54 -30.03
N ILE E 111 -47.33 -24.77 -29.08
CA ILE E 111 -46.50 -24.04 -28.14
C ILE E 111 -46.31 -24.77 -26.81
N TRP E 112 -47.33 -24.73 -25.97
CA TRP E 112 -47.27 -25.26 -24.60
C TRP E 112 -47.05 -26.76 -24.41
N ASP E 113 -47.56 -27.56 -25.33
CA ASP E 113 -47.43 -29.01 -25.26
C ASP E 113 -46.33 -29.57 -26.17
N ASN E 114 -45.60 -28.68 -26.84
CA ASN E 114 -44.59 -29.11 -27.79
C ASN E 114 -43.47 -28.09 -27.94
N MET E 115 -42.97 -27.58 -26.83
CA MET E 115 -41.88 -26.61 -26.87
C MET E 115 -41.34 -26.28 -25.49
N THR E 116 -40.01 -26.22 -25.38
CA THR E 116 -39.36 -25.84 -24.14
C THR E 116 -39.26 -24.31 -24.04
N TRP E 117 -38.95 -23.81 -22.84
CA TRP E 117 -38.82 -22.38 -22.64
C TRP E 117 -37.66 -21.79 -23.43
N LEU E 118 -36.58 -22.56 -23.55
CA LEU E 118 -35.41 -22.13 -24.31
C LEU E 118 -35.76 -21.95 -25.78
N GLN E 119 -36.51 -22.93 -26.31
CA GLN E 119 -36.98 -22.89 -27.69
C GLN E 119 -37.93 -21.71 -27.90
N TRP E 120 -38.77 -21.45 -26.90
CA TRP E 120 -39.68 -20.32 -26.94
C TRP E 120 -38.96 -19.00 -27.09
N ASP E 121 -37.99 -18.74 -26.22
CA ASP E 121 -37.20 -17.51 -26.27
C ASP E 121 -36.51 -17.34 -27.61
N LYS E 122 -35.99 -18.44 -28.16
CA LYS E 122 -35.35 -18.43 -29.46
C LYS E 122 -36.12 -17.58 -30.47
N GLU E 123 -37.45 -17.66 -30.41
CA GLU E 123 -38.29 -16.91 -31.32
C GLU E 123 -38.76 -15.57 -30.72
N ILE E 124 -39.42 -15.64 -29.57
CA ILE E 124 -40.17 -14.50 -29.04
C ILE E 124 -39.24 -13.38 -28.60
N SER E 125 -37.97 -13.72 -28.35
CA SER E 125 -36.98 -12.74 -27.92
C SER E 125 -36.90 -11.54 -28.85
N ASN E 126 -37.27 -11.77 -30.12
CA ASN E 126 -37.30 -10.70 -31.11
C ASN E 126 -38.24 -9.54 -30.76
N TYR E 127 -39.28 -9.80 -29.99
CA TYR E 127 -40.26 -8.78 -29.68
C TYR E 127 -40.27 -8.40 -28.20
N THR E 128 -39.18 -8.71 -27.49
CA THR E 128 -39.14 -8.53 -26.05
C THR E 128 -39.54 -7.13 -25.62
N GLN E 129 -38.79 -6.14 -26.06
CA GLN E 129 -39.02 -4.76 -25.63
C GLN E 129 -40.38 -4.27 -26.11
N ILE E 130 -40.77 -4.72 -27.30
CA ILE E 130 -42.05 -4.40 -27.90
C ILE E 130 -43.23 -4.82 -27.04
N ILE E 131 -43.19 -6.05 -26.57
CA ILE E 131 -44.22 -6.57 -25.67
C ILE E 131 -44.17 -5.85 -24.32
N TYR E 132 -42.97 -5.62 -23.82
CA TYR E 132 -42.77 -4.90 -22.55
C TYR E 132 -43.46 -3.54 -22.56
N GLY E 133 -43.43 -2.87 -23.71
CA GLY E 133 -44.13 -1.61 -23.88
C GLY E 133 -45.54 -1.64 -23.33
N LEU E 134 -46.34 -2.59 -23.82
CA LEU E 134 -47.74 -2.69 -23.41
C LEU E 134 -47.89 -3.21 -21.99
N LEU E 135 -46.98 -4.09 -21.58
CA LEU E 135 -46.98 -4.58 -20.20
C LEU E 135 -46.64 -3.51 -19.19
N GLU E 136 -45.54 -2.81 -19.43
CA GLU E 136 -45.21 -1.58 -18.74
C GLU E 136 -46.35 -0.56 -18.68
N GLU E 137 -47.06 -0.38 -19.78
CA GLU E 137 -48.31 0.37 -19.72
C GLU E 137 -49.83 0.38 -19.69
N SER E 138 -50.42 0.00 -20.81
CA SER E 138 -51.84 -0.17 -21.15
C SER E 138 -52.76 -0.33 -19.95
N GLN E 139 -52.66 -1.51 -19.35
CA GLN E 139 -53.44 -1.92 -18.17
C GLN E 139 -53.10 -1.08 -16.94
N ASN E 140 -51.83 -1.07 -16.56
CA ASN E 140 -51.35 -0.20 -15.50
C ASN E 140 -51.91 1.21 -15.54
N GLN E 141 -52.05 1.75 -16.75
CA GLN E 141 -52.64 3.07 -16.97
C GLN E 141 -54.13 3.01 -16.74
N GLN E 142 -54.81 2.23 -17.59
CA GLN E 142 -56.25 2.12 -17.53
C GLN E 142 -57.05 1.44 -16.44
N GLU E 143 -56.46 0.42 -15.81
CA GLU E 143 -57.03 -0.33 -14.73
C GLU E 143 -57.39 0.76 -13.64
N LYS E 144 -56.43 1.68 -13.46
CA LYS E 144 -56.51 2.84 -12.56
C LYS E 144 -57.28 3.98 -13.20
N ASN E 145 -57.68 5.01 -12.42
CA ASN E 145 -58.49 6.14 -12.93
C ASN E 145 -59.92 5.64 -12.76
N GLU E 146 -60.10 4.58 -13.53
CA GLU E 146 -61.27 3.73 -13.64
C GLU E 146 -61.78 3.39 -12.24
N GLN E 147 -60.87 3.04 -11.36
CA GLN E 147 -61.21 2.49 -10.05
C GLN E 147 -61.66 3.58 -9.08
N ASP E 148 -60.79 4.81 -9.64
CA ASP E 148 -60.82 6.05 -8.89
C ASP E 148 -62.28 6.48 -9.13
N LEU E 149 -62.79 6.21 -10.34
CA LEU E 149 -64.12 6.56 -10.75
C LEU E 149 -65.09 5.58 -10.11
N LEU E 150 -64.72 4.30 -9.96
CA LEU E 150 -65.68 3.45 -9.26
C LEU E 150 -65.82 3.85 -7.79
N ALA E 151 -64.82 4.56 -7.26
CA ALA E 151 -64.87 5.01 -5.88
C ALA E 151 -65.73 6.27 -5.70
N LEU E 152 -66.30 6.76 -6.78
CA LEU E 152 -67.11 7.98 -6.72
C LEU E 152 -68.25 7.81 -5.72
N ASP E 153 -68.86 6.63 -5.71
CA ASP E 153 -69.93 6.32 -4.77
C ASP E 153 -69.57 5.15 -3.87
N VAL F 7 -48.78 9.76 -24.56
CA VAL F 7 -47.58 10.21 -25.25
C VAL F 7 -46.36 10.13 -24.35
N PHE F 8 -45.31 9.49 -24.83
CA PHE F 8 -44.08 9.41 -24.07
C PHE F 8 -43.43 10.78 -24.00
N LEU F 9 -43.16 11.26 -22.79
CA LEU F 9 -42.58 12.58 -22.63
C LEU F 9 -41.09 12.46 -22.36
N GLY F 10 -40.75 11.56 -21.45
CA GLY F 10 -39.37 11.35 -21.07
C GLY F 10 -39.24 11.47 -19.57
N PHE F 11 -38.05 11.17 -19.05
CA PHE F 11 -37.83 11.18 -17.61
C PHE F 11 -38.12 12.57 -17.03
N LEU F 12 -39.10 12.62 -16.12
CA LEU F 12 -39.52 13.87 -15.49
C LEU F 12 -40.16 14.83 -16.48
N GLY F 13 -40.66 14.28 -17.59
CA GLY F 13 -41.24 15.08 -18.65
C GLY F 13 -42.49 15.86 -18.28
N ALA F 14 -43.15 15.41 -17.21
CA ALA F 14 -44.36 16.08 -16.75
C ALA F 14 -44.10 16.93 -15.50
N ALA F 15 -42.83 17.08 -15.14
CA ALA F 15 -42.46 17.78 -13.92
C ALA F 15 -43.05 19.19 -13.89
N GLY F 16 -43.14 19.81 -15.07
CA GLY F 16 -43.65 21.15 -15.18
C GLY F 16 -45.12 21.17 -15.58
N SER F 17 -45.93 20.46 -14.80
CA SER F 17 -47.37 20.44 -15.01
C SER F 17 -48.11 20.27 -13.70
N THR F 18 -49.44 20.40 -13.75
CA THR F 18 -50.27 20.24 -12.56
C THR F 18 -50.22 18.80 -12.05
N MET F 19 -50.44 18.62 -10.75
CA MET F 19 -50.33 17.32 -10.12
C MET F 19 -51.25 16.31 -10.77
N GLY F 20 -52.44 16.76 -11.17
CA GLY F 20 -53.36 15.92 -11.90
C GLY F 20 -52.77 15.45 -13.21
N ALA F 21 -52.23 16.39 -13.98
CA ALA F 21 -51.61 16.06 -15.26
C ALA F 21 -50.42 15.13 -15.08
N ALA F 22 -49.59 15.44 -14.09
CA ALA F 22 -48.35 14.70 -13.87
C ALA F 22 -48.62 13.23 -13.54
N SER F 23 -49.75 12.97 -12.89
CA SER F 23 -50.06 11.62 -12.43
C SER F 23 -50.23 10.67 -13.61
N MET F 24 -50.40 11.23 -14.79
CA MET F 24 -50.63 10.44 -16.00
C MET F 24 -49.46 9.50 -16.25
N THR F 25 -48.25 10.01 -16.00
CA THR F 25 -47.02 9.36 -16.43
C THR F 25 -46.04 9.20 -15.27
N LEU F 26 -46.51 8.63 -14.16
CA LEU F 26 -45.65 8.39 -13.00
C LEU F 26 -44.65 7.26 -13.23
N THR F 27 -45.04 6.30 -14.06
CA THR F 27 -44.18 5.14 -14.33
C THR F 27 -42.91 5.52 -15.09
N VAL F 28 -43.05 6.39 -16.08
CA VAL F 28 -41.89 6.90 -16.81
C VAL F 28 -40.80 7.37 -15.86
N GLN F 29 -41.20 7.97 -14.74
CA GLN F 29 -40.25 8.35 -13.70
C GLN F 29 -39.84 7.13 -12.87
N ALA F 30 -40.83 6.31 -12.52
CA ALA F 30 -40.62 5.22 -11.56
C ALA F 30 -39.45 4.34 -11.98
N ARG F 31 -39.38 4.03 -13.27
CA ARG F 31 -38.36 3.11 -13.79
C ARG F 31 -36.95 3.55 -13.39
N ASN F 32 -36.68 4.85 -13.46
CA ASN F 32 -35.33 5.36 -13.31
C ASN F 32 -35.04 5.84 -11.89
N LEU F 33 -35.93 5.50 -10.98
CA LEU F 33 -35.76 5.86 -9.59
C LEU F 33 -34.74 4.87 -9.06
N LEU F 34 -34.68 3.68 -9.68
CA LEU F 34 -33.66 2.70 -9.34
C LEU F 34 -32.79 2.38 -10.55
N SER F 35 -33.37 2.52 -11.75
CA SER F 35 -32.57 2.61 -12.95
C SER F 35 -31.99 1.24 -13.29
N GLY F 36 -30.97 0.82 -12.55
CA GLY F 36 -30.33 -0.44 -12.84
C GLY F 36 -29.33 -0.23 -13.96
N ILE F 37 -29.00 -1.33 -14.64
CA ILE F 37 -27.95 -1.34 -15.66
C ILE F 37 -26.61 -0.83 -15.14
N VAL F 38 -26.23 0.38 -15.55
CA VAL F 38 -24.95 0.98 -15.19
C VAL F 38 -23.78 0.18 -15.76
N GLN F 39 -23.61 -1.04 -15.28
CA GLN F 39 -22.58 -1.94 -15.79
C GLN F 39 -21.19 -1.47 -15.37
N LEU F 55 -3.83 -3.00 -11.27
CA LEU F 55 -4.06 -1.98 -10.25
C LEU F 55 -5.47 -2.06 -9.69
N LYS F 56 -5.58 -2.24 -8.37
CA LYS F 56 -6.88 -2.32 -7.72
C LYS F 56 -7.34 -1.01 -7.08
N LEU F 57 -8.38 -1.08 -6.28
CA LEU F 57 -9.00 0.12 -5.72
C LEU F 57 -9.18 1.14 -6.83
N THR F 58 -8.33 2.16 -6.79
CA THR F 58 -8.30 3.21 -7.78
C THR F 58 -9.46 4.15 -7.50
N VAL F 59 -9.34 5.40 -7.93
CA VAL F 59 -10.44 6.35 -7.76
C VAL F 59 -11.61 5.81 -8.56
N TRP F 60 -12.82 5.96 -8.03
CA TRP F 60 -13.99 5.44 -8.71
C TRP F 60 -14.13 3.98 -8.31
N GLY F 61 -13.03 3.36 -7.84
CA GLY F 61 -13.09 1.95 -7.53
C GLY F 61 -14.08 1.62 -6.44
N ILE F 62 -14.22 2.52 -5.48
CA ILE F 62 -15.17 2.30 -4.38
C ILE F 62 -16.23 3.39 -4.36
N LYS F 63 -16.33 4.15 -5.45
CA LYS F 63 -17.19 5.31 -5.47
C LYS F 63 -18.40 4.82 -6.24
N GLN F 64 -18.14 4.09 -7.33
CA GLN F 64 -19.20 3.53 -8.17
C GLN F 64 -19.75 2.52 -7.19
N LEU F 65 -18.87 1.85 -6.43
CA LEU F 65 -19.43 0.90 -5.49
C LEU F 65 -20.42 1.59 -4.55
N GLN F 66 -19.93 2.57 -3.80
CA GLN F 66 -20.73 3.24 -2.78
C GLN F 66 -22.04 3.77 -3.37
N ALA F 67 -21.91 4.46 -4.50
CA ALA F 67 -23.06 5.12 -5.12
C ALA F 67 -24.15 4.14 -5.48
N ARG F 68 -23.76 3.03 -6.12
CA ARG F 68 -24.70 2.02 -6.58
C ARG F 68 -25.40 1.35 -5.42
N VAL F 69 -24.69 1.24 -4.31
CA VAL F 69 -25.27 0.72 -3.08
C VAL F 69 -26.32 1.71 -2.57
N LEU F 70 -25.92 2.97 -2.48
CA LEU F 70 -26.77 4.00 -1.90
C LEU F 70 -28.08 4.13 -2.68
N ALA F 71 -27.99 3.90 -3.99
CA ALA F 71 -29.17 3.84 -4.84
C ALA F 71 -30.16 2.75 -4.38
N VAL F 72 -29.65 1.55 -4.14
CA VAL F 72 -30.50 0.45 -3.68
C VAL F 72 -31.16 0.78 -2.35
N GLU F 73 -30.36 1.22 -1.38
CA GLU F 73 -30.90 1.59 -0.07
C GLU F 73 -31.91 2.72 -0.24
N ARG F 74 -31.50 3.77 -0.93
CA ARG F 74 -32.36 4.90 -1.15
C ARG F 74 -33.74 4.45 -1.60
N TYR F 75 -33.77 3.51 -2.53
CA TYR F 75 -35.03 3.01 -3.07
C TYR F 75 -35.84 2.29 -1.99
N LEU F 76 -35.28 1.21 -1.46
CA LEU F 76 -36.03 0.31 -0.59
C LEU F 76 -36.48 1.00 0.69
N ARG F 77 -35.67 1.89 1.24
CA ARG F 77 -36.08 2.58 2.44
C ARG F 77 -37.52 3.11 2.37
N ASP F 78 -37.93 3.64 1.21
CA ASP F 78 -39.26 4.19 1.11
C ASP F 78 -40.25 3.14 0.59
N GLN F 79 -39.75 2.24 -0.25
CA GLN F 79 -40.57 1.15 -0.78
C GLN F 79 -41.13 0.30 0.35
N GLN F 80 -40.39 0.18 1.45
CA GLN F 80 -40.84 -0.68 2.52
C GLN F 80 -42.01 0.01 3.17
N LEU F 81 -41.97 1.33 3.19
CA LEU F 81 -43.04 2.10 3.82
C LEU F 81 -44.35 1.85 3.07
N LEU F 82 -44.25 1.76 1.76
CA LEU F 82 -45.40 1.45 0.91
C LEU F 82 -45.83 0.00 1.09
N GLY F 83 -44.88 -0.87 1.40
CA GLY F 83 -45.18 -2.21 1.86
C GLY F 83 -45.96 -2.24 3.15
N ILE F 84 -45.55 -1.43 4.13
CA ILE F 84 -46.28 -1.31 5.38
C ILE F 84 -47.65 -0.68 5.18
N TRP F 85 -47.69 0.40 4.41
CA TRP F 85 -48.95 1.08 4.11
C TRP F 85 -49.73 0.27 3.09
N GLY F 86 -50.63 -0.57 3.58
CA GLY F 86 -51.12 -1.69 2.78
C GLY F 86 -51.54 -1.23 1.40
N CYS F 87 -50.59 -1.16 0.48
CA CYS F 87 -50.89 -0.93 -0.93
C CYS F 87 -50.08 -1.82 -1.87
N SER F 88 -48.76 -1.60 -1.89
CA SER F 88 -47.83 -2.41 -2.68
C SER F 88 -48.02 -2.13 -4.17
N GLY F 89 -49.25 -2.30 -4.65
CA GLY F 89 -49.59 -1.89 -6.00
C GLY F 89 -49.57 -0.38 -6.06
N LYS F 90 -48.37 0.18 -6.11
CA LYS F 90 -48.16 1.60 -5.80
C LYS F 90 -48.34 2.52 -7.00
N LEU F 91 -47.56 3.60 -7.02
CA LEU F 91 -47.87 4.82 -7.75
C LEU F 91 -49.08 5.55 -7.19
N ILE F 92 -50.19 4.83 -7.01
CA ILE F 92 -51.37 5.41 -6.38
C ILE F 92 -52.24 4.38 -5.69
N CYS F 93 -52.73 4.72 -4.50
CA CYS F 93 -53.68 3.89 -3.76
C CYS F 93 -54.40 4.74 -2.73
N CYS F 94 -55.59 4.31 -2.33
CA CYS F 94 -56.36 5.04 -1.33
C CYS F 94 -56.13 4.49 0.06
N THR F 95 -56.55 5.24 1.07
CA THR F 95 -56.50 4.77 2.45
C THR F 95 -57.86 4.94 3.12
N ASN F 96 -57.94 4.60 4.40
CA ASN F 96 -59.09 4.96 5.22
C ASN F 96 -58.75 6.00 6.28
N VAL F 97 -57.80 6.88 5.96
CA VAL F 97 -57.47 8.00 6.83
C VAL F 97 -57.99 9.31 6.24
N PRO F 98 -58.88 9.99 6.99
CA PRO F 98 -59.45 11.26 6.53
C PRO F 98 -58.44 12.41 6.60
N TRP F 99 -58.56 13.36 5.67
CA TRP F 99 -57.63 14.48 5.61
C TRP F 99 -58.00 15.56 6.61
N ASN F 100 -57.06 15.90 7.48
CA ASN F 100 -57.26 16.98 8.46
C ASN F 100 -57.15 18.35 7.79
N SER F 101 -58.15 19.18 8.01
CA SER F 101 -58.28 20.45 7.29
C SER F 101 -57.13 21.42 7.59
N SER F 102 -56.47 21.21 8.72
CA SER F 102 -55.35 22.06 9.11
C SER F 102 -54.15 21.89 8.18
N TRP F 103 -54.15 20.79 7.42
CA TRP F 103 -53.06 20.50 6.49
C TRP F 103 -53.28 21.19 5.15
N SER F 104 -53.16 22.51 5.15
CA SER F 104 -53.38 23.32 3.94
C SER F 104 -54.80 23.16 3.40
N ASN F 105 -55.72 24.00 3.90
CA ASN F 105 -57.11 23.93 3.49
C ASN F 105 -57.40 24.60 2.14
N ARG F 106 -57.29 23.81 1.09
CA ARG F 106 -57.58 24.29 -0.26
C ARG F 106 -58.62 23.37 -0.90
N ASN F 107 -59.22 23.85 -2.00
CA ASN F 107 -60.18 23.06 -2.74
C ASN F 107 -59.44 22.23 -3.77
N LEU F 108 -60.10 21.21 -4.30
CA LEU F 108 -59.49 20.29 -5.25
C LEU F 108 -59.02 20.98 -6.53
N SER F 109 -59.85 21.87 -7.04
CA SER F 109 -59.49 22.68 -8.20
C SER F 109 -58.38 23.67 -7.88
N GLU F 110 -58.30 24.07 -6.61
CA GLU F 110 -57.22 24.94 -6.15
C GLU F 110 -55.91 24.17 -5.97
N ILE F 111 -56.06 22.87 -5.75
CA ILE F 111 -54.93 21.97 -5.60
C ILE F 111 -54.57 21.24 -6.91
N TRP F 112 -55.35 20.23 -7.25
CA TRP F 112 -55.06 19.34 -8.38
C TRP F 112 -55.05 19.96 -9.78
N ASP F 113 -55.89 20.96 -10.01
CA ASP F 113 -55.98 21.62 -11.31
C ASP F 113 -55.22 22.94 -11.38
N ASN F 114 -54.53 23.30 -10.30
CA ASN F 114 -53.84 24.58 -10.23
C ASN F 114 -52.63 24.53 -9.31
N MET F 115 -51.81 23.50 -9.43
CA MET F 115 -50.62 23.39 -8.60
C MET F 115 -49.74 22.22 -9.01
N THR F 116 -48.43 22.47 -9.06
CA THR F 116 -47.46 21.42 -9.37
C THR F 116 -47.09 20.66 -8.09
N TRP F 117 -46.44 19.52 -8.25
CA TRP F 117 -46.03 18.70 -7.12
C TRP F 117 -45.00 19.42 -6.24
N LEU F 118 -44.12 20.18 -6.89
CA LEU F 118 -43.10 20.94 -6.17
C LEU F 118 -43.75 21.99 -5.28
N GLN F 119 -44.73 22.69 -5.85
CA GLN F 119 -45.49 23.69 -5.12
C GLN F 119 -46.26 23.06 -3.96
N TRP F 120 -46.80 21.87 -4.21
CA TRP F 120 -47.50 21.11 -3.18
C TRP F 120 -46.62 20.83 -1.97
N ASP F 121 -45.45 20.25 -2.20
CA ASP F 121 -44.51 19.92 -1.14
C ASP F 121 -44.12 21.17 -0.34
N LYS F 122 -43.93 22.28 -1.05
CA LYS F 122 -43.60 23.55 -0.42
C LYS F 122 -44.43 23.79 0.84
N GLU F 123 -45.70 23.41 0.79
CA GLU F 123 -46.61 23.58 1.92
C GLU F 123 -46.70 22.33 2.79
N ILE F 124 -47.08 21.22 2.19
CA ILE F 124 -47.49 20.04 2.95
C ILE F 124 -46.32 19.40 3.67
N SER F 125 -45.10 19.69 3.21
CA SER F 125 -43.88 19.15 3.81
C SER F 125 -43.84 19.39 5.31
N ASN F 126 -44.51 20.46 5.76
CA ASN F 126 -44.59 20.78 7.17
C ASN F 126 -45.22 19.70 8.04
N TYR F 127 -46.08 18.88 7.47
CA TYR F 127 -46.79 17.87 8.23
C TYR F 127 -46.40 16.45 7.83
N THR F 128 -45.25 16.30 7.18
CA THR F 128 -44.85 15.01 6.62
C THR F 128 -44.92 13.89 7.64
N GLN F 129 -44.13 14.00 8.70
CA GLN F 129 -44.04 12.94 9.69
C GLN F 129 -45.37 12.73 10.40
N ILE F 130 -46.08 13.84 10.60
CA ILE F 130 -47.40 13.84 11.21
C ILE F 130 -48.41 12.98 10.46
N ILE F 131 -48.46 13.17 9.15
CA ILE F 131 -49.33 12.37 8.31
C ILE F 131 -48.86 10.92 8.26
N TYR F 132 -47.55 10.72 8.16
CA TYR F 132 -46.96 9.39 8.17
C TYR F 132 -47.40 8.56 9.37
N GLY F 133 -47.53 9.22 10.51
CA GLY F 133 -48.02 8.58 11.72
C GLY F 133 -49.26 7.75 11.47
N LEU F 134 -50.29 8.37 10.91
CA LEU F 134 -51.56 7.69 10.67
C LEU F 134 -51.47 6.69 9.53
N LEU F 135 -50.65 7.01 8.52
CA LEU F 135 -50.41 6.10 7.41
C LEU F 135 -49.69 4.83 7.84
N GLU F 136 -48.57 5.01 8.53
CA GLU F 136 -47.90 3.94 9.25
C GLU F 136 -48.81 3.10 10.13
N GLU F 137 -49.72 3.76 10.87
CA GLU F 137 -50.77 3.01 11.53
C GLU F 137 -52.23 2.55 11.56
N SER F 138 -53.11 3.50 11.81
CA SER F 138 -54.57 3.48 11.87
C SER F 138 -55.21 2.29 11.16
N GLN F 139 -55.18 2.36 9.83
CA GLN F 139 -55.72 1.35 8.93
C GLN F 139 -54.98 0.02 9.03
N ASN F 140 -53.68 0.05 8.82
CA ASN F 140 -52.83 -1.11 9.03
C ASN F 140 -53.15 -1.90 10.31
N GLN F 141 -53.47 -1.17 11.37
CA GLN F 141 -53.86 -1.78 12.64
C GLN F 141 -55.27 -2.35 12.53
N GLN F 142 -56.23 -1.46 12.29
CA GLN F 142 -57.62 -1.85 12.20
C GLN F 142 -58.25 -2.67 11.11
N GLU F 143 -57.71 -2.57 9.90
CA GLU F 143 -58.13 -3.29 8.72
C GLU F 143 -58.05 -4.81 9.14
N LYS F 144 -56.94 -5.12 9.82
CA LYS F 144 -56.62 -6.43 10.38
C LYS F 144 -57.33 -6.64 11.73
N ASN F 145 -57.37 -7.88 12.24
CA ASN F 145 -58.07 -8.21 13.50
C ASN F 145 -59.48 -8.52 13.03
N GLU F 146 -60.00 -7.43 12.50
CA GLU F 146 -61.30 -7.28 11.84
C GLU F 146 -61.54 -8.42 10.87
N GLN F 147 -60.51 -8.75 10.11
CA GLN F 147 -60.63 -9.69 8.99
C GLN F 147 -60.66 -11.14 9.47
N ASP F 148 -59.75 -11.00 10.80
CA ASP F 148 -59.41 -12.22 11.51
C ASP F 148 -60.79 -12.62 12.04
N LEU F 149 -61.60 -11.61 12.41
CA LEU F 149 -62.92 -11.79 12.97
C LEU F 149 -63.86 -12.16 11.83
N LEU F 150 -63.69 -11.58 10.63
CA LEU F 150 -64.57 -12.04 9.58
C LEU F 150 -64.32 -13.51 9.20
N ALA F 151 -63.13 -13.99 9.53
CA ALA F 151 -62.78 -15.38 9.25
C ALA F 151 -63.37 -16.36 10.27
N LEU F 152 -64.09 -15.83 11.26
CA LEU F 152 -64.64 -16.69 12.30
C LEU F 152 -65.54 -17.76 11.71
N ASP F 153 -66.30 -17.38 10.69
CA ASP F 153 -67.18 -18.33 10.00
C ASP F 153 -66.82 -18.44 8.52
N GLN G 1 30.26 25.97 35.08
CA GLN G 1 29.24 25.32 35.91
C GLN G 1 28.17 26.32 36.20
N VAL G 2 27.26 26.01 37.13
CA VAL G 2 26.19 26.94 37.39
C VAL G 2 26.79 28.21 37.90
N GLN G 3 26.37 29.38 37.33
CA GLN G 3 26.93 30.64 37.75
C GLN G 3 25.86 31.71 37.75
N LEU G 4 25.90 32.64 38.75
CA LEU G 4 24.96 33.74 38.80
C LEU G 4 25.74 35.03 38.86
N VAL G 5 25.55 35.96 37.87
CA VAL G 5 26.32 37.18 37.90
C VAL G 5 25.40 38.37 38.06
N GLN G 6 25.77 39.34 38.94
CA GLN G 6 24.92 40.46 39.29
C GLN G 6 25.44 41.81 38.82
N SER G 7 24.66 42.89 39.12
CA SER G 7 24.93 44.26 38.74
C SER G 7 25.84 44.96 39.73
N GLY G 8 26.10 46.29 39.54
CA GLY G 8 27.03 47.11 40.33
C GLY G 8 26.42 47.75 41.57
N ALA G 9 27.31 48.25 42.48
CA ALA G 9 27.01 48.81 43.79
C ALA G 9 26.52 50.24 43.82
N GLU G 10 25.88 50.66 44.95
CA GLU G 10 25.34 52.01 45.12
C GLU G 10 25.25 52.47 46.58
N MET G 11 25.18 53.81 46.85
CA MET G 11 25.04 54.32 48.21
C MET G 11 23.73 55.07 48.35
N LYS G 12 22.98 54.87 49.46
CA LYS G 12 21.66 55.44 49.58
C LYS G 12 21.34 55.94 51.00
N MET G 13 20.38 56.88 51.07
CA MET G 13 19.94 57.38 52.34
C MET G 13 18.57 56.80 52.50
N PRO G 14 18.07 56.62 53.70
CA PRO G 14 16.75 56.09 53.79
C PRO G 14 15.76 56.95 53.05
N GLY G 15 14.80 56.33 52.33
CA GLY G 15 13.79 57.01 51.54
C GLY G 15 14.03 56.76 50.06
N ALA G 16 15.25 56.38 49.64
CA ALA G 16 15.59 56.23 48.23
C ALA G 16 15.28 54.82 47.72
N SER G 17 15.47 54.52 46.39
CA SER G 17 15.18 53.19 45.87
C SER G 17 16.35 52.64 45.07
N VAL G 18 16.46 51.29 44.90
CA VAL G 18 17.56 50.68 44.16
C VAL G 18 17.10 49.45 43.33
N LYS G 19 17.69 49.22 42.13
CA LYS G 19 17.32 48.06 41.32
C LYS G 19 18.56 47.24 40.99
N VAL G 20 18.50 45.89 41.18
CA VAL G 20 19.66 45.04 40.96
C VAL G 20 19.28 43.87 40.06
N SER G 21 20.21 43.39 39.20
CA SER G 21 19.89 42.33 38.26
C SER G 21 20.76 41.11 38.51
N CYS G 22 20.34 39.92 38.00
CA CYS G 22 21.07 38.70 38.25
C CYS G 22 21.00 37.78 37.05
N LYS G 23 22.14 37.55 36.36
CA LYS G 23 22.11 36.72 35.16
C LYS G 23 22.64 35.35 35.49
N ALA G 24 21.91 34.30 35.05
CA ALA G 24 22.30 32.95 35.38
C ALA G 24 22.80 32.22 34.17
N SER G 25 23.73 31.27 34.39
CA SER G 25 24.24 30.48 33.30
C SER G 25 24.57 29.11 33.83
N GLY G 26 24.50 28.09 32.97
CA GLY G 26 24.92 26.77 33.36
C GLY G 26 23.74 25.87 33.62
N TYR G 27 22.52 26.41 33.76
CA TYR G 27 21.41 25.52 33.98
C TYR G 27 20.21 26.11 33.31
N THR G 28 19.09 25.34 33.26
CA THR G 28 17.93 25.92 32.67
C THR G 28 17.39 26.87 33.70
N PHE G 29 17.40 28.15 33.34
CA PHE G 29 17.09 29.24 34.23
C PHE G 29 15.73 29.11 34.83
N THR G 30 14.71 28.80 34.01
CA THR G 30 13.33 28.77 34.41
C THR G 30 13.06 27.67 35.40
N GLY G 31 13.89 26.62 35.42
CA GLY G 31 13.74 25.46 36.25
C GLY G 31 13.88 25.76 37.72
N ASN G 32 14.57 26.84 38.12
CA ASN G 32 14.75 26.98 39.53
C ASN G 32 14.35 28.34 40.05
N TYR G 33 13.77 28.31 41.26
CA TYR G 33 13.33 29.45 42.03
C TYR G 33 14.57 30.20 42.41
N ILE G 34 14.49 31.55 42.39
CA ILE G 34 15.59 32.41 42.74
C ILE G 34 15.25 33.21 43.95
N HIS G 35 16.10 33.13 44.98
CA HIS G 35 15.89 33.88 46.18
C HIS G 35 16.63 35.17 46.08
N TRP G 36 16.14 36.21 46.80
CA TRP G 36 16.86 37.43 46.93
C TRP G 36 17.16 37.58 48.39
N VAL G 37 18.44 37.82 48.71
CA VAL G 37 18.86 37.85 50.06
C VAL G 37 19.89 38.92 50.19
N ARG G 38 20.06 39.45 51.41
CA ARG G 38 21.00 40.53 51.51
C ARG G 38 21.86 40.31 52.74
N GLN G 39 23.00 41.04 52.87
CA GLN G 39 23.80 40.92 54.06
C GLN G 39 24.42 42.23 54.43
N ALA G 40 23.87 42.91 55.45
CA ALA G 40 24.29 44.22 55.89
C ALA G 40 25.62 44.16 56.58
N PRO G 41 26.27 45.29 56.59
CA PRO G 41 27.57 45.46 57.18
C PRO G 41 27.52 45.29 58.64
N GLY G 42 28.41 44.43 59.17
CA GLY G 42 28.39 44.26 60.58
C GLY G 42 27.08 43.65 60.91
N GLN G 43 26.46 42.94 59.95
CA GLN G 43 25.20 42.33 60.24
C GLN G 43 25.08 41.02 59.51
N GLY G 44 24.10 40.18 59.88
CA GLY G 44 23.96 38.93 59.17
C GLY G 44 22.94 39.08 58.05
N LEU G 45 22.84 38.01 57.22
CA LEU G 45 22.05 37.89 56.01
C LEU G 45 20.56 38.10 56.27
N GLU G 46 19.79 38.49 55.21
CA GLU G 46 18.38 38.71 55.33
C GLU G 46 17.65 38.38 54.07
N TRP G 47 16.50 37.70 54.20
CA TRP G 47 15.80 37.21 53.05
C TRP G 47 14.72 38.16 52.67
N MET G 48 14.78 38.64 51.42
CA MET G 48 13.79 39.48 50.82
C MET G 48 12.61 38.76 50.23
N GLY G 49 12.82 37.60 49.58
CA GLY G 49 11.73 36.93 48.92
C GLY G 49 12.28 36.07 47.82
N TRP G 50 11.40 35.39 47.06
CA TRP G 50 11.84 34.59 45.95
C TRP G 50 10.82 34.61 44.86
N ILE G 51 11.26 34.32 43.62
CA ILE G 51 10.38 34.28 42.50
C ILE G 51 10.64 33.02 41.74
N ALA G 52 9.56 32.34 41.30
CA ALA G 52 9.74 31.17 40.52
C ALA G 52 9.54 31.59 39.09
N PRO G 53 10.55 31.56 38.29
CA PRO G 53 10.42 32.01 36.93
C PRO G 53 9.53 31.13 36.13
N HIS G 54 9.37 29.85 36.51
CA HIS G 54 8.58 29.01 35.68
C HIS G 54 7.14 29.45 35.73
N SER G 55 6.57 29.52 36.94
CA SER G 55 5.20 29.87 37.20
C SER G 55 4.99 31.36 37.27
N GLY G 56 5.99 32.10 37.77
CA GLY G 56 5.85 33.51 37.93
C GLY G 56 5.34 33.77 39.33
N ASP G 57 5.21 32.69 40.15
CA ASP G 57 4.74 32.95 41.48
C ASP G 57 5.87 33.49 42.30
N THR G 58 5.51 34.26 43.33
CA THR G 58 6.52 34.88 44.14
C THR G 58 6.11 34.79 45.57
N SER G 59 7.09 34.92 46.49
CA SER G 59 6.83 34.95 47.89
C SER G 59 7.61 36.12 48.43
N TYR G 60 6.98 36.98 49.26
CA TYR G 60 7.74 38.12 49.71
C TYR G 60 7.75 38.14 51.19
N ALA G 61 8.88 38.58 51.79
CA ALA G 61 8.93 38.75 53.20
C ALA G 61 7.89 39.78 53.49
N GLN G 62 7.19 39.62 54.62
CA GLN G 62 6.13 40.51 54.97
C GLN G 62 6.74 41.84 55.07
N ARG G 63 8.00 41.85 55.50
CA ARG G 63 8.67 43.08 55.69
C ARG G 63 8.71 43.82 54.36
N PHE G 64 9.09 43.11 53.29
CA PHE G 64 9.33 43.56 51.94
C PHE G 64 8.16 43.81 51.02
N GLN G 65 7.02 43.11 51.21
CA GLN G 65 6.04 42.97 50.16
C GLN G 65 5.61 44.27 49.53
N GLY G 66 5.32 45.34 50.29
CA GLY G 66 4.81 46.49 49.60
C GLY G 66 5.82 47.09 48.67
N ARG G 67 7.07 47.23 49.15
CA ARG G 67 8.17 47.92 48.52
C ARG G 67 8.92 47.23 47.41
N VAL G 68 8.94 45.88 47.35
CA VAL G 68 9.83 45.21 46.44
C VAL G 68 9.08 44.63 45.29
N THR G 69 9.80 44.53 44.15
CA THR G 69 9.27 43.95 42.95
C THR G 69 10.30 43.02 42.42
N MET G 70 9.92 41.75 42.15
CA MET G 70 10.82 40.84 41.53
C MET G 70 10.28 40.50 40.19
N THR G 71 11.15 40.56 39.17
CA THR G 71 10.76 40.26 37.82
C THR G 71 11.73 39.26 37.30
N GLY G 72 11.41 38.65 36.15
CA GLY G 72 12.31 37.69 35.58
C GLY G 72 12.12 37.70 34.10
N ASP G 73 13.24 37.90 33.36
CA ASP G 73 13.19 37.92 31.93
C ASP G 73 13.88 36.68 31.48
N THR G 74 13.11 35.61 31.25
CA THR G 74 13.60 34.29 30.95
C THR G 74 14.38 34.25 29.67
N SER G 75 14.07 35.10 28.69
CA SER G 75 14.81 35.09 27.46
C SER G 75 16.24 35.42 27.77
N LEU G 76 16.41 36.42 28.67
CA LEU G 76 17.64 36.96 29.17
C LEU G 76 18.29 36.06 30.17
N SER G 77 17.54 35.14 30.79
CA SER G 77 18.10 34.32 31.83
C SER G 77 18.45 35.24 32.96
N THR G 78 17.67 36.33 33.12
CA THR G 78 17.95 37.29 34.15
C THR G 78 16.80 37.45 35.07
N ALA G 79 17.13 37.73 36.34
CA ALA G 79 16.19 37.97 37.39
C ALA G 79 16.47 39.37 37.87
N TYR G 80 15.42 40.14 38.25
CA TYR G 80 15.62 41.51 38.67
C TYR G 80 14.99 41.70 40.01
N MET G 81 15.54 42.65 40.81
CA MET G 81 14.99 42.97 42.09
C MET G 81 15.07 44.46 42.26
N GLU G 82 13.95 45.11 42.66
CA GLU G 82 13.93 46.55 42.82
C GLU G 82 13.31 46.85 44.15
N LEU G 83 13.91 47.80 44.90
CA LEU G 83 13.39 48.07 46.21
C LEU G 83 13.27 49.56 46.42
N SER G 84 12.05 50.06 46.70
CA SER G 84 11.88 51.47 46.90
C SER G 84 11.89 51.80 48.39
N ARG G 85 11.91 53.11 48.71
CA ARG G 85 11.81 53.66 50.04
C ARG G 85 12.70 52.93 50.99
N LEU G 86 14.03 53.07 50.77
CA LEU G 86 15.05 52.42 51.52
C LEU G 86 14.96 52.84 52.94
N ARG G 87 15.37 51.94 53.84
CA ARG G 87 15.40 52.26 55.22
C ARG G 87 16.52 51.44 55.66
N SER G 88 16.87 51.60 56.91
CA SER G 88 18.01 51.05 57.53
C SER G 88 18.18 49.60 57.14
N ASP G 89 17.08 48.84 57.23
CA ASP G 89 17.12 47.42 57.07
C ASP G 89 17.67 47.11 55.70
N ASP G 90 17.61 48.09 54.80
CA ASP G 90 17.94 48.04 53.42
C ASP G 90 19.39 47.86 53.05
N THR G 91 20.39 48.26 53.85
CA THR G 91 21.66 48.25 53.19
C THR G 91 22.61 47.22 53.55
N ALA G 92 23.12 46.59 52.46
CA ALA G 92 23.89 45.40 52.56
C ALA G 92 24.36 45.04 51.20
N VAL G 93 25.09 43.91 51.13
CA VAL G 93 25.42 43.34 49.86
C VAL G 93 24.20 42.55 49.51
N TYR G 94 23.71 42.65 48.25
CA TYR G 94 22.49 41.97 47.86
C TYR G 94 22.89 40.81 47.02
N TYR G 95 22.38 39.62 47.38
CA TYR G 95 22.75 38.42 46.69
C TYR G 95 21.51 37.81 46.14
N CYS G 96 21.65 37.18 44.96
CA CYS G 96 20.64 36.35 44.39
C CYS G 96 21.15 34.95 44.58
N ALA G 97 20.25 33.96 44.74
CA ALA G 97 20.71 32.60 44.96
C ALA G 97 19.67 31.65 44.47
N ARG G 98 20.10 30.56 43.79
CA ARG G 98 19.18 29.59 43.28
C ARG G 98 18.90 28.53 44.32
N GLY G 99 17.68 27.98 44.31
CA GLY G 99 17.31 26.92 45.23
C GLY G 99 17.96 25.66 44.72
N PRO G 100 17.95 24.66 45.57
CA PRO G 100 18.54 23.39 45.21
C PRO G 100 17.65 22.46 44.43
N PHE G 101 18.22 21.32 44.03
CA PHE G 101 17.57 20.27 43.30
C PHE G 101 16.53 19.68 44.21
N PRO G 102 15.49 19.11 43.66
CA PRO G 102 14.47 18.48 44.46
C PRO G 102 15.03 17.25 45.10
N ASN G 103 14.56 16.90 46.33
CA ASN G 103 15.13 15.78 47.02
C ASN G 103 14.16 14.62 47.01
N TYR G 104 14.73 13.41 47.15
CA TYR G 104 14.01 12.16 47.11
C TYR G 104 13.01 12.09 48.23
N TYR G 105 13.44 12.40 49.48
CA TYR G 105 12.48 12.33 50.55
C TYR G 105 12.36 13.72 51.11
N GLY G 106 11.68 14.61 50.37
CA GLY G 106 11.59 15.95 50.87
C GLY G 106 10.16 16.38 50.85
N PRO G 107 9.85 17.09 51.89
CA PRO G 107 8.55 17.72 51.98
C PRO G 107 8.65 19.01 51.23
N GLY G 108 7.55 19.75 51.08
CA GLY G 108 7.60 20.97 50.33
C GLY G 108 8.53 21.95 50.97
N SER G 109 9.29 22.67 50.12
CA SER G 109 10.22 23.72 50.42
C SER G 109 11.44 23.25 51.13
N TYR G 110 11.61 21.93 51.21
CA TYR G 110 12.76 21.37 51.84
C TYR G 110 13.98 21.72 51.06
N TRP G 111 13.87 22.07 49.76
CA TRP G 111 15.00 22.42 48.94
C TRP G 111 15.07 23.91 48.70
N GLY G 112 14.47 24.69 49.61
CA GLY G 112 14.36 26.11 49.67
C GLY G 112 15.64 26.79 50.09
N GLY G 113 16.70 26.05 50.42
CA GLY G 113 17.95 26.62 50.86
C GLY G 113 18.62 27.31 49.71
N LEU G 114 19.76 27.99 49.97
CA LEU G 114 20.39 28.67 48.87
C LEU G 114 21.52 27.84 48.35
N ASP G 115 21.23 27.07 47.29
CA ASP G 115 22.18 26.15 46.71
C ASP G 115 23.33 26.87 46.03
N PHE G 116 23.05 27.86 45.15
CA PHE G 116 24.12 28.53 44.45
C PHE G 116 23.93 30.02 44.59
N TRP G 117 25.02 30.76 44.89
CA TRP G 117 24.90 32.17 45.18
C TRP G 117 25.65 33.02 44.19
N GLY G 118 25.14 34.26 43.95
CA GLY G 118 25.85 35.24 43.17
C GLY G 118 26.82 35.88 44.13
N GLN G 119 27.78 36.68 43.61
CA GLN G 119 28.80 37.33 44.40
C GLN G 119 28.19 38.38 45.29
N GLY G 120 27.09 39.00 44.82
CA GLY G 120 26.45 40.00 45.64
C GLY G 120 26.84 41.39 45.19
N THR G 121 25.92 42.38 45.37
CA THR G 121 26.12 43.76 44.97
C THR G 121 25.87 44.67 46.16
N LEU G 122 26.75 45.68 46.39
CA LEU G 122 26.67 46.48 47.61
C LEU G 122 25.83 47.73 47.45
N VAL G 123 24.89 47.96 48.43
CA VAL G 123 24.07 49.16 48.51
C VAL G 123 24.07 49.66 49.96
N SER G 124 24.45 50.94 50.25
CA SER G 124 24.51 51.32 51.66
C SER G 124 23.67 52.52 52.06
N VAL G 125 22.78 52.36 53.07
CA VAL G 125 21.84 53.26 53.70
C VAL G 125 22.04 53.03 55.21
N SER G 126 21.02 53.15 56.09
CA SER G 126 21.08 52.96 57.57
C SER G 126 21.40 51.57 58.41
N SER G 127 20.46 50.52 58.79
CA SER G 127 20.54 49.26 59.79
C SER G 127 19.40 47.91 60.09
N GLU G 128 19.55 46.53 60.91
CA GLU G 128 18.72 45.11 61.47
C GLU G 128 19.22 43.64 62.44
N ILE G 129 18.44 42.38 62.96
CA ILE G 129 18.71 41.04 63.94
C ILE G 129 18.00 39.52 63.93
N VAL G 130 18.44 38.37 64.76
CA VAL G 130 17.91 36.94 64.94
C VAL G 130 18.77 35.83 65.68
N MET G 131 19.18 34.75 64.94
CA MET G 131 19.94 33.58 65.38
C MET G 131 21.23 34.09 65.99
N THR G 132 21.93 33.25 66.78
CA THR G 132 23.14 33.69 67.44
C THR G 132 24.19 32.64 67.33
N GLN G 133 25.45 33.04 67.03
CA GLN G 133 26.47 32.04 66.86
C GLN G 133 27.59 32.24 67.82
N SER G 134 28.36 31.16 68.07
CA SER G 134 29.51 31.18 68.93
C SER G 134 30.36 30.04 68.52
N PRO G 135 31.66 30.15 68.65
CA PRO G 135 32.31 31.36 69.11
C PRO G 135 32.44 32.32 67.97
N ALA G 136 32.67 33.61 68.27
CA ALA G 136 32.80 34.60 67.24
C ALA G 136 33.96 34.23 66.39
N THR G 137 35.09 33.82 67.01
CA THR G 137 36.21 33.43 66.20
C THR G 137 36.77 32.16 66.73
N LEU G 138 37.31 31.32 65.82
CA LEU G 138 37.85 30.05 66.22
C LEU G 138 39.21 29.94 65.60
N SER G 139 40.27 29.99 66.43
CA SER G 139 41.61 29.90 65.92
C SER G 139 42.05 28.48 66.06
N VAL G 140 42.54 27.90 64.94
CA VAL G 140 42.89 26.50 65.01
C VAL G 140 44.01 26.24 64.05
N SER G 141 44.67 25.08 64.21
CA SER G 141 45.74 24.70 63.34
C SER G 141 45.24 23.58 62.51
N LEU G 142 45.75 23.48 61.27
CA LEU G 142 45.27 22.48 60.36
C LEU G 142 45.45 21.15 61.02
N GLY G 143 44.35 20.38 61.12
CA GLY G 143 44.36 19.08 61.72
C GLY G 143 43.40 18.99 62.88
N GLU G 144 43.15 20.10 63.62
CA GLU G 144 42.31 20.05 64.79
C GLU G 144 40.87 19.91 64.36
N ARG G 145 39.94 19.80 65.34
CA ARG G 145 38.56 19.70 64.94
C ARG G 145 37.86 20.98 65.30
N ALA G 146 36.92 21.41 64.43
CA ALA G 146 36.23 22.65 64.68
C ALA G 146 34.78 22.37 64.94
N THR G 147 34.21 23.03 65.96
CA THR G 147 32.82 22.87 66.27
C THR G 147 32.20 24.23 66.32
N LEU G 148 31.06 24.43 65.62
CA LEU G 148 30.45 25.72 65.58
C LEU G 148 29.03 25.60 66.13
N SER G 149 28.56 26.58 66.93
CA SER G 149 27.24 26.47 67.50
C SER G 149 26.34 27.60 67.04
N CYS G 150 25.02 27.33 66.96
CA CYS G 150 24.07 28.32 66.51
C CYS G 150 22.82 28.26 67.38
N ARG G 151 22.46 29.38 68.07
CA ARG G 151 21.29 29.40 68.90
C ARG G 151 20.23 30.25 68.26
N THR G 152 19.00 29.71 68.17
CA THR G 152 17.95 30.41 67.47
C THR G 152 16.96 30.96 68.44
N SER G 153 16.37 32.12 68.09
CA SER G 153 15.33 32.75 68.86
C SER G 153 14.04 32.03 68.62
N GLN G 154 14.01 31.09 67.66
CA GLN G 154 12.80 30.36 67.34
C GLN G 154 13.22 28.94 67.04
N ASN G 155 12.25 27.98 67.03
CA ASN G 155 12.53 26.59 66.76
C ASN G 155 12.48 26.33 65.29
N VAL G 156 12.98 25.15 64.80
CA VAL G 156 13.00 24.99 63.36
C VAL G 156 12.61 23.61 62.81
N ALA G 157 12.15 23.62 61.52
CA ALA G 157 11.61 22.72 60.49
C ALA G 157 12.62 21.66 60.14
N TYR G 158 13.84 21.80 60.68
CA TYR G 158 14.93 20.91 60.39
C TYR G 158 15.44 21.42 59.09
N ASN G 159 14.94 22.62 58.74
CA ASN G 159 15.42 23.29 57.59
C ASN G 159 16.42 24.27 58.09
N PHE G 160 17.64 23.75 58.37
CA PHE G 160 18.73 24.50 58.90
C PHE G 160 19.86 24.21 57.96
N ALA G 161 20.67 25.23 57.60
CA ALA G 161 21.74 24.99 56.66
C ALA G 161 22.93 25.82 57.04
N TRP G 162 24.13 25.41 56.57
CA TRP G 162 25.30 26.16 56.89
C TRP G 162 25.98 26.58 55.61
N TYR G 163 26.59 27.78 55.64
CA TYR G 163 27.23 28.31 54.45
C TYR G 163 28.63 28.71 54.78
N GLN G 164 29.52 28.61 53.76
CA GLN G 164 30.92 28.96 53.91
C GLN G 164 31.18 30.17 53.05
N GLN G 165 31.92 31.16 53.57
CA GLN G 165 32.13 32.35 52.78
C GLN G 165 33.52 32.91 52.94
N LYS G 166 34.26 33.00 51.84
CA LYS G 166 35.49 33.74 51.86
C LYS G 166 35.03 35.10 51.42
N PRO G 167 35.36 36.15 52.11
CA PRO G 167 34.81 37.42 51.72
C PRO G 167 35.23 37.84 50.37
N GLY G 168 34.30 38.46 49.63
CA GLY G 168 34.57 38.93 48.31
C GLY G 168 34.14 37.87 47.34
N GLN G 169 33.86 36.65 47.85
CA GLN G 169 33.45 35.59 46.97
C GLN G 169 32.04 35.23 47.28
N ALA G 170 31.44 34.44 46.38
CA ALA G 170 30.09 34.02 46.60
C ALA G 170 30.09 33.05 47.74
N PRO G 171 29.02 33.09 48.47
CA PRO G 171 28.88 32.17 49.57
C PRO G 171 28.68 30.80 49.00
N ARG G 172 29.02 29.71 49.75
CA ARG G 172 28.88 28.37 49.25
C ARG G 172 28.15 27.55 50.27
N LEU G 173 27.32 26.57 49.81
CA LEU G 173 26.50 25.78 50.72
C LEU G 173 27.23 24.55 51.23
N LEU G 174 27.39 24.42 52.57
CA LEU G 174 27.98 23.26 53.24
C LEU G 174 27.03 22.14 53.61
N ILE G 175 25.99 22.47 54.41
CA ILE G 175 25.06 21.50 54.91
C ILE G 175 23.68 22.03 54.84
N TYR G 176 22.76 21.09 54.60
CA TYR G 176 21.40 21.38 54.32
C TYR G 176 20.60 20.42 55.15
N GLU G 177 19.39 20.79 55.62
CA GLU G 177 18.56 19.90 56.37
C GLU G 177 19.21 19.47 57.65
N ALA G 178 19.93 20.39 58.29
CA ALA G 178 20.57 20.19 59.57
C ALA G 178 21.72 19.25 59.43
N SER G 179 21.62 18.21 58.57
CA SER G 179 22.72 17.27 58.57
C SER G 179 23.03 16.72 57.21
N SER G 180 22.38 17.19 56.13
CA SER G 180 22.68 16.61 54.84
C SER G 180 23.77 17.40 54.18
N ARG G 181 24.83 16.68 53.76
CA ARG G 181 25.97 17.33 53.17
C ARG G 181 25.66 17.68 51.75
N ALA G 182 26.14 18.87 51.31
CA ALA G 182 25.95 19.36 49.96
C ALA G 182 26.83 18.57 49.05
N THR G 183 26.46 18.50 47.75
CA THR G 183 27.26 17.74 46.84
C THR G 183 28.56 18.46 46.68
N GLY G 184 29.66 17.71 46.66
CA GLY G 184 30.95 18.29 46.48
C GLY G 184 31.54 18.63 47.82
N THR G 185 30.80 18.39 48.92
CA THR G 185 31.34 18.74 50.21
C THR G 185 31.92 17.50 50.83
N PRO G 186 33.05 17.67 51.45
CA PRO G 186 33.75 16.54 52.02
C PRO G 186 33.15 16.01 53.30
N ALA G 187 33.49 14.75 53.62
CA ALA G 187 33.04 13.98 54.75
C ALA G 187 33.50 14.67 56.00
N ARG G 188 34.55 15.49 55.89
CA ARG G 188 35.08 16.18 57.02
C ARG G 188 33.95 16.93 57.68
N PHE G 189 33.04 17.53 56.89
CA PHE G 189 31.99 18.35 57.42
C PHE G 189 30.78 17.54 57.79
N SER G 190 30.15 17.90 58.93
CA SER G 190 28.95 17.25 59.38
C SER G 190 28.18 18.25 60.21
N GLY G 191 26.84 18.07 60.33
CA GLY G 191 26.04 18.99 61.12
C GLY G 191 25.01 18.21 61.88
N SER G 192 24.37 18.84 62.91
CA SER G 192 23.35 18.19 63.70
C SER G 192 22.69 19.21 64.62
N GLY G 193 21.57 18.81 65.29
CA GLY G 193 20.94 19.69 66.26
C GLY G 193 19.43 19.58 66.20
N PHE G 194 18.73 20.39 67.04
CA PHE G 194 17.29 20.46 67.07
C PHE G 194 16.87 21.68 67.87
N GLY G 195 15.61 22.14 67.72
CA GLY G 195 15.08 23.26 68.48
C GLY G 195 15.78 24.54 68.12
N THR G 196 16.29 25.21 69.18
CA THR G 196 17.02 26.44 69.10
C THR G 196 18.47 26.22 68.77
N GLU G 197 19.09 25.07 69.16
CA GLU G 197 20.53 24.96 69.03
C GLU G 197 20.97 23.93 68.01
N PHE G 198 21.93 24.33 67.14
CA PHE G 198 22.46 23.45 66.11
C PHE G 198 23.95 23.62 66.04
N THR G 199 24.69 22.61 65.50
CA THR G 199 26.12 22.72 65.43
C THR G 199 26.64 22.14 64.13
N LEU G 200 27.83 22.62 63.70
CA LEU G 200 28.53 22.17 62.51
C LEU G 200 29.87 21.69 62.97
N THR G 201 30.38 20.58 62.38
CA THR G 201 31.66 20.07 62.78
C THR G 201 32.54 19.80 61.60
N ILE G 202 33.84 20.07 61.78
CA ILE G 202 34.83 19.72 60.79
C ILE G 202 35.76 18.82 61.53
N SER G 203 35.81 17.53 61.16
CA SER G 203 36.60 16.58 61.90
C SER G 203 38.05 16.95 61.85
N SER G 204 38.63 17.10 60.64
CA SER G 204 40.01 17.45 60.52
C SER G 204 40.09 18.64 59.62
N MET G 205 40.79 19.71 60.08
CA MET G 205 40.85 20.94 59.35
C MET G 205 41.85 20.85 58.23
N GLN G 206 41.54 21.58 57.13
CA GLN G 206 42.38 21.70 55.98
C GLN G 206 42.55 23.18 55.80
N SER G 207 43.55 23.62 55.02
CA SER G 207 43.83 25.02 54.87
C SER G 207 42.73 25.73 54.14
N GLU G 208 41.99 25.00 53.28
CA GLU G 208 40.93 25.54 52.47
C GLU G 208 39.75 25.96 53.29
N ASP G 209 39.58 25.35 54.48
CA ASP G 209 38.48 25.51 55.39
C ASP G 209 38.40 26.87 55.99
N PHE G 210 39.52 27.61 56.10
CA PHE G 210 39.41 28.89 56.75
C PHE G 210 38.50 29.76 55.95
N ALA G 211 37.43 30.24 56.60
CA ALA G 211 36.44 31.09 55.98
C ALA G 211 35.49 31.44 57.07
N VAL G 212 34.40 32.16 56.73
CA VAL G 212 33.40 32.47 57.72
C VAL G 212 32.31 31.46 57.55
N TYR G 213 31.64 31.08 58.67
CA TYR G 213 30.58 30.11 58.60
C TYR G 213 29.33 30.72 59.16
N TYR G 214 28.18 30.48 58.48
CA TYR G 214 26.92 31.03 58.89
C TYR G 214 25.89 29.95 58.93
N CYS G 215 24.94 30.05 59.88
CA CYS G 215 23.85 29.12 59.95
C CYS G 215 22.64 29.81 59.41
N GLN G 216 21.63 29.06 58.92
CA GLN G 216 20.45 29.67 58.38
C GLN G 216 19.27 28.79 58.59
N GLN G 217 18.09 29.39 58.87
CA GLN G 217 16.85 28.67 59.00
C GLN G 217 16.06 29.05 57.81
N TYR G 218 15.52 28.05 57.06
CA TYR G 218 14.80 28.30 55.85
C TYR G 218 13.48 27.57 55.81
N ASN G 219 12.50 28.11 55.06
CA ASN G 219 11.23 27.44 54.94
C ASN G 219 10.60 27.94 53.69
N ASN G 220 9.26 27.75 53.57
CA ASN G 220 8.52 28.21 52.43
C ASN G 220 8.25 29.68 52.48
N TRP G 221 8.01 30.20 53.70
CA TRP G 221 7.40 31.49 53.89
C TRP G 221 8.36 32.64 54.04
N PRO G 222 7.75 33.81 53.94
CA PRO G 222 8.41 35.08 54.03
C PRO G 222 9.30 35.27 55.21
N SER G 223 8.73 35.20 56.42
CA SER G 223 9.50 35.28 57.62
C SER G 223 10.34 34.04 57.75
N PRO G 224 10.07 32.95 57.06
CA PRO G 224 10.92 31.85 57.35
C PRO G 224 12.40 31.83 57.17
N PHE G 225 13.05 32.75 56.45
CA PHE G 225 14.48 32.50 56.40
C PHE G 225 15.14 33.39 57.42
N THR G 226 16.12 32.85 58.21
CA THR G 226 16.88 33.69 59.13
C THR G 226 18.30 33.17 59.23
N PHE G 227 19.32 34.06 59.43
CA PHE G 227 20.71 33.66 59.40
C PHE G 227 21.42 34.12 60.66
N GLY G 228 22.53 33.45 61.04
CA GLY G 228 23.33 33.81 62.21
C GLY G 228 24.41 34.80 61.84
N PRO G 229 25.00 35.36 62.88
CA PRO G 229 26.04 36.36 62.75
C PRO G 229 27.31 35.90 62.12
N GLY G 230 27.58 34.59 62.17
CA GLY G 230 28.76 34.09 61.53
C GLY G 230 29.85 33.85 62.53
N THR G 231 30.67 32.84 62.23
CA THR G 231 31.81 32.48 63.04
C THR G 231 33.00 32.43 62.14
N LYS G 232 34.12 33.06 62.54
CA LYS G 232 35.25 33.08 61.68
C LYS G 232 36.24 32.05 62.10
N VAL G 233 36.61 31.16 61.16
CA VAL G 233 37.61 30.16 61.41
C VAL G 233 38.87 30.68 60.82
N HIS G 234 39.81 31.13 61.66
CA HIS G 234 41.03 31.71 61.19
C HIS G 234 42.15 30.78 61.53
N ILE G 235 43.25 30.83 60.75
CA ILE G 235 44.34 29.93 60.96
C ILE G 235 45.31 30.52 61.94
N LYS G 236 45.81 29.66 62.85
CA LYS G 236 46.79 30.01 63.85
C LYS G 236 46.60 29.00 64.97
N GLN H 1 35.15 23.36 -32.30
CA GLN H 1 33.95 24.22 -32.39
C GLN H 1 33.21 23.83 -33.62
N VAL H 2 32.20 24.63 -34.03
CA VAL H 2 31.44 24.24 -35.17
C VAL H 2 32.34 24.19 -36.37
N GLN H 3 32.28 23.09 -37.16
CA GLN H 3 33.16 22.95 -38.29
C GLN H 3 32.43 22.27 -39.43
N LEU H 4 32.69 22.71 -40.68
CA LEU H 4 32.10 22.08 -41.84
C LEU H 4 33.19 21.66 -42.79
N VAL H 5 33.31 20.34 -43.12
CA VAL H 5 34.38 19.92 -43.99
C VAL H 5 33.82 19.34 -45.28
N GLN H 6 34.43 19.71 -46.44
CA GLN H 6 33.90 19.36 -47.75
C GLN H 6 34.79 18.40 -48.52
N SER H 7 34.34 18.02 -49.75
CA SER H 7 34.99 17.10 -50.67
C SER H 7 36.03 17.79 -51.54
N GLY H 8 36.65 17.04 -52.49
CA GLY H 8 37.74 17.51 -53.36
C GLY H 8 37.30 18.17 -54.65
N ALA H 9 38.26 18.88 -55.31
CA ALA H 9 38.08 19.71 -56.50
C ALA H 9 38.01 18.97 -57.83
N GLU H 10 37.47 19.66 -58.89
CA GLU H 10 37.32 19.07 -60.22
C GLU H 10 37.32 20.12 -61.36
N MET H 11 37.60 19.71 -62.63
CA MET H 11 37.57 20.63 -63.77
C MET H 11 36.52 20.18 -64.75
N LYS H 12 35.71 21.13 -65.30
CA LYS H 12 34.59 20.74 -66.15
C LYS H 12 34.37 21.68 -67.33
N MET H 13 33.72 21.15 -68.38
CA MET H 13 33.39 21.95 -69.52
C MET H 13 31.91 22.12 -69.42
N PRO H 14 31.34 23.18 -69.98
CA PRO H 14 29.91 23.27 -69.87
C PRO H 14 29.23 22.07 -70.46
N GLY H 15 28.15 21.59 -69.80
CA GLY H 15 27.41 20.41 -70.20
C GLY H 15 27.61 19.27 -69.21
N ALA H 16 28.70 19.30 -68.40
CA ALA H 16 29.03 18.19 -67.50
C ALA H 16 28.36 18.37 -66.14
N SER H 17 28.49 17.39 -65.19
CA SER H 17 27.87 17.50 -63.88
C SER H 17 28.87 17.26 -62.76
N VAL H 18 28.59 17.76 -61.52
CA VAL H 18 29.50 17.57 -60.39
C VAL H 18 28.76 17.37 -59.06
N LYS H 19 29.30 16.52 -58.13
CA LYS H 19 28.66 16.31 -56.84
C LYS H 19 29.63 16.60 -55.71
N VAL H 20 29.19 17.40 -54.68
CA VAL H 20 30.07 17.79 -53.60
C VAL H 20 29.41 17.50 -52.26
N SER H 21 30.20 17.13 -51.22
CA SER H 21 29.63 16.76 -49.93
C SER H 21 30.12 17.69 -48.84
N CYS H 22 29.40 17.73 -47.69
CA CYS H 22 29.76 18.65 -46.62
C CYS H 22 29.47 18.01 -45.28
N LYS H 23 30.53 17.71 -44.48
CA LYS H 23 30.31 17.06 -43.20
C LYS H 23 30.43 18.07 -42.08
N ALA H 24 29.45 18.07 -41.15
CA ALA H 24 29.43 19.05 -40.10
C ALA H 24 29.75 18.42 -38.78
N SER H 25 30.37 19.21 -37.88
CA SER H 25 30.67 18.72 -36.56
C SER H 25 30.60 19.87 -35.61
N GLY H 26 30.28 19.59 -34.32
CA GLY H 26 30.30 20.62 -33.33
C GLY H 26 28.91 21.06 -32.95
N TYR H 27 27.88 20.74 -33.76
CA TYR H 27 26.56 21.16 -33.37
C TYR H 27 25.60 20.10 -33.80
N THR H 28 24.31 20.23 -33.39
CA THR H 28 23.37 19.26 -33.84
C THR H 28 23.08 19.62 -35.26
N PHE H 29 23.47 18.72 -36.17
CA PHE H 29 23.44 18.93 -37.59
C PHE H 29 22.08 19.28 -38.09
N THR H 30 21.04 18.54 -37.65
CA THR H 30 19.70 18.68 -38.13
C THR H 30 19.09 20.00 -37.77
N GLY H 31 19.60 20.65 -36.70
CA GLY H 31 19.11 21.90 -36.17
C GLY H 31 19.27 23.05 -37.12
N ASN H 32 20.23 23.00 -38.07
CA ASN H 32 20.38 24.20 -38.85
C ASN H 32 20.37 23.94 -40.33
N TYR H 33 19.75 24.92 -41.04
CA TYR H 33 19.63 24.97 -42.47
C TYR H 33 21.02 25.16 -43.02
N ILE H 34 21.32 24.51 -44.16
CA ILE H 34 22.60 24.58 -44.79
C ILE H 34 22.45 25.19 -46.15
N HIS H 35 23.22 26.27 -46.41
CA HIS H 35 23.18 26.92 -47.68
C HIS H 35 24.26 26.35 -48.54
N TRP H 36 24.05 26.42 -49.87
CA TRP H 36 25.08 26.08 -50.81
C TRP H 36 25.35 27.32 -51.58
N VAL H 37 26.64 27.69 -51.65
CA VAL H 37 27.00 28.93 -52.25
C VAL H 37 28.29 28.70 -52.98
N ARG H 38 28.55 29.55 -53.99
CA ARG H 38 29.75 29.29 -54.73
C ARG H 38 30.47 30.60 -54.97
N GLN H 39 31.76 30.55 -55.38
CA GLN H 39 32.46 31.78 -55.70
C GLN H 39 33.41 31.59 -56.84
N ALA H 40 33.04 32.08 -58.04
CA ALA H 40 33.79 31.91 -59.26
C ALA H 40 35.03 32.76 -59.25
N PRO H 41 35.97 32.34 -60.06
CA PRO H 41 37.24 32.99 -60.20
C PRO H 41 37.10 34.33 -60.80
N GLY H 42 37.69 35.34 -60.14
CA GLY H 42 37.58 36.64 -60.70
C GLY H 42 36.14 37.00 -60.64
N GLN H 43 35.39 36.39 -59.69
CA GLN H 43 34.00 36.72 -59.63
C GLN H 43 33.55 36.68 -58.19
N GLY H 44 32.36 37.22 -57.90
CA GLY H 44 31.89 37.18 -56.53
C GLY H 44 31.00 35.96 -56.32
N LEU H 45 30.63 35.72 -55.03
CA LEU H 45 29.88 34.61 -54.51
C LEU H 45 28.51 34.48 -55.16
N GLU H 46 27.91 33.26 -55.13
CA GLU H 46 26.60 33.02 -55.70
C GLU H 46 25.86 31.96 -54.96
N TRP H 47 24.56 32.20 -54.72
CA TRP H 47 23.80 31.32 -53.88
C TRP H 47 23.02 30.36 -54.74
N MET H 48 23.26 29.07 -54.51
CA MET H 48 22.57 27.98 -55.13
C MET H 48 21.24 27.61 -54.51
N GLY H 49 21.16 27.63 -53.16
CA GLY H 49 19.94 27.19 -52.52
C GLY H 49 20.27 26.73 -51.13
N TRP H 50 19.25 26.23 -50.38
CA TRP H 50 19.49 25.73 -49.06
C TRP H 50 18.55 24.60 -48.78
N ILE H 51 18.95 23.73 -47.81
CA ILE H 51 18.12 22.63 -47.42
C ILE H 51 18.04 22.61 -45.93
N ALA H 52 16.84 22.36 -45.40
CA ALA H 52 16.72 22.26 -43.97
C ALA H 52 16.68 20.79 -43.67
N PRO H 53 17.67 20.28 -43.03
CA PRO H 53 17.71 18.87 -42.77
C PRO H 53 16.64 18.44 -41.82
N HIS H 54 16.13 19.34 -40.97
CA HIS H 54 15.16 18.88 -40.03
C HIS H 54 13.90 18.47 -40.75
N SER H 55 13.33 19.41 -41.54
CA SER H 55 12.11 19.23 -42.26
C SER H 55 12.32 18.57 -43.60
N GLY H 56 13.47 18.82 -44.25
CA GLY H 56 13.71 18.28 -45.55
C GLY H 56 13.25 19.29 -46.56
N ASP H 57 12.80 20.47 -46.10
CA ASP H 57 12.37 21.44 -47.07
C ASP H 57 13.57 22.08 -47.67
N THR H 58 13.42 22.56 -48.92
CA THR H 58 14.52 23.14 -49.61
C THR H 58 14.06 24.36 -50.34
N SER H 59 15.01 25.24 -50.68
CA SER H 59 14.72 26.41 -51.47
C SER H 59 15.77 26.46 -52.53
N TYR H 60 15.38 26.67 -53.80
CA TYR H 60 16.40 26.65 -54.82
C TYR H 60 16.38 27.94 -55.56
N ALA H 61 17.58 28.43 -55.97
CA ALA H 61 17.61 29.60 -56.80
C ALA H 61 16.90 29.19 -58.04
N GLN H 62 16.15 30.12 -58.63
CA GLN H 62 15.35 29.85 -59.78
C GLN H 62 16.31 29.40 -60.82
N ARG H 63 17.51 29.99 -60.75
CA ARG H 63 18.48 29.67 -61.72
C ARG H 63 18.77 28.20 -61.68
N PHE H 64 18.98 27.66 -60.47
CA PHE H 64 19.38 26.32 -60.12
C PHE H 64 18.35 25.20 -60.14
N GLN H 65 17.06 25.51 -59.90
CA GLN H 65 16.11 24.50 -59.50
C GLN H 65 16.09 23.27 -60.37
N GLY H 66 16.07 23.39 -61.70
CA GLY H 66 15.93 22.16 -62.44
C GLY H 66 17.11 21.23 -62.26
N ARG H 67 18.31 21.80 -62.32
CA ARG H 67 19.58 21.11 -62.35
C ARG H 67 20.15 20.59 -61.05
N VAL H 68 19.79 21.18 -59.89
CA VAL H 68 20.49 20.84 -58.67
C VAL H 68 19.66 19.99 -57.79
N THR H 69 20.36 19.18 -56.97
CA THR H 69 19.73 18.32 -56.02
C THR H 69 20.48 18.47 -54.74
N MET H 70 19.77 18.76 -53.63
CA MET H 70 20.40 18.79 -52.35
C MET H 70 19.82 17.69 -51.52
N THR H 71 20.72 16.93 -50.87
CA THR H 71 20.30 15.84 -50.04
C THR H 71 20.97 16.01 -48.72
N GLY H 72 20.53 15.25 -47.71
CA GLY H 72 21.15 15.35 -46.42
C GLY H 72 21.03 14.02 -45.74
N ASP H 73 22.17 13.48 -45.29
CA ASP H 73 22.19 12.22 -44.61
C ASP H 73 22.53 12.52 -43.19
N THR H 74 21.48 12.69 -42.35
CA THR H 74 21.61 13.13 -40.99
C THR H 74 22.38 12.18 -40.14
N SER H 75 22.35 10.86 -40.45
CA SER H 75 23.10 9.94 -39.65
C SER H 75 24.55 10.29 -39.77
N LEU H 76 24.96 10.61 -41.02
CA LEU H 76 26.28 11.00 -41.44
C LEU H 76 26.62 12.41 -41.03
N SER H 77 25.62 13.25 -40.73
CA SER H 77 25.90 14.63 -40.44
C SER H 77 26.46 15.24 -41.68
N THR H 78 26.01 14.73 -42.85
CA THR H 78 26.50 15.22 -44.11
C THR H 78 25.40 15.76 -44.96
N ALA H 79 25.76 16.79 -45.75
CA ALA H 79 24.90 17.43 -46.68
C ALA H 79 25.54 17.23 -48.04
N TYR H 80 24.72 17.03 -49.10
CA TYR H 80 25.28 16.79 -50.41
C TYR H 80 24.70 17.77 -51.39
N MET H 81 25.46 18.09 -52.45
CA MET H 81 24.97 18.97 -53.47
C MET H 81 25.46 18.44 -54.80
N GLU H 82 24.55 18.29 -55.78
CA GLU H 82 24.92 17.76 -57.07
C GLU H 82 24.38 18.67 -58.14
N LEU H 83 25.19 18.98 -59.16
CA LEU H 83 24.72 19.90 -60.17
C LEU H 83 25.01 19.37 -61.53
N SER H 84 23.96 19.17 -62.37
CA SER H 84 24.18 18.66 -63.70
C SER H 84 24.24 19.79 -64.70
N ARG H 85 24.60 19.46 -65.96
CA ARG H 85 24.62 20.34 -67.09
C ARG H 85 25.26 21.66 -66.75
N LEU H 86 26.57 21.63 -66.47
CA LEU H 86 27.34 22.75 -66.06
C LEU H 86 27.33 23.77 -67.14
N ARG H 87 27.45 25.03 -66.74
CA ARG H 87 27.51 26.09 -67.67
C ARG H 87 28.35 27.05 -66.95
N SER H 88 28.69 28.12 -67.63
CA SER H 88 29.60 29.10 -67.22
C SER H 88 29.37 29.47 -65.78
N ASP H 89 28.11 29.71 -65.42
CA ASP H 89 27.76 30.25 -64.15
C ASP H 89 28.25 29.30 -63.09
N ASP H 90 28.48 28.04 -63.48
CA ASP H 90 28.85 26.93 -62.67
C ASP H 90 30.19 26.92 -62.02
N THR H 91 31.23 27.61 -62.52
CA THR H 91 32.48 27.24 -61.90
C THR H 91 33.10 28.20 -60.98
N ALA H 92 33.44 27.62 -59.82
CA ALA H 92 33.85 28.40 -58.70
C ALA H 92 34.24 27.47 -57.61
N VAL H 93 34.64 28.06 -56.46
CA VAL H 93 34.83 27.27 -55.28
C VAL H 93 33.45 27.14 -54.71
N TYR H 94 33.05 25.92 -54.30
CA TYR H 94 31.72 25.68 -53.80
C TYR H 94 31.79 25.57 -52.32
N TYR H 95 30.96 26.35 -51.61
CA TYR H 95 31.01 26.38 -50.19
C TYR H 95 29.66 25.98 -49.68
N CYS H 96 29.67 25.27 -48.54
CA CYS H 96 28.48 25.00 -47.79
C CYS H 96 28.59 25.91 -46.59
N ALA H 97 27.43 26.36 -46.04
CA ALA H 97 27.49 27.26 -44.91
C ALA H 97 26.24 27.10 -44.10
N ARG H 98 26.38 27.10 -42.76
CA ARG H 98 25.24 26.95 -41.89
C ARG H 98 24.66 28.30 -41.59
N GLY H 99 23.32 28.36 -41.39
CA GLY H 99 22.65 29.59 -41.04
C GLY H 99 22.93 29.85 -39.58
N PRO H 100 22.63 31.05 -39.17
CA PRO H 100 22.84 31.42 -37.80
C PRO H 100 21.75 31.04 -36.84
N PHE H 101 22.00 31.33 -35.54
CA PHE H 101 21.10 31.07 -34.44
C PHE H 101 19.92 31.97 -34.63
N PRO H 102 18.78 31.58 -34.12
CA PRO H 102 17.60 32.40 -34.21
C PRO H 102 17.77 33.64 -33.37
N ASN H 103 17.19 34.77 -33.80
CA ASN H 103 17.39 35.99 -33.07
C ASN H 103 16.15 36.37 -32.32
N TYR H 104 16.35 37.16 -31.23
CA TYR H 104 15.32 37.59 -30.34
C TYR H 104 14.31 38.43 -31.05
N TYR H 105 14.75 39.43 -31.83
CA TYR H 105 13.78 40.24 -32.52
C TYR H 105 14.03 40.05 -33.98
N GLY H 106 13.65 38.89 -34.53
CA GLY H 106 13.92 38.67 -35.92
C GLY H 106 12.66 38.22 -36.59
N PRO H 107 12.53 38.73 -37.78
CA PRO H 107 11.46 38.30 -38.63
C PRO H 107 11.94 37.07 -39.32
N GLY H 108 11.09 36.41 -40.13
CA GLY H 108 11.50 35.19 -40.76
C GLY H 108 12.64 35.45 -41.69
N SER H 109 13.60 34.50 -41.70
CA SER H 109 14.77 34.43 -42.53
C SER H 109 15.79 35.46 -42.20
N TYR H 110 15.60 36.18 -41.10
CA TYR H 110 16.52 37.17 -40.67
C TYR H 110 17.81 36.53 -40.32
N TRP H 111 17.84 35.23 -39.98
CA TRP H 111 19.06 34.54 -39.62
C TRP H 111 19.55 33.64 -40.74
N GLY H 112 19.15 33.97 -41.97
CA GLY H 112 19.44 33.34 -43.23
C GLY H 112 20.84 33.59 -43.72
N GLY H 113 21.64 34.40 -43.02
CA GLY H 113 22.98 34.73 -43.43
C GLY H 113 23.86 33.51 -43.29
N LEU H 114 25.13 33.61 -43.73
CA LEU H 114 25.97 32.44 -43.62
C LEU H 114 26.84 32.57 -42.41
N ASP H 115 26.38 31.96 -41.29
CA ASP H 115 27.05 32.03 -40.03
C ASP H 115 28.38 31.31 -40.04
N PHE H 116 28.42 30.03 -40.50
CA PHE H 116 29.66 29.29 -40.47
C PHE H 116 29.88 28.67 -41.83
N TRP H 117 31.12 28.79 -42.35
CA TRP H 117 31.39 28.34 -43.70
C TRP H 117 32.38 27.21 -43.76
N GLY H 118 32.24 26.34 -44.79
CA GLY H 118 33.23 25.32 -45.07
C GLY H 118 34.30 26.01 -45.86
N GLN H 119 35.46 25.35 -46.07
CA GLN H 119 36.59 25.90 -46.78
C GLN H 119 36.27 26.07 -48.23
N GLY H 120 35.40 25.20 -48.77
CA GLY H 120 35.04 25.34 -50.16
C GLY H 120 35.81 24.36 -51.01
N THR H 121 35.20 23.91 -52.14
CA THR H 121 35.78 22.95 -53.05
C THR H 121 35.76 23.51 -54.46
N LEU H 122 36.87 23.38 -55.23
CA LEU H 122 36.98 24.05 -56.52
C LEU H 122 36.52 23.19 -57.68
N VAL H 123 35.66 23.78 -58.57
CA VAL H 123 35.20 23.16 -59.80
C VAL H 123 35.28 24.18 -60.93
N SER H 124 35.99 23.89 -62.08
CA SER H 124 36.11 24.95 -63.08
C SER H 124 35.63 24.59 -64.47
N VAL H 125 34.70 25.41 -65.03
CA VAL H 125 34.03 25.37 -66.32
C VAL H 125 34.11 26.82 -66.82
N SER H 126 33.12 27.36 -67.59
CA SER H 126 33.07 28.74 -68.15
C SER H 126 32.97 30.16 -67.32
N SER H 127 31.76 30.84 -66.85
CA SER H 127 31.46 32.32 -66.26
C SER H 127 29.98 33.01 -65.53
N GLU H 128 29.71 34.40 -64.75
CA GLU H 128 28.51 35.42 -64.03
C GLU H 128 28.54 37.02 -63.16
N ILE H 129 27.43 37.94 -62.54
CA ILE H 129 27.28 39.47 -61.84
C ILE H 129 26.18 40.05 -60.72
N VAL H 130 26.27 41.37 -60.06
CA VAL H 130 25.35 42.11 -59.06
C VAL H 130 25.85 43.41 -58.32
N MET H 131 25.95 43.34 -56.94
CA MET H 131 26.35 44.40 -56.01
C MET H 131 27.70 44.92 -56.45
N THR H 132 28.11 46.11 -55.97
CA THR H 132 29.38 46.66 -56.40
C THR H 132 30.11 47.23 -55.23
N GLN H 133 31.43 47.00 -55.13
CA GLN H 133 32.14 47.49 -53.97
C GLN H 133 33.24 48.42 -54.38
N SER H 134 33.66 49.26 -53.42
CA SER H 134 34.74 50.19 -53.61
C SER H 134 35.27 50.52 -52.24
N PRO H 135 36.55 50.78 -52.11
CA PRO H 135 37.47 50.73 -53.20
C PRO H 135 37.91 49.31 -53.42
N ALA H 136 38.49 49.00 -54.60
CA ALA H 136 38.92 47.67 -54.89
C ALA H 136 39.96 47.29 -53.89
N THR H 137 40.90 48.21 -53.60
CA THR H 137 41.90 47.87 -52.62
C THR H 137 42.07 49.03 -51.68
N LEU H 138 42.38 48.72 -50.41
CA LEU H 138 42.53 49.74 -49.42
C LEU H 138 43.83 49.48 -48.73
N SER H 139 44.84 50.36 -48.93
CA SER H 139 46.12 50.18 -48.30
C SER H 139 46.13 51.03 -47.08
N VAL H 140 46.48 50.42 -45.93
CA VAL H 140 46.43 51.18 -44.72
C VAL H 140 47.46 50.66 -43.77
N SER H 141 47.77 51.46 -42.73
CA SER H 141 48.72 51.05 -41.75
C SER H 141 47.95 50.77 -40.50
N LEU H 142 48.46 49.82 -39.68
CA LEU H 142 47.75 49.43 -38.49
C LEU H 142 47.54 50.65 -37.67
N GLY H 143 46.26 50.91 -37.33
CA GLY H 143 45.89 52.05 -36.52
C GLY H 143 44.91 52.93 -37.25
N GLU H 144 44.95 53.03 -38.59
CA GLU H 144 44.08 53.92 -39.32
C GLU H 144 42.68 53.37 -39.31
N ARG H 145 41.73 54.12 -39.92
CA ARG H 145 40.39 53.59 -39.95
C ARG H 145 40.06 53.19 -41.36
N ALA H 146 39.31 52.08 -41.50
CA ALA H 146 38.97 51.60 -42.81
C ALA H 146 37.50 51.72 -43.04
N THR H 147 37.10 52.20 -44.23
CA THR H 147 35.70 52.32 -44.55
C THR H 147 35.48 51.62 -45.87
N LEU H 148 34.48 50.73 -45.94
CA LEU H 148 34.25 50.00 -47.15
C LEU H 148 32.84 50.30 -47.63
N SER H 149 32.63 50.45 -48.96
CA SER H 149 31.31 50.78 -49.45
C SER H 149 30.78 49.70 -50.37
N CYS H 150 29.43 49.55 -50.41
CA CYS H 150 28.81 48.53 -51.23
C CYS H 150 27.57 49.11 -51.89
N ARG H 151 27.52 49.12 -53.25
CA ARG H 151 26.36 49.64 -53.95
C ARG H 151 25.60 48.52 -54.58
N THR H 152 24.27 48.48 -54.35
CA THR H 152 23.49 47.38 -54.83
C THR H 152 22.65 47.79 -56.00
N SER H 153 22.42 46.85 -56.93
CA SER H 153 21.57 47.06 -58.07
C SER H 153 20.15 46.97 -57.65
N GLN H 154 19.89 46.57 -56.38
CA GLN H 154 18.54 46.44 -55.90
C GLN H 154 18.55 46.91 -54.46
N ASN H 155 17.36 47.18 -53.87
CA ASN H 155 17.24 47.66 -52.51
C ASN H 155 17.18 46.48 -51.56
N VAL H 156 17.34 46.69 -50.23
CA VAL H 156 17.36 45.52 -49.37
C VAL H 156 16.63 45.63 -48.03
N ALA H 157 16.24 44.42 -47.50
CA ALA H 157 15.51 43.86 -46.36
C ALA H 157 16.18 44.22 -45.07
N TYR H 158 17.38 44.82 -45.18
CA TYR H 158 18.19 45.17 -44.05
C TYR H 158 18.86 43.90 -43.71
N ASN H 159 18.72 42.95 -44.66
CA ASN H 159 19.40 41.71 -44.54
C ASN H 159 20.64 41.85 -45.38
N PHE H 160 21.64 42.54 -44.82
CA PHE H 160 22.89 42.82 -45.45
C PHE H 160 23.92 42.33 -44.49
N ALA H 161 24.99 41.68 -44.99
CA ALA H 161 25.97 41.16 -44.08
C ALA H 161 27.34 41.30 -44.70
N TRP H 162 28.39 41.28 -43.85
CA TRP H 162 29.73 41.39 -44.37
C TRP H 162 30.52 40.20 -43.95
N TYR H 163 31.45 39.75 -44.83
CA TYR H 163 32.24 38.59 -44.54
C TYR H 163 33.70 38.92 -44.72
N GLN H 164 34.56 38.23 -43.93
CA GLN H 164 35.99 38.43 -43.98
C GLN H 164 36.60 37.16 -44.51
N GLN H 165 37.58 37.27 -45.43
CA GLN H 165 38.12 36.05 -45.99
C GLN H 165 39.60 36.17 -46.23
N LYS H 166 40.39 35.29 -45.58
CA LYS H 166 41.77 35.16 -45.95
C LYS H 166 41.71 34.07 -46.97
N PRO H 167 42.31 34.23 -48.12
CA PRO H 167 42.14 33.21 -49.12
C PRO H 167 42.71 31.91 -48.70
N GLY H 168 42.01 30.81 -49.07
CA GLY H 168 42.45 29.49 -48.76
C GLY H 168 41.78 29.09 -47.48
N GLN H 169 41.15 30.04 -46.78
CA GLN H 169 40.49 29.72 -45.55
C GLN H 169 39.03 29.91 -45.71
N ALA H 170 38.26 29.41 -44.73
CA ALA H 170 36.84 29.56 -44.79
C ALA H 170 36.53 31.01 -44.55
N PRO H 171 35.49 31.46 -45.17
CA PRO H 171 35.07 32.81 -44.98
C PRO H 171 34.51 32.93 -43.59
N ARG H 172 34.52 34.14 -42.98
CA ARG H 172 34.03 34.31 -41.63
C ARG H 172 33.06 35.47 -41.62
N LEU H 173 32.00 35.39 -40.77
CA LEU H 173 30.97 36.41 -40.73
C LEU H 173 31.30 37.55 -39.78
N LEU H 174 31.39 38.80 -40.30
CA LEU H 174 31.60 40.01 -39.52
C LEU H 174 30.37 40.70 -38.98
N ILE H 175 29.43 41.07 -39.89
CA ILE H 175 28.26 41.81 -39.54
C ILE H 175 27.08 41.28 -40.26
N TYR H 176 25.94 41.36 -39.56
CA TYR H 176 24.73 40.75 -39.98
C TYR H 176 23.67 41.79 -39.75
N GLU H 177 22.60 41.82 -40.57
CA GLU H 177 21.52 42.76 -40.38
C GLU H 177 21.98 44.18 -40.51
N ALA H 178 22.92 44.43 -41.43
CA ALA H 178 23.43 45.73 -41.75
C ALA H 178 24.27 46.24 -40.64
N SER H 179 23.92 45.96 -39.37
CA SER H 179 24.71 46.59 -38.32
C SER H 179 24.90 45.71 -37.11
N SER H 180 24.44 44.45 -37.13
CA SER H 180 24.62 43.65 -35.94
C SER H 180 25.90 42.89 -36.02
N ARG H 181 26.74 43.03 -34.99
CA ARG H 181 28.03 42.41 -34.97
C ARG H 181 27.87 40.95 -34.63
N ALA H 182 28.68 40.09 -35.30
CA ALA H 182 28.68 38.67 -35.09
C ALA H 182 29.34 38.38 -33.78
N THR H 183 29.00 37.23 -33.16
CA THR H 183 29.60 36.94 -31.90
C THR H 183 31.05 36.65 -32.12
N GLY H 184 31.89 37.19 -31.23
CA GLY H 184 33.31 36.97 -31.34
C GLY H 184 33.92 38.07 -32.15
N THR H 185 33.10 39.01 -32.67
CA THR H 185 33.68 40.06 -33.47
C THR H 185 33.88 41.28 -32.62
N PRO H 186 34.99 41.93 -32.81
CA PRO H 186 35.31 43.07 -31.99
C PRO H 186 34.56 44.33 -32.31
N ALA H 187 34.52 45.25 -31.33
CA ALA H 187 33.84 46.51 -31.36
C ALA H 187 34.42 47.35 -32.45
N ARG H 188 35.67 47.04 -32.84
CA ARG H 188 36.33 47.80 -33.86
C ARG H 188 35.43 47.83 -35.07
N PHE H 189 34.76 46.70 -35.39
CA PHE H 189 33.95 46.61 -36.58
C PHE H 189 32.56 47.11 -36.35
N SER H 190 32.02 47.83 -37.36
CA SER H 190 30.67 48.32 -37.31
C SER H 190 30.18 48.45 -38.73
N GLY H 191 28.84 48.42 -38.95
CA GLY H 191 28.30 48.54 -40.28
C GLY H 191 27.06 49.41 -40.24
N SER H 192 26.60 49.88 -41.43
CA SER H 192 25.41 50.70 -41.50
C SER H 192 25.02 50.92 -42.95
N GLY H 193 23.82 51.51 -43.21
CA GLY H 193 23.42 51.82 -44.57
C GLY H 193 21.94 51.58 -44.79
N PHE H 194 21.47 51.82 -46.04
CA PHE H 194 20.10 51.57 -46.44
C PHE H 194 20.03 51.62 -47.95
N GLY H 195 18.93 51.07 -48.55
CA GLY H 195 18.72 51.12 -49.98
C GLY H 195 19.75 50.33 -50.72
N THR H 196 20.39 51.01 -51.69
CA THR H 196 21.43 50.49 -52.52
C THR H 196 22.78 50.55 -51.84
N GLU H 197 23.04 51.53 -50.93
CA GLU H 197 24.40 51.70 -50.45
C GLU H 197 24.57 51.36 -48.99
N PHE H 198 25.64 50.60 -48.66
CA PHE H 198 25.93 50.19 -47.31
C PHE H 198 27.42 50.30 -47.08
N THR H 199 27.86 50.42 -45.81
CA THR H 199 29.27 50.55 -45.52
C THR H 199 29.65 49.78 -44.28
N LEU H 200 30.94 49.38 -44.20
CA LEU H 200 31.52 48.67 -43.08
C LEU H 200 32.65 49.52 -42.61
N THR H 201 32.86 49.61 -41.27
CA THR H 201 33.94 50.40 -40.75
C THR H 201 34.74 49.64 -39.74
N ILE H 202 36.07 49.90 -39.75
CA ILE H 202 36.95 49.36 -38.76
C ILE H 202 37.58 50.58 -38.16
N SER H 203 37.27 50.87 -36.88
CA SER H 203 37.74 52.08 -36.26
C SER H 203 39.24 52.11 -36.23
N SER H 204 39.87 51.09 -35.62
CA SER H 204 41.31 51.06 -35.55
C SER H 204 41.75 49.72 -36.08
N MET H 205 42.69 49.75 -37.04
CA MET H 205 43.12 48.54 -37.69
C MET H 205 44.09 47.77 -36.86
N GLN H 206 44.03 46.43 -36.99
CA GLN H 206 44.91 45.51 -36.33
C GLN H 206 45.48 44.69 -37.45
N SER H 207 46.60 43.98 -37.20
CA SER H 207 47.26 43.23 -38.25
C SER H 207 46.42 42.09 -38.73
N GLU H 208 45.54 41.56 -37.86
CA GLU H 208 44.70 40.42 -38.14
C GLU H 208 43.65 40.75 -39.17
N ASP H 209 43.29 42.03 -39.28
CA ASP H 209 42.24 42.56 -40.11
C ASP H 209 42.52 42.44 -41.57
N PHE H 210 43.79 42.37 -41.99
CA PHE H 210 44.03 42.33 -43.41
C PHE H 210 43.42 41.07 -43.96
N ALA H 211 42.50 41.23 -44.92
CA ALA H 211 41.82 40.13 -45.54
C ALA H 211 40.96 40.76 -46.60
N VAL H 212 40.12 39.95 -47.27
CA VAL H 212 39.23 40.49 -48.25
C VAL H 212 37.90 40.64 -47.57
N TYR H 213 37.12 41.68 -47.95
CA TYR H 213 35.82 41.90 -47.35
C TYR H 213 34.77 41.89 -48.42
N TYR H 214 33.62 41.22 -48.14
CA TYR H 214 32.56 41.11 -49.09
C TYR H 214 31.26 41.49 -48.43
N CYS H 215 30.35 42.10 -49.20
CA CYS H 215 29.04 42.43 -48.69
C CYS H 215 28.09 41.43 -49.28
N GLN H 216 26.92 41.19 -48.64
CA GLN H 216 25.98 40.24 -49.16
C GLN H 216 24.59 40.64 -48.78
N GLN H 217 23.62 40.41 -49.69
CA GLN H 217 22.23 40.66 -49.43
C GLN H 217 21.61 39.30 -49.34
N TYR H 218 20.85 39.04 -48.25
CA TYR H 218 20.26 37.75 -48.02
C TYR H 218 18.80 37.84 -47.69
N ASN H 219 18.03 36.78 -48.00
CA ASN H 219 16.63 36.78 -47.66
C ASN H 219 16.20 35.35 -47.60
N ASN H 220 14.87 35.11 -47.68
CA ASN H 220 14.32 33.79 -47.67
C ASN H 220 14.46 33.09 -48.99
N TRP H 221 14.35 33.87 -50.09
CA TRP H 221 14.11 33.33 -51.39
C TRP H 221 15.34 33.08 -52.21
N PRO H 222 15.09 32.35 -53.29
CA PRO H 222 16.07 31.95 -54.26
C PRO H 222 16.94 33.03 -54.79
N SER H 223 16.33 34.01 -55.47
CA SER H 223 17.06 35.15 -55.95
C SER H 223 17.51 35.98 -54.78
N PRO H 224 16.97 35.85 -53.59
CA PRO H 224 17.48 36.75 -52.62
C PRO H 224 18.90 36.85 -52.18
N PHE H 225 19.80 35.91 -52.44
CA PHE H 225 21.10 36.21 -51.90
C PHE H 225 21.95 36.79 -52.99
N THR H 226 22.72 37.89 -52.72
CA THR H 226 23.64 38.42 -53.69
C THR H 226 24.86 38.98 -52.99
N PHE H 227 26.07 38.91 -53.60
CA PHE H 227 27.31 39.31 -52.94
C PHE H 227 28.07 40.29 -53.80
N GLY H 228 28.94 41.13 -53.17
CA GLY H 228 29.77 42.11 -53.87
C GLY H 228 31.09 41.50 -54.27
N PRO H 229 31.78 42.24 -55.12
CA PRO H 229 33.06 41.83 -55.67
C PRO H 229 34.17 41.71 -54.69
N GLY H 230 34.07 42.41 -53.55
CA GLY H 230 35.09 42.28 -52.55
C GLY H 230 36.03 43.44 -52.59
N THR H 231 36.56 43.79 -51.40
CA THR H 231 37.52 44.84 -51.25
C THR H 231 38.68 44.28 -50.49
N LYS H 232 39.91 44.53 -50.98
CA LYS H 232 41.03 43.95 -50.31
C LYS H 232 41.68 44.97 -49.42
N VAL H 233 41.82 44.62 -48.12
CA VAL H 233 42.48 45.48 -47.19
C VAL H 233 43.87 44.92 -47.05
N HIS H 234 44.86 45.61 -47.64
CA HIS H 234 46.21 45.12 -47.62
C HIS H 234 47.02 46.05 -46.75
N ILE H 235 48.12 45.52 -46.16
CA ILE H 235 48.91 46.31 -45.26
C ILE H 235 49.97 47.04 -46.02
N LYS H 236 50.18 48.32 -45.64
CA LYS H 236 51.18 49.17 -46.21
C LYS H 236 50.68 50.60 -45.96
N GLN I 1 41.20 -33.16 4.14
CA GLN I 1 40.30 -33.85 3.19
C GLN I 1 39.52 -34.87 3.97
N VAL I 2 38.79 -35.77 3.28
CA VAL I 2 38.00 -36.71 4.00
C VAL I 2 38.90 -37.56 4.85
N GLN I 3 38.56 -37.73 6.15
CA GLN I 3 39.41 -38.50 7.03
C GLN I 3 38.58 -39.30 8.01
N LEU I 4 38.98 -40.54 8.32
CA LEU I 4 38.29 -41.36 9.29
C LEU I 4 39.26 -41.79 10.36
N VAL I 5 39.02 -41.43 11.65
CA VAL I 5 39.96 -41.80 12.68
C VAL I 5 39.32 -42.75 13.67
N GLN I 6 40.04 -43.82 14.08
CA GLN I 6 39.50 -44.89 14.91
C GLN I 6 40.11 -44.96 16.30
N SER I 7 39.61 -45.92 17.12
CA SER I 7 40.02 -46.16 18.51
C SER I 7 41.24 -47.06 18.59
N GLY I 8 41.67 -47.43 19.83
CA GLY I 8 42.87 -48.21 20.12
C GLY I 8 42.69 -49.72 20.10
N ALA I 9 43.83 -50.46 20.06
CA ALA I 9 43.93 -51.91 19.92
C ALA I 9 43.72 -52.73 21.18
N GLU I 10 43.43 -54.06 21.01
CA GLU I 10 43.18 -54.97 22.13
C GLU I 10 43.51 -56.43 21.82
N MET I 11 43.73 -57.30 22.86
CA MET I 11 43.99 -58.72 22.64
C MET I 11 42.90 -59.55 23.29
N LYS I 12 42.40 -60.61 22.59
CA LYS I 12 41.26 -61.35 23.08
C LYS I 12 41.36 -62.85 22.84
N MET I 13 40.62 -63.62 23.65
CA MET I 13 40.57 -65.05 23.47
C MET I 13 39.20 -65.29 22.95
N PRO I 14 38.96 -66.36 22.22
CA PRO I 14 37.62 -66.57 21.77
C PRO I 14 36.66 -66.63 22.92
N GLY I 15 35.46 -66.01 22.75
CA GLY I 15 34.44 -65.94 23.77
C GLY I 15 34.27 -64.51 24.28
N ALA I 16 35.29 -63.64 24.10
CA ALA I 16 35.26 -62.28 24.64
C ALA I 16 34.61 -61.29 23.68
N SER I 17 34.44 -59.99 24.05
CA SER I 17 33.81 -59.01 23.16
C SER I 17 34.66 -57.76 23.03
N VAL I 18 34.50 -56.97 21.93
CA VAL I 18 35.27 -55.75 21.72
C VAL I 18 34.45 -54.63 21.07
N LYS I 19 34.69 -53.33 21.44
CA LYS I 19 33.96 -52.22 20.83
C LYS I 19 34.93 -51.22 20.22
N VAL I 20 34.70 -50.77 18.97
CA VAL I 20 35.61 -49.87 18.29
C VAL I 20 34.84 -48.68 17.71
N SER I 21 35.45 -47.47 17.68
CA SER I 21 34.76 -46.29 17.22
C SER I 21 35.44 -45.69 16.01
N CYS I 22 34.71 -44.83 15.24
CA CYS I 22 35.27 -44.28 14.02
C CYS I 22 34.77 -42.87 13.81
N LYS I 23 35.67 -41.85 13.91
CA LYS I 23 35.23 -40.48 13.77
C LYS I 23 35.57 -39.97 12.40
N ALA I 24 34.60 -39.33 11.72
CA ALA I 24 34.81 -38.88 10.36
C ALA I 24 34.90 -37.38 10.30
N SER I 25 35.68 -36.86 9.34
CA SER I 25 35.79 -35.45 9.15
C SER I 25 36.00 -35.17 7.69
N GLY I 26 35.56 -33.98 7.22
CA GLY I 26 35.82 -33.61 5.86
C GLY I 26 34.61 -33.73 5.00
N TYR I 27 33.55 -34.45 5.45
CA TYR I 27 32.39 -34.54 4.60
C TYR I 27 31.18 -34.58 5.49
N THR I 28 29.98 -34.50 4.88
CA THR I 28 28.82 -34.60 5.71
C THR I 28 28.70 -36.05 6.06
N PHE I 29 28.85 -36.34 7.36
CA PHE I 29 28.94 -37.67 7.88
C PHE I 29 27.75 -38.51 7.53
N THR I 30 26.54 -37.96 7.69
CA THR I 30 25.30 -38.68 7.51
C THR I 30 25.07 -39.08 6.09
N GLY I 31 25.71 -38.38 5.13
CA GLY I 31 25.55 -38.59 3.72
C GLY I 31 26.06 -39.93 3.26
N ASN I 32 27.01 -40.55 3.98
CA ASN I 32 27.52 -41.77 3.42
C ASN I 32 27.49 -42.94 4.35
N TYR I 33 27.21 -44.11 3.76
CA TYR I 33 27.17 -45.39 4.40
C TYR I 33 28.57 -45.72 4.82
N ILE I 34 28.71 -46.35 6.00
CA ILE I 34 29.99 -46.71 6.55
C ILE I 34 30.08 -48.21 6.67
N HIS I 35 31.12 -48.80 6.07
CA HIS I 35 31.32 -50.21 6.15
C HIS I 35 32.22 -50.51 7.29
N TRP I 36 32.09 -51.73 7.85
CA TRP I 36 33.02 -52.20 8.83
C TRP I 36 33.65 -53.41 8.25
N VAL I 37 35.00 -53.43 8.26
CA VAL I 37 35.72 -54.46 7.60
C VAL I 37 36.92 -54.76 8.44
N ARG I 38 37.45 -55.98 8.30
CA ARG I 38 38.56 -56.31 9.15
C ARG I 38 39.62 -56.99 8.33
N GLN I 39 40.86 -57.11 8.85
CA GLN I 39 41.89 -57.85 8.15
C GLN I 39 42.79 -58.58 9.10
N ALA I 40 42.61 -59.91 9.20
CA ALA I 40 43.34 -60.77 10.12
C ALA I 40 44.77 -60.93 9.67
N PRO I 41 45.58 -61.28 10.65
CA PRO I 41 46.99 -61.48 10.45
C PRO I 41 47.25 -62.66 9.59
N GLY I 42 48.07 -62.47 8.55
CA GLY I 42 48.35 -63.57 7.71
C GLY I 42 47.07 -63.94 7.06
N GLN I 43 46.14 -62.97 6.93
CA GLN I 43 44.89 -63.30 6.32
C GLN I 43 44.39 -62.12 5.53
N GLY I 44 43.39 -62.32 4.65
CA GLY I 44 42.88 -61.19 3.92
C GLY I 44 41.67 -60.60 4.62
N LEU I 45 41.20 -59.44 4.10
CA LEU I 45 40.15 -58.59 4.62
C LEU I 45 38.82 -59.32 4.74
N GLU I 46 37.91 -58.83 5.61
CA GLU I 46 36.61 -59.43 5.81
C GLU I 46 35.57 -58.42 6.16
N TRP I 47 34.38 -58.55 5.55
CA TRP I 47 33.37 -57.54 5.70
C TRP I 47 32.39 -57.96 6.74
N MET I 48 32.26 -57.12 7.78
CA MET I 48 31.30 -57.28 8.84
C MET I 48 29.91 -56.79 8.54
N GLY I 49 29.78 -55.65 7.84
CA GLY I 49 28.46 -55.09 7.62
C GLY I 49 28.60 -53.61 7.39
N TRP I 50 27.46 -52.91 7.20
CA TRP I 50 27.50 -51.48 7.01
C TRP I 50 26.28 -50.87 7.60
N ILE I 51 26.37 -49.56 7.94
CA ILE I 51 25.25 -48.84 8.49
C ILE I 51 25.12 -47.55 7.75
N ALA I 52 23.86 -47.19 7.41
CA ALA I 52 23.66 -45.92 6.76
C ALA I 52 23.21 -44.98 7.83
N PRO I 53 23.99 -44.01 8.17
CA PRO I 53 23.63 -43.11 9.23
C PRO I 53 22.44 -42.28 8.88
N HIS I 54 22.17 -42.05 7.59
CA HIS I 54 21.07 -41.19 7.29
C HIS I 54 19.78 -41.84 7.70
N SER I 55 19.53 -43.06 7.17
CA SER I 55 18.33 -43.82 7.42
C SER I 55 18.40 -44.63 8.69
N GLY I 56 19.60 -45.10 9.05
CA GLY I 56 19.72 -45.95 10.21
C GLY I 56 19.61 -47.37 9.77
N ASP I 57 19.49 -47.60 8.44
CA ASP I 57 19.39 -48.96 8.03
C ASP I 57 20.74 -49.59 8.05
N THR I 58 20.78 -50.92 8.24
CA THR I 58 22.03 -51.60 8.34
C THR I 58 21.95 -52.89 7.59
N SER I 59 23.13 -53.43 7.22
CA SER I 59 23.20 -54.71 6.58
C SER I 59 24.27 -55.47 7.29
N TYR I 60 23.99 -56.74 7.67
CA TYR I 60 25.01 -57.43 8.41
C TYR I 60 25.39 -58.69 7.70
N ALA I 61 26.67 -59.06 7.76
CA ALA I 61 27.08 -60.32 7.21
C ALA I 61 26.32 -61.33 8.01
N GLN I 62 25.89 -62.42 7.35
CA GLN I 62 25.10 -63.42 7.98
C GLN I 62 25.93 -63.95 9.08
N ARG I 63 27.23 -63.94 8.83
CA ARG I 63 28.13 -64.48 9.79
C ARG I 63 27.98 -63.70 11.08
N PHE I 64 27.99 -62.36 10.97
CA PHE I 64 27.98 -61.35 12.01
C PHE I 64 26.69 -61.04 12.72
N GLN I 65 25.52 -61.18 12.06
CA GLN I 65 24.31 -60.53 12.49
C GLN I 65 23.98 -60.71 13.94
N GLY I 66 24.06 -61.91 14.51
CA GLY I 66 23.60 -62.01 15.88
C GLY I 66 24.47 -61.22 16.83
N ARG I 67 25.79 -61.33 16.66
CA ARG I 67 26.82 -60.81 17.53
C ARG I 67 27.17 -59.34 17.43
N VAL I 68 26.94 -58.68 16.29
CA VAL I 68 27.46 -57.35 16.12
C VAL I 68 26.39 -56.32 16.20
N THR I 69 26.81 -55.11 16.64
CA THR I 69 25.93 -53.99 16.74
C THR I 69 26.64 -52.81 16.15
N MET I 70 25.99 -52.12 15.19
CA MET I 70 26.56 -50.91 14.66
C MET I 70 25.67 -49.79 15.05
N THR I 71 26.29 -48.72 15.56
CA THR I 71 25.55 -47.56 15.97
C THR I 71 26.19 -46.38 15.32
N GLY I 72 25.52 -45.21 15.36
CA GLY I 72 26.08 -44.03 14.76
C GLY I 72 25.57 -42.85 15.51
N ASP I 73 26.50 -42.00 16.00
CA ASP I 73 26.14 -40.83 16.71
C ASP I 73 26.48 -39.67 15.83
N THR I 74 25.50 -39.21 15.03
CA THR I 74 25.69 -38.22 14.02
C THR I 74 26.14 -36.90 14.57
N SER I 75 25.76 -36.56 15.81
CA SER I 75 26.18 -35.30 16.37
C SER I 75 27.67 -35.33 16.45
N LEU I 76 28.21 -36.48 16.88
CA LEU I 76 29.60 -36.80 17.07
C LEU I 76 30.31 -37.05 15.76
N SER I 77 29.56 -37.36 14.68
CA SER I 77 30.21 -37.70 13.45
C SER I 77 30.96 -38.97 13.68
N THR I 78 30.43 -39.83 14.59
CA THR I 78 31.09 -41.06 14.91
C THR I 78 30.23 -42.24 14.63
N ALA I 79 30.89 -43.34 14.25
CA ALA I 79 30.27 -44.60 13.99
C ALA I 79 30.88 -45.57 14.97
N TYR I 80 30.08 -46.54 15.49
CA TYR I 80 30.62 -47.46 16.47
C TYR I 80 30.36 -48.87 16.01
N MET I 81 31.23 -49.81 16.44
CA MET I 81 31.04 -51.20 16.10
C MET I 81 31.41 -52.00 17.31
N GLU I 82 30.54 -52.94 17.72
CA GLU I 82 30.80 -53.75 18.90
C GLU I 82 30.57 -55.19 18.54
N LEU I 83 31.46 -56.09 18.98
CA LEU I 83 31.31 -57.46 18.60
C LEU I 83 31.51 -58.35 19.79
N SER I 84 30.48 -59.16 20.14
CA SER I 84 30.60 -60.03 21.28
C SER I 84 30.99 -61.42 20.84
N ARG I 85 31.31 -62.30 21.83
CA ARG I 85 31.62 -63.69 21.66
C ARG I 85 32.58 -63.91 20.53
N LEU I 86 33.82 -63.43 20.71
CA LEU I 86 34.86 -63.46 19.74
C LEU I 86 35.17 -64.87 19.42
N ARG I 87 35.62 -65.09 18.18
CA ARG I 87 36.02 -66.40 17.78
C ARG I 87 37.05 -66.07 16.80
N SER I 88 37.70 -67.11 16.32
CA SER I 88 38.85 -67.05 15.50
C SER I 88 38.67 -66.01 14.42
N ASP I 89 37.51 -66.04 13.76
CA ASP I 89 37.28 -65.26 12.60
C ASP I 89 37.44 -63.80 12.97
N ASP I 90 37.33 -63.51 14.27
CA ASP I 90 37.33 -62.23 14.88
C ASP I 90 38.60 -61.42 14.86
N THR I 91 39.81 -62.01 14.77
CA THR I 91 40.88 -61.08 15.04
C THR I 91 41.70 -60.64 13.93
N ALA I 92 41.83 -59.30 13.90
CA ALA I 92 42.39 -58.61 12.79
C ALA I 92 42.47 -57.17 13.11
N VAL I 93 42.97 -56.38 12.14
CA VAL I 93 42.89 -54.96 12.25
C VAL I 93 41.50 -54.64 11.77
N TYR I 94 40.76 -53.77 12.49
CA TYR I 94 39.40 -53.47 12.15
C TYR I 94 39.38 -52.13 11.52
N TYR I 95 38.78 -52.02 10.33
CA TYR I 95 38.76 -50.79 9.61
C TYR I 95 37.35 -50.40 9.38
N CYS I 96 37.11 -49.07 9.41
CA CYS I 96 35.87 -48.49 9.00
C CYS I 96 36.17 -47.87 7.66
N ALA I 97 35.18 -47.80 6.75
CA ALA I 97 35.44 -47.23 5.46
C ALA I 97 34.16 -46.68 4.90
N ARG I 98 34.24 -45.49 4.27
CA ARG I 98 33.07 -44.86 3.70
C ARG I 98 32.87 -45.33 2.28
N GLY I 99 31.60 -45.42 1.84
CA GLY I 99 31.29 -45.80 0.49
C GLY I 99 31.57 -44.62 -0.39
N PRO I 100 31.59 -44.88 -1.68
CA PRO I 100 31.85 -43.82 -2.63
C PRO I 100 30.67 -43.00 -3.02
N PHE I 101 30.93 -41.97 -3.85
CA PHE I 101 29.96 -41.06 -4.38
C PHE I 101 29.08 -41.85 -5.31
N PRO I 102 27.86 -41.42 -5.49
CA PRO I 102 26.96 -42.08 -6.40
C PRO I 102 27.44 -41.91 -7.81
N ASN I 103 27.21 -42.91 -8.68
CA ASN I 103 27.72 -42.82 -10.03
C ASN I 103 26.61 -42.56 -10.99
N TYR I 104 26.98 -41.95 -12.14
CA TYR I 104 26.06 -41.55 -13.18
C TYR I 104 25.36 -42.74 -13.76
N TYR I 105 26.09 -43.82 -14.11
CA TYR I 105 25.41 -44.95 -14.67
C TYR I 105 25.66 -46.09 -13.72
N GLY I 106 24.99 -46.08 -12.55
CA GLY I 106 25.24 -47.14 -11.62
C GLY I 106 23.94 -47.72 -11.20
N PRO I 107 24.00 -49.01 -11.06
CA PRO I 107 22.88 -49.74 -10.52
C PRO I 107 23.03 -49.67 -9.03
N GLY I 108 22.06 -50.20 -8.26
CA GLY I 108 22.14 -50.11 -6.83
C GLY I 108 23.35 -50.85 -6.34
N SER I 109 24.00 -50.24 -5.31
CA SER I 109 25.14 -50.72 -4.58
C SER I 109 26.40 -50.76 -5.38
N TYR I 110 26.36 -50.17 -6.58
CA TYR I 110 27.50 -50.10 -7.41
C TYR I 110 28.55 -49.28 -6.77
N TRP I 111 28.20 -48.37 -5.83
CA TRP I 111 29.17 -47.52 -5.17
C TRP I 111 29.43 -47.98 -3.75
N GLY I 112 29.19 -49.28 -3.50
CA GLY I 112 29.33 -50.01 -2.27
C GLY I 112 30.78 -50.32 -1.93
N GLY I 113 31.75 -49.95 -2.78
CA GLY I 113 33.13 -50.24 -2.55
C GLY I 113 33.62 -49.39 -1.41
N LEU I 114 34.89 -49.59 -0.98
CA LEU I 114 35.37 -48.82 0.13
C LEU I 114 36.19 -47.67 -0.39
N ASP I 115 35.54 -46.50 -0.53
CA ASP I 115 36.16 -45.33 -1.08
C ASP I 115 37.23 -44.77 -0.17
N PHE I 116 36.92 -44.55 1.13
CA PHE I 116 37.91 -43.97 2.02
C PHE I 116 38.00 -44.82 3.25
N TRP I 117 39.24 -45.11 3.71
CA TRP I 117 39.42 -46.03 4.81
C TRP I 117 40.07 -45.38 6.01
N GLY I 118 39.73 -45.89 7.22
CA GLY I 118 40.40 -45.48 8.43
C GLY I 118 41.66 -46.31 8.49
N GLN I 119 42.60 -45.97 9.41
CA GLN I 119 43.86 -46.65 9.55
C GLN I 119 43.65 -48.04 10.06
N GLY I 120 42.60 -48.25 10.86
CA GLY I 120 42.34 -49.58 11.36
C GLY I 120 42.85 -49.73 12.78
N THR I 121 42.17 -50.60 13.58
CA THR I 121 42.50 -50.83 14.97
C THR I 121 42.69 -52.32 15.20
N LEU I 122 43.76 -52.73 15.94
CA LEU I 122 44.09 -54.15 16.04
C LEU I 122 43.46 -54.84 17.23
N VAL I 123 42.83 -56.02 17.00
CA VAL I 123 42.26 -56.87 18.03
C VAL I 123 42.68 -58.32 17.76
N SER I 124 43.33 -59.06 18.72
CA SER I 124 43.77 -60.40 18.37
C SER I 124 43.26 -61.52 19.25
N VAL I 125 42.62 -62.55 18.64
CA VAL I 125 42.01 -63.76 19.16
C VAL I 125 42.51 -64.87 18.22
N SER I 126 41.75 -65.96 17.93
CA SER I 126 42.11 -67.10 17.03
C SER I 126 42.38 -67.07 15.40
N SER I 127 41.39 -67.18 14.33
CA SER I 127 41.50 -67.42 12.74
C SER I 127 40.23 -67.38 11.47
N GLU I 128 40.34 -67.39 9.85
CA GLU I 128 39.43 -67.44 8.37
C GLU I 128 39.89 -67.44 6.60
N ILE I 129 39.04 -67.52 5.27
CA ILE I 129 39.30 -67.66 3.62
C ILE I 129 38.36 -67.16 2.32
N VAL I 130 38.78 -67.19 0.91
CA VAL I 130 38.08 -66.84 -0.42
C VAL I 130 38.89 -66.70 -1.76
N MET I 131 38.91 -65.47 -2.36
CA MET I 131 39.57 -65.10 -3.63
C MET I 131 41.01 -65.48 -3.54
N THR I 132 41.73 -65.56 -4.68
CA THR I 132 43.11 -65.97 -4.65
C THR I 132 43.92 -65.09 -5.56
N GLN I 133 45.13 -64.67 -5.11
CA GLN I 133 45.89 -63.78 -5.95
C GLN I 133 47.22 -64.38 -6.27
N SER I 134 47.83 -63.87 -7.36
CA SER I 134 49.14 -64.28 -7.81
C SER I 134 49.67 -63.16 -8.64
N PRO I 135 50.97 -62.95 -8.65
CA PRO I 135 51.88 -63.72 -7.85
C PRO I 135 51.92 -63.17 -6.45
N ALA I 136 52.43 -63.95 -5.48
CA ALA I 136 52.49 -63.50 -4.12
C ALA I 136 53.35 -62.27 -4.07
N THR I 137 54.49 -62.28 -4.78
CA THR I 137 55.31 -61.12 -4.76
C THR I 137 55.75 -60.82 -6.15
N LEU I 138 55.92 -59.52 -6.45
CA LEU I 138 56.32 -59.12 -7.77
C LEU I 138 57.47 -58.17 -7.62
N SER I 139 58.68 -58.59 -8.03
CA SER I 139 59.83 -57.73 -7.90
C SER I 139 60.04 -57.08 -9.22
N VAL I 140 60.15 -55.73 -9.20
CA VAL I 140 60.27 -55.05 -10.46
C VAL I 140 61.08 -53.80 -10.26
N SER I 141 61.56 -53.22 -11.39
CA SER I 141 62.32 -52.01 -11.33
C SER I 141 61.45 -50.93 -11.87
N LEU I 142 61.64 -49.69 -11.38
CA LEU I 142 60.81 -48.60 -11.79
C LEU I 142 60.92 -48.51 -13.28
N GLY I 143 59.74 -48.54 -13.96
CA GLY I 143 59.68 -48.46 -15.39
C GLY I 143 59.01 -49.66 -15.99
N GLU I 144 59.13 -50.86 -15.38
CA GLU I 144 58.57 -52.06 -15.97
C GLU I 144 57.08 -52.04 -15.83
N ARG I 145 56.39 -53.07 -16.36
CA ARG I 145 54.96 -53.08 -16.20
C ARG I 145 54.60 -54.17 -15.24
N ALA I 146 53.56 -53.91 -14.40
CA ALA I 146 53.16 -54.88 -13.43
C ALA I 146 51.79 -55.38 -13.74
N THR I 147 51.59 -56.71 -13.64
CA THR I 147 50.30 -57.29 -13.88
C THR I 147 49.94 -58.13 -12.70
N LEU I 148 48.72 -57.94 -12.15
CA LEU I 148 48.35 -58.69 -10.97
C LEU I 148 47.10 -59.49 -11.30
N SER I 149 47.00 -60.75 -10.81
CA SER I 149 45.84 -61.55 -11.14
C SER I 149 45.06 -61.94 -9.89
N CYS I 150 43.73 -62.13 -10.05
CA CYS I 150 42.88 -62.47 -8.93
C CYS I 150 41.88 -63.52 -9.36
N ARG I 151 41.88 -64.71 -8.70
CA ARG I 151 40.95 -65.76 -9.05
C ARG I 151 39.93 -65.91 -7.96
N THR I 152 38.64 -65.93 -8.34
CA THR I 152 37.60 -65.96 -7.34
C THR I 152 36.95 -67.31 -7.30
N SER I 153 36.50 -67.72 -6.10
CA SER I 153 35.80 -68.95 -5.89
C SER I 153 34.39 -68.78 -6.35
N GLN I 154 33.97 -67.55 -6.71
CA GLN I 154 32.63 -67.29 -7.14
C GLN I 154 32.72 -66.26 -8.24
N ASN I 155 31.63 -66.09 -9.04
CA ASN I 155 31.59 -65.15 -10.14
C ASN I 155 31.16 -63.79 -9.63
N VAL I 156 31.32 -62.70 -10.45
CA VAL I 156 30.99 -61.42 -9.88
C VAL I 156 30.26 -60.43 -10.81
N ALA I 157 29.53 -59.47 -10.14
CA ALA I 157 28.62 -58.34 -10.41
C ALA I 157 29.32 -57.27 -11.20
N TYR I 158 30.64 -57.45 -11.39
CA TYR I 158 31.48 -56.49 -12.06
C TYR I 158 31.75 -55.48 -11.01
N ASN I 159 31.39 -55.88 -9.78
CA ASN I 159 31.69 -55.09 -8.64
C ASN I 159 32.95 -55.67 -8.07
N PHE I 160 34.08 -55.33 -8.71
CA PHE I 160 35.38 -55.81 -8.34
C PHE I 160 36.19 -54.56 -8.18
N ALA I 161 37.06 -54.50 -7.15
CA ALA I 161 37.82 -53.30 -6.94
C ALA I 161 39.19 -53.67 -6.45
N TRP I 162 40.17 -52.75 -6.61
CA TRP I 162 41.50 -53.02 -6.15
C TRP I 162 41.92 -51.95 -5.20
N TYR I 163 42.71 -52.34 -4.17
CA TYR I 163 43.14 -51.41 -3.18
C TYR I 163 44.63 -51.47 -3.03
N GLN I 164 45.24 -50.33 -2.66
CA GLN I 164 46.67 -50.21 -2.47
C GLN I 164 46.92 -49.96 -1.01
N GLN I 165 47.92 -50.65 -0.41
CA GLN I 165 48.14 -50.47 0.99
C GLN I 165 49.60 -50.49 1.35
N LYS I 166 50.07 -49.37 1.94
CA LYS I 166 51.37 -49.39 2.54
C LYS I 166 51.06 -49.77 3.95
N PRO I 167 51.72 -50.75 4.52
CA PRO I 167 51.31 -51.16 5.84
C PRO I 167 51.48 -50.08 6.84
N GLY I 168 50.53 -50.01 7.79
CA GLY I 168 50.56 -49.04 8.84
C GLY I 168 49.76 -47.86 8.40
N GLN I 169 49.39 -47.81 7.10
CA GLN I 169 48.62 -46.70 6.61
C GLN I 169 47.27 -47.19 6.20
N ALA I 170 46.36 -46.24 5.97
CA ALA I 170 45.04 -46.61 5.55
C ALA I 170 45.15 -47.13 4.15
N PRO I 171 44.29 -48.06 3.85
CA PRO I 171 44.25 -48.60 2.52
C PRO I 171 43.69 -47.55 1.62
N ARG I 172 44.03 -47.59 0.30
CA ARG I 172 43.54 -46.59 -0.63
C ARG I 172 42.93 -47.28 -1.82
N LEU I 173 41.87 -46.69 -2.42
CA LEU I 173 41.17 -47.31 -3.52
C LEU I 173 41.77 -46.97 -4.87
N LEU I 174 42.22 -47.99 -5.65
CA LEU I 174 42.73 -47.86 -7.01
C LEU I 174 41.72 -47.92 -8.12
N ILE I 175 40.96 -49.04 -8.19
CA ILE I 175 40.02 -49.29 -9.26
C ILE I 175 38.77 -49.86 -8.70
N TYR I 176 37.67 -49.49 -9.37
CA TYR I 176 36.36 -49.77 -8.92
C TYR I 176 35.63 -50.25 -10.14
N GLU I 177 34.63 -51.15 -10.00
CA GLU I 177 33.85 -51.61 -11.12
C GLU I 177 34.70 -52.31 -12.15
N ALA I 178 35.71 -53.07 -11.69
CA ALA I 178 36.58 -53.88 -12.50
C ALA I 178 37.48 -53.00 -13.30
N SER I 179 37.01 -51.82 -13.78
CA SER I 179 37.90 -51.09 -14.64
C SER I 179 37.80 -49.59 -14.47
N SER I 180 37.00 -49.09 -13.51
CA SER I 180 36.89 -47.66 -13.40
C SER I 180 37.92 -47.15 -12.43
N ARG I 181 38.73 -46.18 -12.88
CA ARG I 181 39.80 -45.65 -12.08
C ARG I 181 39.23 -44.70 -11.06
N ALA I 182 39.78 -44.74 -9.83
CA ALA I 182 39.37 -43.88 -8.74
C ALA I 182 39.88 -42.50 -9.00
N THR I 183 39.21 -41.48 -8.42
CA THR I 183 39.65 -40.14 -8.67
C THR I 183 40.97 -39.96 -8.01
N GLY I 184 41.90 -39.30 -8.70
CA GLY I 184 43.20 -39.03 -8.15
C GLY I 184 44.12 -40.15 -8.53
N THR I 185 43.62 -41.19 -9.24
CA THR I 185 44.50 -42.27 -9.59
C THR I 185 44.99 -42.07 -11.00
N PRO I 186 46.25 -42.35 -11.19
CA PRO I 186 46.84 -42.12 -12.49
C PRO I 186 46.49 -43.12 -13.55
N ALA I 187 46.66 -42.71 -14.82
CA ALA I 187 46.37 -43.45 -16.02
C ALA I 187 47.20 -44.68 -16.04
N ARG I 188 48.33 -44.66 -15.30
CA ARG I 188 49.21 -45.79 -15.28
C ARG I 188 48.41 -47.00 -14.91
N PHE I 189 47.45 -46.86 -13.97
CA PHE I 189 46.71 -48.00 -13.48
C PHE I 189 45.50 -48.28 -14.31
N SER I 190 45.22 -49.58 -14.54
CA SER I 190 44.06 -49.99 -15.28
C SER I 190 43.68 -51.37 -14.79
N GLY I 191 42.39 -51.78 -14.95
CA GLY I 191 41.97 -53.08 -14.50
C GLY I 191 41.02 -53.66 -15.53
N SER I 192 40.76 -55.00 -15.44
CA SER I 192 39.86 -55.65 -16.36
C SER I 192 39.59 -57.07 -15.90
N GLY I 193 38.61 -57.78 -16.54
CA GLY I 193 38.37 -59.17 -16.21
C GLY I 193 36.89 -59.50 -16.23
N PHE I 194 36.56 -60.78 -15.91
CA PHE I 194 35.19 -61.24 -15.81
C PHE I 194 35.18 -62.59 -15.11
N GLY I 195 34.01 -63.04 -14.60
CA GLY I 195 33.87 -64.34 -13.97
C GLY I 195 34.68 -64.43 -12.72
N THR I 196 35.51 -65.47 -12.65
CA THR I 196 36.41 -65.78 -11.57
C THR I 196 37.68 -64.98 -11.65
N GLU I 197 38.17 -64.61 -12.87
CA GLU I 197 39.50 -64.04 -12.96
C GLU I 197 39.52 -62.58 -13.37
N PHE I 198 40.32 -61.76 -12.64
CA PHE I 198 40.43 -60.34 -12.92
C PHE I 198 41.88 -59.94 -12.79
N THR I 199 42.29 -58.82 -13.43
CA THR I 199 43.66 -58.39 -13.36
C THR I 199 43.77 -56.89 -13.24
N LEU I 200 44.88 -56.41 -12.66
CA LEU I 200 45.21 -55.02 -12.49
C LEU I 200 46.51 -54.80 -13.20
N THR I 201 46.68 -53.65 -13.89
CA THR I 201 47.92 -53.38 -14.58
C THR I 201 48.43 -52.02 -14.27
N ILE I 202 49.78 -51.93 -14.17
CA ILE I 202 50.44 -50.67 -14.02
C ILE I 202 51.35 -50.60 -15.20
N SER I 203 51.09 -49.69 -16.15
CA SER I 203 51.86 -49.64 -17.37
C SER I 203 53.30 -49.36 -17.07
N SER I 204 53.60 -48.25 -16.37
CA SER I 204 54.96 -47.92 -16.07
C SER I 204 55.03 -47.69 -14.59
N MET I 205 55.98 -48.37 -13.92
CA MET I 205 56.09 -48.29 -12.49
C MET I 205 56.77 -47.04 -12.04
N GLN I 206 56.34 -46.54 -10.87
CA GLN I 206 56.90 -45.38 -10.23
C GLN I 206 57.27 -45.86 -8.86
N SER I 207 58.14 -45.13 -8.13
CA SER I 207 58.61 -45.56 -6.84
C SER I 207 57.49 -45.58 -5.82
N GLU I 208 56.47 -44.74 -6.01
CA GLU I 208 55.36 -44.60 -5.11
C GLU I 208 54.48 -45.81 -5.10
N ASP I 209 54.49 -46.58 -6.21
CA ASP I 209 53.67 -47.73 -6.47
C ASP I 209 53.97 -48.89 -5.58
N PHE I 210 55.19 -49.00 -5.02
CA PHE I 210 55.45 -50.17 -4.23
C PHE I 210 54.53 -50.15 -3.03
N ALA I 211 53.73 -51.23 -2.90
CA ALA I 211 52.79 -51.37 -1.82
C ALA I 211 52.19 -52.72 -2.02
N VAL I 212 51.19 -53.07 -1.18
CA VAL I 212 50.52 -54.33 -1.35
C VAL I 212 49.26 -54.03 -2.11
N TYR I 213 48.81 -54.98 -2.97
CA TYR I 213 47.61 -54.78 -3.74
C TYR I 213 46.64 -55.89 -3.44
N TYR I 214 45.35 -55.53 -3.27
CA TYR I 214 44.32 -56.48 -2.94
C TYR I 214 43.16 -56.31 -3.87
N CYS I 215 42.49 -57.42 -4.21
CA CYS I 215 41.30 -57.37 -5.02
C CYS I 215 40.13 -57.57 -4.11
N GLN I 216 38.92 -57.11 -4.49
CA GLN I 216 37.78 -57.26 -3.64
C GLN I 216 36.54 -57.37 -4.47
N GLN I 217 35.58 -58.22 -4.05
CA GLN I 217 34.30 -58.34 -4.70
C GLN I 217 33.33 -57.73 -3.75
N TYR I 218 32.48 -56.80 -4.24
CA TYR I 218 31.54 -56.10 -3.40
C TYR I 218 30.15 -56.10 -3.97
N ASN I 219 29.13 -56.00 -3.09
CA ASN I 219 27.77 -55.95 -3.59
C ASN I 219 26.96 -55.30 -2.51
N ASN I 220 25.63 -55.48 -2.57
CA ASN I 220 24.72 -54.94 -1.58
C ASN I 220 24.72 -55.74 -0.32
N TRP I 221 24.87 -57.07 -0.45
CA TRP I 221 24.54 -58.00 0.60
C TRP I 221 25.68 -58.38 1.50
N PRO I 222 25.29 -59.01 2.59
CA PRO I 222 26.15 -59.49 3.63
C PRO I 222 27.31 -60.31 3.19
N SER I 223 27.03 -61.46 2.56
CA SER I 223 28.05 -62.30 2.01
C SER I 223 28.67 -61.59 0.84
N PRO I 224 28.07 -60.59 0.23
CA PRO I 224 28.78 -60.09 -0.89
C PRO I 224 30.15 -59.51 -0.88
N PHE I 225 30.76 -59.13 0.25
CA PHE I 225 32.07 -58.58 0.01
C PHE I 225 33.11 -59.66 0.26
N THR I 226 34.13 -59.81 -0.63
CA THR I 226 35.20 -60.74 -0.38
C THR I 226 36.50 -60.19 -0.94
N PHE I 227 37.67 -60.48 -0.30
CA PHE I 227 38.93 -59.87 -0.68
C PHE I 227 39.97 -60.95 -0.91
N GLY I 228 41.03 -60.65 -1.73
CA GLY I 228 42.11 -61.57 -2.01
C GLY I 228 43.23 -61.41 -1.01
N PRO I 229 44.14 -62.37 -1.05
CA PRO I 229 45.26 -62.44 -0.15
C PRO I 229 46.27 -61.34 -0.30
N GLY I 230 46.31 -60.70 -1.46
CA GLY I 230 47.22 -59.60 -1.63
C GLY I 230 48.44 -60.01 -2.37
N THR I 231 48.99 -59.06 -3.13
CA THR I 231 50.20 -59.26 -3.88
C THR I 231 51.13 -58.14 -3.54
N LYS I 232 52.40 -58.46 -3.22
CA LYS I 232 53.29 -57.42 -2.82
C LYS I 232 54.16 -57.02 -3.97
N VAL I 233 54.15 -55.71 -4.29
CA VAL I 233 55.00 -55.19 -5.33
C VAL I 233 56.17 -54.56 -4.63
N HIS I 234 57.33 -55.24 -4.68
CA HIS I 234 58.48 -54.75 -3.99
C HIS I 234 59.48 -54.29 -5.01
N ILE I 235 60.37 -53.35 -4.63
CA ILE I 235 61.32 -52.80 -5.55
C ILE I 235 62.56 -53.63 -5.55
N LYS I 236 63.11 -53.85 -6.76
CA LYS I 236 64.34 -54.57 -6.98
C LYS I 236 64.25 -55.12 -8.40
#